data_7E4Y
#
_entry.id   7E4Y
#
_cell.length_a   103.991
_cell.length_b   156.034
_cell.length_c   182.357
_cell.angle_alpha   90.000
_cell.angle_beta   90.000
_cell.angle_gamma   90.000
#
_symmetry.space_group_name_H-M   'P 21 21 21'
#
loop_
_entity.id
_entity.type
_entity.pdbx_description
1 polymer 'Tubulin alpha-1B chain'
2 polymer 'Tubulin beta-2B chain'
3 polymer Stathmin-4
4 polymer 'Tubulin tyrosine ligase'
5 non-polymer "GUANOSINE-5'-TRIPHOSPHATE"
6 non-polymer 'MAGNESIUM ION'
7 non-polymer 'CALCIUM ION'
8 non-polymer "GUANOSINE-5'-DIPHOSPHATE"
9 non-polymer '2-(N-MORPHOLINO)-ETHANESULFONIC ACID'
10 non-polymer '(1S,2S,3S,5R,6S,16E,18E,20S,21R)-11-chloro-21-hydroxy-12,20-dimethoxy-2,5,9,16-tetramethyl-8,23-dioxo-4,24-dioxa-9,22-diazatetracyclo[19.3.1.1~10,14~.0~3,5~]hexacosa-10(26),11,13,16,18-pentaen-6-yl (2S)-2-{methyl[3-methyl-3-(methyldisulfanyl)butanoyl]amino}propanoate (non-preferred name)'
11 non-polymer 'PHOSPHOMETHYLPHOSPHONIC ACID ADENYLATE ESTER'
12 water water
#
loop_
_entity_poly.entity_id
_entity_poly.type
_entity_poly.pdbx_seq_one_letter_code
_entity_poly.pdbx_strand_id
1 'polypeptide(L)'
;MRECISIHVGQAGVQIGNACWELYCLEHGIQPDGQMPSDKTIGGGDDSFNTFFSETGAGKHVPRAVFVDLEPTVIDEVRT
GTYRQLFHPEQLITGKEDAANNYARGHYTIGKEIIDLVLDRIRKLADQCTGLQGFLVFHSFGGGTGSGFTSLLMERLSVD
YGKKSKLEFSIYPAPQVSTAVVEPYNSILTTHTTLEHSDCAFMVDNEAIYDICRRNLDIERPTYTNLNRLISQIVSSITA
SLRFDGALNVDLTEFQTNLVPYPRIHFPLATYAPVISAEKAYHEQLSVAEITNACFEPANQMVKCDPRHGKYMACCLLYR
GDVVPKDVNAAIATIKTKRSIQFVDWCPTGFKVGINYQPPTVVPGGDLAKVQRAVCMLSNTTAIAEAWARLDHKFDLMYA
KRAFVHWYVGEGMEEGEFSEAREDMAALEKDYEEVGVDSV
;
A,C
2 'polypeptide(L)'
;MREIVHIQAGQCGNQIGAKFWEVISDEHGIDPTGSYHGDSDLQLERINVYYNEATGNKYVPRAILVDLEPGTMDSVRSGP
FGQIFRPDNFVFGQSGAGNNWAKGHYTEGAELVDSVLDVVRKESESCDCLQGFQLTHSLGGGTGSGMGTLLISKIREEYP
DRIMNTFSVMPSPKVSDTVVEPYNATLSVHQLVENTDETYCIDNEALYDICFRTLKLTTPTYGDLNHLVSATMSGVTTCL
RFPGQLNADLRKLAVNMVPFPRLHFFMPGFAPLTSRGSQQYRALTVPELTQQMFDSKNMMAACDPRHGRYLTVAAIFRGR
MSMKEVDEQMLNVQNKNSSYFVEWIPNNVKTAVCDIPPRGLKMSATFIGNSTAIQELFKRISEQFTAMFRRKAFLHWYTG
EGMDEMEFTEAESNMNDLVSEYQQYQDATAD
;
B,D
3 'polypeptide(L)'
;MEVIELNKCTSGQSFEVILKPPSFDGVPEFNASLPRRRDPSLEEIQKKLEAAEERRKYQEAELLKHLAEKREHEREVIQK
AIEENNNFIKMAKEKLAQKMESNKENREAHLAAMLERLQEKDKHAEEVRKNKELKEEA
;
E
4 'polypeptide(L)'
;MYTFVVRDENSSVYAEVSRLLLATGQWKRLRKDNPRFNLMLGERNRLPFGRLGHEPGLVQLVNYYRGADKLCRKASLVKL
IKTSPELSESCTWFPESYVIYPTNLKTPVAPAQNGIRHLINNTRTDEREVFLAAYNRRREGREGNVWIAKSSAGAKGEGI
LISSEASELLDFIDEQGQVHVIQKYLEKPLLLEPGHRKFDIRSWVLVDHLYNIYLYREGVLRTSSEPYNSANFQDKTCHL
TNHCIQKEYSKNYGRYEEGNEMFFEEFNQYLMDALNTTLENSILLQIKHIIRSCLMCIEPAISTKHLHYQSFQLFGFDFM
VDEELKVWLIEVNGAPACAQKLYAELCQGIVDVAISSVFPLADTGQKTSQPTSIFIKLHH
;
F
#
# COMPACT_ATOMS: atom_id res chain seq x y z
N MET A 1 -71.25 18.87 -4.76
CA MET A 1 -69.89 18.83 -4.17
C MET A 1 -69.10 17.65 -4.71
N ARG A 2 -67.87 17.91 -5.12
CA ARG A 2 -67.00 16.88 -5.69
C ARG A 2 -65.69 16.84 -4.91
N GLU A 3 -65.30 15.65 -4.46
CA GLU A 3 -64.16 15.50 -3.56
C GLU A 3 -62.81 15.56 -4.27
N CYS A 4 -61.80 16.01 -3.54
CA CYS A 4 -60.42 16.06 -4.04
C CYS A 4 -59.49 15.31 -3.08
N ILE A 5 -58.69 14.40 -3.62
CA ILE A 5 -57.74 13.63 -2.83
C ILE A 5 -56.32 14.17 -3.00
N SER A 6 -55.68 14.52 -1.89
CA SER A 6 -54.30 14.99 -1.92
C SER A 6 -53.31 13.84 -1.71
N ILE A 7 -52.25 13.83 -2.51
CA ILE A 7 -51.22 12.80 -2.41
C ILE A 7 -49.85 13.43 -2.20
N HIS A 8 -49.27 13.20 -1.02
CA HIS A 8 -47.98 13.78 -0.67
C HIS A 8 -46.88 12.73 -0.76
N VAL A 9 -45.89 12.98 -1.61
CA VAL A 9 -44.85 12.01 -1.94
C VAL A 9 -43.46 12.49 -1.57
N GLY A 10 -42.72 11.65 -0.83
CA GLY A 10 -41.36 11.98 -0.45
C GLY A 10 -41.29 12.97 0.69
N GLN A 11 -40.07 13.36 1.04
CA GLN A 11 -39.85 14.29 2.15
C GLN A 11 -40.48 15.65 1.89
N ALA A 12 -40.20 16.22 0.71
CA ALA A 12 -40.72 17.53 0.36
C ALA A 12 -42.25 17.54 0.35
N GLY A 13 -42.84 16.57 -0.34
CA GLY A 13 -44.28 16.49 -0.47
C GLY A 13 -44.97 16.34 0.88
N VAL A 14 -44.41 15.51 1.74
CA VAL A 14 -44.98 15.25 3.06
C VAL A 14 -44.88 16.48 3.96
N GLN A 15 -43.70 17.08 4.02
CA GLN A 15 -43.46 18.21 4.91
C GLN A 15 -44.23 19.45 4.44
N ILE A 16 -44.36 19.60 3.13
CA ILE A 16 -45.18 20.67 2.58
C ILE A 16 -46.63 20.36 2.89
N GLY A 17 -47.02 19.11 2.73
CA GLY A 17 -48.38 18.68 3.06
C GLY A 17 -48.73 19.02 4.49
N ASN A 18 -47.78 18.83 5.40
CA ASN A 18 -48.00 19.15 6.80
C ASN A 18 -48.33 20.62 7.01
N ALA A 19 -47.61 21.48 6.29
CA ALA A 19 -47.81 22.91 6.41
C ALA A 19 -49.16 23.32 5.87
N CYS A 20 -49.56 22.70 4.76
CA CYS A 20 -50.81 23.02 4.11
C CYS A 20 -52.01 22.62 4.95
N TRP A 21 -52.01 21.38 5.42
CA TRP A 21 -53.15 20.89 6.18
C TRP A 21 -53.23 21.57 7.54
N GLU A 22 -52.09 21.97 8.08
CA GLU A 22 -52.08 22.79 9.29
C GLU A 22 -52.76 24.12 9.01
N LEU A 23 -52.54 24.64 7.81
CA LEU A 23 -53.09 25.93 7.41
C LEU A 23 -54.58 25.80 7.06
N TYR A 24 -54.93 24.72 6.36
CA TYR A 24 -56.33 24.44 6.05
C TYR A 24 -57.17 24.38 7.32
N CYS A 25 -56.63 23.72 8.34
CA CYS A 25 -57.35 23.56 9.60
C CYS A 25 -57.58 24.89 10.30
N LEU A 26 -56.62 25.79 10.18
CA LEU A 26 -56.76 27.12 10.78
C LEU A 26 -57.78 27.96 10.03
N GLU A 27 -57.80 27.82 8.70
CA GLU A 27 -58.69 28.59 7.85
C GLU A 27 -60.14 28.15 7.99
N HIS A 28 -60.33 26.85 8.21
CA HIS A 28 -61.67 26.28 8.33
C HIS A 28 -62.11 26.17 9.79
N GLY A 29 -61.22 26.51 10.71
CA GLY A 29 -61.54 26.45 12.12
C GLY A 29 -61.60 25.02 12.65
N ILE A 30 -60.80 24.15 12.06
CA ILE A 30 -60.69 22.76 12.51
C ILE A 30 -59.55 22.64 13.52
N GLN A 31 -59.80 21.93 14.61
CA GLN A 31 -58.80 21.75 15.66
C GLN A 31 -57.92 20.54 15.38
N PRO A 32 -56.77 20.44 16.06
CA PRO A 32 -55.95 19.23 15.95
C PRO A 32 -56.73 18.00 16.39
N ASP A 33 -57.69 18.23 17.26
CA ASP A 33 -58.64 17.21 17.69
C ASP A 33 -59.32 16.57 16.48
N GLY A 34 -59.57 17.39 15.46
CA GLY A 34 -60.32 16.96 14.28
C GLY A 34 -61.75 17.45 14.33
N GLN A 35 -62.11 18.11 15.42
CA GLN A 35 -63.46 18.63 15.61
C GLN A 35 -63.59 20.02 14.98
N MET A 36 -64.80 20.33 14.52
CA MET A 36 -65.08 21.59 13.85
C MET A 36 -66.41 22.14 14.33
N PRO A 37 -66.39 22.95 15.41
CA PRO A 37 -67.61 23.46 16.05
C PRO A 37 -68.59 24.12 15.09
N SER A 38 -68.08 24.87 14.12
CA SER A 38 -68.93 25.60 13.18
C SER A 38 -69.76 24.65 12.32
N ASP A 39 -69.23 23.47 12.06
CA ASP A 39 -69.96 22.48 11.26
C ASP A 39 -71.11 21.90 12.08
N LYS A 40 -72.33 22.33 11.77
CA LYS A 40 -73.51 21.89 12.51
C LYS A 40 -74.05 20.57 11.95
N THR A 41 -73.80 20.30 10.68
CA THR A 41 -74.17 19.03 10.07
C THR A 41 -73.19 17.94 10.50
N ILE A 42 -73.62 17.12 11.45
CA ILE A 42 -72.75 16.11 12.05
C ILE A 42 -72.77 14.82 11.23
N GLY A 43 -71.58 14.24 11.02
CA GLY A 43 -71.48 12.93 10.40
C GLY A 43 -71.41 12.97 8.88
N GLY A 44 -71.76 14.12 8.29
CA GLY A 44 -71.72 14.27 6.86
C GLY A 44 -71.98 15.69 6.44
N GLY A 45 -71.66 16.03 5.20
CA GLY A 45 -71.89 17.36 4.69
C GLY A 45 -71.70 17.46 3.19
N ASP A 46 -72.40 18.42 2.59
CA ASP A 46 -72.30 18.69 1.17
C ASP A 46 -71.60 20.02 0.94
N ASP A 47 -70.98 20.54 1.99
CA ASP A 47 -70.38 21.88 1.96
C ASP A 47 -69.10 21.92 1.13
N SER A 48 -68.56 23.12 0.93
CA SER A 48 -67.39 23.32 0.09
C SER A 48 -66.12 22.75 0.72
N PHE A 49 -66.00 22.86 2.03
CA PHE A 49 -64.81 22.39 2.72
C PHE A 49 -64.76 20.86 2.76
N ASN A 50 -65.90 20.23 2.48
CA ASN A 50 -65.94 18.76 2.45
C ASN A 50 -65.20 18.21 1.25
N THR A 51 -64.80 19.09 0.34
CA THR A 51 -63.98 18.71 -0.80
C THR A 51 -62.65 18.14 -0.32
N PHE A 52 -62.16 18.67 0.80
CA PHE A 52 -60.86 18.30 1.35
C PHE A 52 -60.97 17.50 2.64
N PHE A 53 -62.15 17.53 3.27
CA PHE A 53 -62.36 16.82 4.53
C PHE A 53 -63.59 15.90 4.46
N SER A 54 -63.44 14.69 4.97
CA SER A 54 -64.56 13.79 5.17
C SER A 54 -64.96 13.86 6.63
N GLU A 55 -66.13 13.31 6.97
CA GLU A 55 -66.62 13.38 8.35
C GLU A 55 -66.92 12.00 8.92
N THR A 56 -66.64 11.83 10.21
CA THR A 56 -66.95 10.62 10.94
C THR A 56 -68.20 10.83 11.79
N GLY A 57 -68.82 9.74 12.21
CA GLY A 57 -70.02 9.81 13.02
C GLY A 57 -69.82 10.59 14.30
N ALA A 58 -68.59 10.60 14.80
CA ALA A 58 -68.25 11.30 16.03
C ALA A 58 -67.96 12.78 15.78
N GLY A 59 -67.96 13.18 14.52
CA GLY A 59 -67.79 14.57 14.15
C GLY A 59 -66.36 14.98 13.87
N LYS A 60 -65.49 14.00 13.65
CA LYS A 60 -64.11 14.28 13.29
C LYS A 60 -64.00 14.59 11.80
N HIS A 61 -63.20 15.60 11.47
CA HIS A 61 -62.98 15.99 10.08
C HIS A 61 -61.61 15.50 9.61
N VAL A 62 -61.63 14.61 8.62
CA VAL A 62 -60.44 13.87 8.21
C VAL A 62 -59.98 14.25 6.81
N PRO A 63 -58.74 14.77 6.68
CA PRO A 63 -58.18 15.10 5.37
C PRO A 63 -58.25 13.95 4.36
N ARG A 64 -58.83 14.20 3.19
CA ARG A 64 -58.80 13.24 2.10
C ARG A 64 -57.38 13.23 1.54
N ALA A 65 -56.45 12.71 2.32
CA ALA A 65 -55.04 12.78 1.98
C ALA A 65 -54.29 11.48 2.28
N VAL A 66 -53.32 11.16 1.43
CA VAL A 66 -52.44 10.02 1.64
C VAL A 66 -50.98 10.48 1.58
N PHE A 67 -50.24 10.19 2.64
CA PHE A 67 -48.82 10.49 2.69
C PHE A 67 -48.01 9.23 2.38
N VAL A 68 -47.11 9.34 1.42
CA VAL A 68 -46.26 8.20 1.04
C VAL A 68 -44.79 8.61 1.04
N ASP A 69 -43.95 7.72 1.54
CA ASP A 69 -42.51 7.94 1.53
C ASP A 69 -41.82 6.60 1.72
N LEU A 70 -40.73 6.39 0.99
CA LEU A 70 -40.04 5.11 1.03
C LEU A 70 -39.11 5.01 2.25
N GLU A 71 -39.32 5.88 3.23
CA GLU A 71 -38.46 5.94 4.40
C GLU A 71 -39.24 6.61 5.54
N PRO A 72 -39.27 5.98 6.72
CA PRO A 72 -40.30 6.33 7.70
C PRO A 72 -40.04 7.58 8.57
N THR A 73 -38.84 8.14 8.58
CA THR A 73 -38.52 9.22 9.52
C THR A 73 -39.47 10.40 9.44
N VAL A 74 -39.71 10.90 8.24
CA VAL A 74 -40.50 12.11 8.05
C VAL A 74 -41.97 11.89 8.40
N ILE A 75 -42.54 10.80 7.90
CA ILE A 75 -43.94 10.49 8.15
C ILE A 75 -44.15 10.09 9.61
N ASP A 76 -43.11 9.58 10.26
CA ASP A 76 -43.19 9.22 11.67
C ASP A 76 -43.43 10.46 12.52
N GLU A 77 -42.97 11.62 12.06
CA GLU A 77 -43.18 12.87 12.78
C GLU A 77 -44.63 13.32 12.67
N VAL A 78 -45.29 12.94 11.58
CA VAL A 78 -46.72 13.21 11.41
C VAL A 78 -47.53 12.31 12.34
N ARG A 79 -47.08 11.06 12.47
CA ARG A 79 -47.75 10.09 13.33
C ARG A 79 -47.66 10.46 14.80
N THR A 80 -46.66 11.26 15.16
CA THR A 80 -46.41 11.64 16.55
C THR A 80 -46.58 13.14 16.77
N GLY A 81 -46.86 13.88 15.70
CA GLY A 81 -46.92 15.32 15.75
C GLY A 81 -48.22 15.88 16.32
N THR A 82 -48.40 17.18 16.17
CA THR A 82 -49.57 17.88 16.69
C THR A 82 -50.87 17.34 16.07
N TYR A 83 -50.83 17.08 14.77
CA TYR A 83 -52.02 16.64 14.05
C TYR A 83 -52.02 15.13 13.82
N ARG A 84 -51.71 14.38 14.87
CA ARG A 84 -51.68 12.93 14.77
C ARG A 84 -53.10 12.36 14.77
N GLN A 85 -53.99 13.02 15.50
CA GLN A 85 -55.38 12.57 15.62
C GLN A 85 -56.17 12.86 14.36
N LEU A 86 -55.60 13.68 13.48
CA LEU A 86 -56.29 14.14 12.29
C LEU A 86 -56.36 13.03 11.24
N PHE A 87 -55.24 12.36 11.00
CA PHE A 87 -55.19 11.27 10.03
C PHE A 87 -55.35 9.92 10.70
N HIS A 88 -55.84 8.93 9.96
CA HIS A 88 -55.87 7.55 10.45
C HIS A 88 -54.75 6.77 9.75
N PRO A 89 -54.15 5.80 10.47
CA PRO A 89 -52.91 5.13 10.06
C PRO A 89 -52.82 4.71 8.59
N GLU A 90 -53.92 4.23 8.01
CA GLU A 90 -53.89 3.73 6.64
C GLU A 90 -53.56 4.83 5.63
N GLN A 91 -53.68 6.08 6.06
CA GLN A 91 -53.35 7.23 5.20
C GLN A 91 -51.85 7.44 5.11
N LEU A 92 -51.14 7.06 6.17
CA LEU A 92 -49.70 7.26 6.26
C LEU A 92 -48.96 5.97 5.92
N ILE A 93 -48.32 5.96 4.75
CA ILE A 93 -47.64 4.78 4.22
C ILE A 93 -46.12 4.98 4.18
N THR A 94 -45.38 4.03 4.74
CA THR A 94 -43.93 4.13 4.82
C THR A 94 -43.23 2.82 4.49
N GLY A 95 -42.09 2.94 3.80
CA GLY A 95 -41.23 1.79 3.51
C GLY A 95 -40.12 1.69 4.53
N LYS A 96 -39.03 1.01 4.16
CA LYS A 96 -37.89 0.82 5.07
C LYS A 96 -36.68 1.63 4.63
N GLU A 97 -36.30 1.51 3.36
CA GLU A 97 -35.15 2.24 2.83
C GLU A 97 -35.55 3.09 1.61
N ASP A 98 -34.95 4.28 1.51
CA ASP A 98 -35.37 5.26 0.52
C ASP A 98 -34.77 5.02 -0.86
N ALA A 99 -35.03 5.93 -1.79
CA ALA A 99 -34.56 5.81 -3.17
C ALA A 99 -33.18 6.43 -3.36
N ALA A 100 -32.54 6.81 -2.26
CA ALA A 100 -31.16 7.31 -2.28
C ALA A 100 -30.93 8.37 -3.35
N ASN A 101 -31.91 9.28 -3.51
CA ASN A 101 -31.84 10.33 -4.50
C ASN A 101 -31.65 9.80 -5.93
N ASN A 102 -32.25 8.64 -6.19
CA ASN A 102 -32.14 7.97 -7.48
C ASN A 102 -33.51 7.72 -8.09
N TYR A 103 -33.80 8.41 -9.19
CA TYR A 103 -35.09 8.26 -9.87
C TYR A 103 -35.38 6.80 -10.16
N ALA A 104 -34.43 6.10 -10.77
CA ALA A 104 -34.60 4.71 -11.15
C ALA A 104 -34.91 3.83 -9.94
N ARG A 105 -34.28 4.12 -8.81
CA ARG A 105 -34.47 3.32 -7.61
C ARG A 105 -35.88 3.54 -7.04
N GLY A 106 -36.39 4.76 -7.19
CA GLY A 106 -37.71 5.10 -6.70
C GLY A 106 -38.79 4.64 -7.65
N HIS A 107 -38.49 4.66 -8.95
CA HIS A 107 -39.45 4.29 -9.98
C HIS A 107 -39.51 2.78 -10.18
N TYR A 108 -38.36 2.18 -10.50
CA TYR A 108 -38.31 0.78 -10.88
C TYR A 108 -38.14 -0.19 -9.71
N THR A 109 -37.09 0.02 -8.91
CA THR A 109 -36.73 -0.94 -7.87
C THR A 109 -37.71 -0.94 -6.70
N ILE A 110 -37.76 0.16 -5.95
CA ILE A 110 -38.58 0.24 -4.76
C ILE A 110 -40.03 0.56 -5.09
N GLY A 111 -40.25 1.27 -6.18
CA GLY A 111 -41.60 1.63 -6.59
C GLY A 111 -42.43 0.40 -6.85
N LYS A 112 -41.84 -0.58 -7.53
CA LYS A 112 -42.55 -1.78 -7.93
C LYS A 112 -43.11 -2.53 -6.74
N GLU A 113 -42.50 -2.34 -5.57
CA GLU A 113 -42.82 -3.15 -4.41
C GLU A 113 -43.87 -2.51 -3.50
N ILE A 114 -44.23 -1.27 -3.78
CA ILE A 114 -45.17 -0.55 -2.92
C ILE A 114 -46.30 0.11 -3.70
N ILE A 115 -46.20 0.10 -5.04
CA ILE A 115 -47.18 0.78 -5.88
C ILE A 115 -48.58 0.22 -5.71
N ASP A 116 -48.70 -1.09 -5.55
CA ASP A 116 -50.01 -1.73 -5.41
C ASP A 116 -50.63 -1.45 -4.05
N LEU A 117 -49.79 -1.21 -3.06
CA LEU A 117 -50.28 -0.87 -1.72
C LEU A 117 -50.85 0.54 -1.69
N VAL A 118 -50.11 1.49 -2.26
CA VAL A 118 -50.53 2.88 -2.28
C VAL A 118 -51.83 3.05 -3.03
N LEU A 119 -51.92 2.43 -4.21
CA LEU A 119 -53.13 2.50 -5.02
C LEU A 119 -54.34 1.94 -4.28
N ASP A 120 -54.10 0.92 -3.46
CA ASP A 120 -55.18 0.30 -2.69
C ASP A 120 -55.62 1.21 -1.55
N ARG A 121 -54.68 1.97 -0.99
CA ARG A 121 -55.00 2.91 0.08
C ARG A 121 -55.69 4.16 -0.48
N ILE A 122 -55.32 4.52 -1.71
CA ILE A 122 -55.98 5.60 -2.42
C ILE A 122 -57.39 5.16 -2.79
N ARG A 123 -57.49 3.91 -3.25
CA ARG A 123 -58.78 3.34 -3.64
C ARG A 123 -59.79 3.39 -2.50
N LYS A 124 -59.29 3.33 -1.27
CA LYS A 124 -60.17 3.32 -0.10
C LYS A 124 -60.69 4.72 0.23
N LEU A 125 -59.93 5.74 -0.17
CA LEU A 125 -60.41 7.11 -0.04
C LEU A 125 -61.42 7.39 -1.15
N ALA A 126 -61.12 6.91 -2.35
CA ALA A 126 -61.99 7.11 -3.50
C ALA A 126 -63.37 6.47 -3.30
N ASP A 127 -63.42 5.36 -2.56
CA ASP A 127 -64.68 4.66 -2.32
C ASP A 127 -65.59 5.43 -1.37
N GLN A 128 -65.02 6.42 -0.67
CA GLN A 128 -65.80 7.27 0.22
C GLN A 128 -66.23 8.57 -0.45
N CYS A 129 -65.92 8.69 -1.74
CA CYS A 129 -66.27 9.87 -2.52
C CYS A 129 -67.49 9.62 -3.39
N THR A 130 -68.44 10.54 -3.34
CA THR A 130 -69.66 10.45 -4.14
C THR A 130 -69.38 10.89 -5.58
N GLY A 131 -68.45 11.83 -5.73
CA GLY A 131 -68.07 12.32 -7.04
C GLY A 131 -66.64 12.83 -7.05
N LEU A 132 -65.68 11.91 -6.94
CA LEU A 132 -64.27 12.26 -6.96
C LEU A 132 -63.91 12.96 -8.27
N GLN A 133 -63.36 14.17 -8.18
CA GLN A 133 -63.04 14.95 -9.37
C GLN A 133 -61.56 14.88 -9.75
N GLY A 134 -60.70 14.50 -8.82
CA GLY A 134 -59.28 14.35 -9.15
C GLY A 134 -58.32 14.42 -7.98
N PHE A 135 -57.04 14.53 -8.31
CA PHE A 135 -55.96 14.45 -7.32
C PHE A 135 -55.04 15.67 -7.33
N LEU A 136 -54.57 16.05 -6.15
CA LEU A 136 -53.53 17.05 -5.99
C LEU A 136 -52.27 16.38 -5.46
N VAL A 137 -51.24 16.31 -6.30
CA VAL A 137 -50.02 15.57 -5.97
C VAL A 137 -48.85 16.50 -5.63
N PHE A 138 -48.33 16.36 -4.41
CA PHE A 138 -47.21 17.18 -3.94
C PHE A 138 -45.91 16.39 -3.88
N HIS A 139 -44.85 16.91 -4.49
CA HIS A 139 -43.59 16.19 -4.55
C HIS A 139 -42.44 17.09 -4.97
N SER A 140 -41.24 16.55 -4.96
CA SER A 140 -40.05 17.26 -5.42
C SER A 140 -39.54 16.65 -6.71
N PHE A 141 -38.82 17.45 -7.50
CA PHE A 141 -38.15 16.95 -8.68
C PHE A 141 -36.86 16.21 -8.29
N GLY A 142 -36.22 16.65 -7.22
CA GLY A 142 -34.87 16.21 -6.89
C GLY A 142 -34.76 14.87 -6.21
N GLY A 143 -35.69 14.56 -5.33
CA GLY A 143 -35.67 13.31 -4.59
C GLY A 143 -35.87 12.10 -5.47
N GLY A 144 -35.41 10.94 -4.98
CA GLY A 144 -35.61 9.69 -5.69
C GLY A 144 -37.04 9.22 -5.60
N THR A 145 -37.65 9.40 -4.44
CA THR A 145 -39.05 9.06 -4.25
C THR A 145 -39.93 10.11 -4.94
N GLY A 146 -39.70 11.37 -4.60
CA GLY A 146 -40.48 12.47 -5.15
C GLY A 146 -40.52 12.49 -6.66
N SER A 147 -39.43 12.03 -7.29
CA SER A 147 -39.34 12.03 -8.74
C SER A 147 -39.72 10.67 -9.32
N GLY A 148 -39.08 9.62 -8.80
CA GLY A 148 -39.23 8.28 -9.35
C GLY A 148 -40.55 7.62 -9.05
N PHE A 149 -40.98 7.66 -7.79
CA PHE A 149 -42.23 7.00 -7.41
C PHE A 149 -43.45 7.79 -7.86
N THR A 150 -43.32 9.12 -7.89
CA THR A 150 -44.43 9.97 -8.33
C THR A 150 -44.78 9.68 -9.79
N SER A 151 -43.76 9.57 -10.64
CA SER A 151 -44.00 9.34 -12.06
C SER A 151 -44.66 7.99 -12.29
N LEU A 152 -44.36 7.02 -11.44
CA LEU A 152 -44.98 5.71 -11.54
C LEU A 152 -46.43 5.80 -11.08
N LEU A 153 -46.66 6.56 -10.02
CA LEU A 153 -48.00 6.73 -9.48
C LEU A 153 -48.90 7.46 -10.46
N MET A 154 -48.38 8.52 -11.08
CA MET A 154 -49.13 9.30 -12.05
C MET A 154 -49.51 8.45 -13.27
N GLU A 155 -48.66 7.49 -13.62
CA GLU A 155 -48.94 6.59 -14.73
C GLU A 155 -50.10 5.66 -14.41
N ARG A 156 -50.13 5.18 -13.16
CA ARG A 156 -51.15 4.22 -12.74
C ARG A 156 -52.47 4.91 -12.42
N LEU A 157 -52.41 6.16 -11.95
CA LEU A 157 -53.62 6.90 -11.64
C LEU A 157 -54.40 7.20 -12.93
N SER A 158 -53.69 7.38 -14.03
CA SER A 158 -54.31 7.63 -15.32
C SER A 158 -54.99 6.37 -15.85
N VAL A 159 -54.54 5.22 -15.36
CA VAL A 159 -55.14 3.94 -15.72
C VAL A 159 -56.37 3.66 -14.87
N ASP A 160 -56.24 3.88 -13.55
CA ASP A 160 -57.32 3.56 -12.61
C ASP A 160 -58.36 4.67 -12.52
N TYR A 161 -57.97 5.88 -12.88
CA TYR A 161 -58.87 7.03 -12.84
C TYR A 161 -58.70 7.89 -14.09
N GLY A 162 -59.00 7.30 -15.25
CA GLY A 162 -58.78 7.95 -16.53
C GLY A 162 -59.56 9.24 -16.73
N LYS A 163 -60.73 9.33 -16.11
CA LYS A 163 -61.60 10.49 -16.30
C LYS A 163 -61.23 11.65 -15.38
N LYS A 164 -60.47 11.35 -14.33
CA LYS A 164 -60.19 12.33 -13.28
C LYS A 164 -58.98 13.20 -13.59
N SER A 165 -59.03 14.44 -13.13
CA SER A 165 -57.95 15.40 -13.35
C SER A 165 -56.85 15.24 -12.30
N LYS A 166 -55.64 15.64 -12.67
CA LYS A 166 -54.51 15.52 -11.77
C LYS A 166 -53.64 16.78 -11.81
N LEU A 167 -53.52 17.44 -10.66
CA LEU A 167 -52.71 18.64 -10.52
C LEU A 167 -51.44 18.38 -9.71
N GLU A 168 -50.34 19.00 -10.13
CA GLU A 168 -49.06 18.85 -9.45
C GLU A 168 -48.64 20.12 -8.71
N PHE A 169 -48.01 19.92 -7.56
CA PHE A 169 -47.29 20.99 -6.89
C PHE A 169 -45.86 20.50 -6.75
N SER A 170 -45.02 20.90 -7.71
CA SER A 170 -43.66 20.40 -7.80
C SER A 170 -42.63 21.38 -7.24
N ILE A 171 -41.66 20.83 -6.49
CA ILE A 171 -40.56 21.62 -5.97
C ILE A 171 -39.34 21.48 -6.89
N TYR A 172 -38.98 22.58 -7.54
CA TYR A 172 -37.89 22.61 -8.49
C TYR A 172 -36.55 22.79 -7.74
N PRO A 173 -35.51 22.06 -8.16
CA PRO A 173 -34.28 21.96 -7.36
C PRO A 173 -33.43 23.24 -7.34
N ALA A 174 -32.89 23.56 -6.17
CA ALA A 174 -32.05 24.74 -5.99
C ALA A 174 -30.81 24.38 -5.16
N PRO A 175 -29.60 24.68 -5.68
CA PRO A 175 -28.34 24.32 -5.00
C PRO A 175 -28.21 24.78 -3.55
N GLN A 176 -28.89 25.86 -3.19
CA GLN A 176 -28.76 26.44 -1.85
C GLN A 176 -29.37 25.55 -0.77
N VAL A 177 -30.22 24.61 -1.18
CA VAL A 177 -30.84 23.69 -0.23
C VAL A 177 -30.93 22.26 -0.77
N SER A 178 -30.37 22.03 -1.96
CA SER A 178 -30.40 20.70 -2.56
C SER A 178 -29.46 19.78 -1.80
N THR A 179 -29.80 18.49 -1.82
CA THR A 179 -29.04 17.49 -1.09
C THR A 179 -28.43 16.44 -2.03
N ALA A 180 -28.49 16.70 -3.33
CA ALA A 180 -27.97 15.76 -4.31
C ALA A 180 -27.47 16.48 -5.57
N VAL A 181 -26.44 15.89 -6.18
CA VAL A 181 -25.83 16.45 -7.38
C VAL A 181 -26.61 16.03 -8.63
N VAL A 182 -27.36 14.93 -8.51
CA VAL A 182 -28.04 14.33 -9.66
C VAL A 182 -29.51 14.79 -9.77
N GLU A 183 -29.85 15.86 -9.07
CA GLU A 183 -31.23 16.34 -9.08
C GLU A 183 -31.67 16.80 -10.47
N PRO A 184 -30.75 17.33 -11.29
CA PRO A 184 -31.11 17.61 -12.68
C PRO A 184 -31.52 16.37 -13.47
N TYR A 185 -30.86 15.24 -13.24
CA TYR A 185 -31.25 13.98 -13.89
C TYR A 185 -32.68 13.59 -13.50
N ASN A 186 -32.92 13.49 -12.20
CA ASN A 186 -34.22 13.08 -11.70
C ASN A 186 -35.35 13.98 -12.21
N SER A 187 -35.07 15.27 -12.32
CA SER A 187 -36.06 16.25 -12.77
C SER A 187 -36.52 16.00 -14.21
N ILE A 188 -35.56 15.95 -15.13
CA ILE A 188 -35.86 15.70 -16.53
C ILE A 188 -36.55 14.35 -16.68
N LEU A 189 -36.11 13.38 -15.89
CA LEU A 189 -36.66 12.03 -15.98
C LEU A 189 -38.12 11.99 -15.53
N THR A 190 -38.44 12.64 -14.41
CA THR A 190 -39.81 12.60 -13.89
C THR A 190 -40.72 13.51 -14.70
N THR A 191 -40.17 14.59 -15.22
CA THR A 191 -40.95 15.50 -16.04
C THR A 191 -41.37 14.80 -17.32
N HIS A 192 -40.45 14.05 -17.92
CA HIS A 192 -40.70 13.35 -19.16
C HIS A 192 -41.78 12.28 -19.03
N THR A 193 -41.75 11.57 -17.91
CA THR A 193 -42.67 10.46 -17.70
C THR A 193 -44.03 10.94 -17.21
N THR A 194 -44.05 12.09 -16.54
CA THR A 194 -45.26 12.60 -15.90
C THR A 194 -46.05 13.54 -16.81
N LEU A 195 -45.37 14.12 -17.80
CA LEU A 195 -45.92 15.20 -18.63
C LEU A 195 -47.33 14.92 -19.16
N GLU A 196 -47.52 13.75 -19.78
CA GLU A 196 -48.79 13.42 -20.40
C GLU A 196 -49.88 13.07 -19.39
N HIS A 197 -49.49 12.90 -18.13
CA HIS A 197 -50.42 12.45 -17.09
C HIS A 197 -50.86 13.59 -16.17
N SER A 198 -50.19 14.73 -16.28
CA SER A 198 -50.52 15.89 -15.47
C SER A 198 -51.30 16.92 -16.31
N ASP A 199 -52.37 17.46 -15.73
CA ASP A 199 -53.21 18.42 -16.43
C ASP A 199 -52.78 19.85 -16.15
N CYS A 200 -52.25 20.09 -14.95
CA CYS A 200 -51.78 21.42 -14.56
C CYS A 200 -50.81 21.34 -13.39
N ALA A 201 -49.57 21.77 -13.61
CA ALA A 201 -48.51 21.62 -12.63
C ALA A 201 -47.95 22.98 -12.21
N PHE A 202 -48.02 23.26 -10.91
CA PHE A 202 -47.48 24.50 -10.37
C PHE A 202 -46.07 24.27 -9.82
N MET A 203 -45.06 24.74 -10.54
CA MET A 203 -43.67 24.61 -10.10
C MET A 203 -43.33 25.65 -9.05
N VAL A 204 -42.53 25.24 -8.07
CA VAL A 204 -42.01 26.15 -7.07
C VAL A 204 -40.51 25.97 -6.97
N ASP A 205 -39.77 26.96 -7.45
CA ASP A 205 -38.31 26.94 -7.36
C ASP A 205 -37.86 27.30 -5.95
N ASN A 206 -37.16 26.38 -5.29
CA ASN A 206 -36.67 26.62 -3.93
C ASN A 206 -35.80 27.86 -3.87
N GLU A 207 -35.15 28.18 -4.98
CA GLU A 207 -34.30 29.35 -5.05
C GLU A 207 -35.10 30.63 -4.82
N ALA A 208 -36.26 30.71 -5.45
CA ALA A 208 -37.10 31.89 -5.38
C ALA A 208 -37.61 32.13 -3.96
N ILE A 209 -38.27 31.13 -3.38
CA ILE A 209 -38.81 31.26 -2.04
C ILE A 209 -37.71 31.38 -1.00
N TYR A 210 -36.52 30.88 -1.32
CA TYR A 210 -35.38 31.02 -0.43
C TYR A 210 -34.99 32.50 -0.34
N ASP A 211 -34.91 33.16 -1.49
CA ASP A 211 -34.52 34.56 -1.53
C ASP A 211 -35.63 35.46 -1.00
N ILE A 212 -36.88 35.05 -1.20
CA ILE A 212 -38.01 35.81 -0.68
C ILE A 212 -37.93 35.80 0.85
N CYS A 213 -37.51 34.67 1.42
CA CYS A 213 -37.41 34.55 2.87
C CYS A 213 -36.27 35.42 3.41
N ARG A 214 -35.20 35.54 2.65
CA ARG A 214 -34.07 36.38 3.06
C ARG A 214 -34.41 37.85 2.92
N ARG A 215 -35.05 38.19 1.80
CA ARG A 215 -35.28 39.57 1.44
C ARG A 215 -36.42 40.20 2.25
N ASN A 216 -37.53 39.49 2.37
CA ASN A 216 -38.77 40.07 2.90
C ASN A 216 -39.10 39.64 4.32
N LEU A 217 -38.68 38.43 4.69
CA LEU A 217 -38.92 37.93 6.05
C LEU A 217 -37.68 38.13 6.94
N ASP A 218 -36.61 38.65 6.34
CA ASP A 218 -35.38 38.95 7.07
C ASP A 218 -34.83 37.72 7.79
N ILE A 219 -34.87 36.57 7.11
CA ILE A 219 -34.35 35.33 7.66
C ILE A 219 -32.95 35.06 7.09
N GLU A 220 -31.96 34.96 7.96
CA GLU A 220 -30.57 34.84 7.54
C GLU A 220 -30.28 33.58 6.75
N ARG A 221 -30.77 32.44 7.23
CA ARG A 221 -30.59 31.17 6.55
C ARG A 221 -31.85 30.33 6.68
N PRO A 222 -32.79 30.49 5.73
CA PRO A 222 -34.09 29.79 5.78
C PRO A 222 -33.98 28.28 5.93
N THR A 223 -34.83 27.72 6.78
CA THR A 223 -34.97 26.28 6.93
C THR A 223 -36.16 25.82 6.11
N TYR A 224 -36.35 24.51 6.00
CA TYR A 224 -37.50 23.98 5.28
C TYR A 224 -38.79 24.44 5.94
N THR A 225 -38.74 24.67 7.25
CA THR A 225 -39.90 25.15 7.98
C THR A 225 -40.32 26.53 7.47
N ASN A 226 -39.33 27.39 7.27
CA ASN A 226 -39.58 28.72 6.73
C ASN A 226 -40.14 28.64 5.31
N LEU A 227 -39.52 27.78 4.49
CA LEU A 227 -39.92 27.65 3.10
C LEU A 227 -41.33 27.11 2.98
N ASN A 228 -41.63 26.08 3.76
CA ASN A 228 -42.92 25.39 3.65
C ASN A 228 -44.09 26.25 4.15
N ARG A 229 -43.84 27.08 5.15
CA ARG A 229 -44.86 27.97 5.66
C ARG A 229 -45.28 28.97 4.59
N LEU A 230 -44.31 29.43 3.81
CA LEU A 230 -44.59 30.36 2.73
C LEU A 230 -45.25 29.65 1.55
N ILE A 231 -44.75 28.46 1.21
CA ILE A 231 -45.33 27.67 0.13
C ILE A 231 -46.79 27.37 0.40
N SER A 232 -47.10 27.03 1.65
CA SER A 232 -48.45 26.64 2.02
C SER A 232 -49.43 27.79 1.80
N GLN A 233 -48.97 29.02 1.97
CA GLN A 233 -49.79 30.18 1.70
C GLN A 233 -50.13 30.27 0.21
N ILE A 234 -49.17 29.93 -0.62
CA ILE A 234 -49.38 29.93 -2.07
C ILE A 234 -50.34 28.83 -2.47
N VAL A 235 -50.12 27.64 -1.92
CA VAL A 235 -50.98 26.50 -2.20
C VAL A 235 -52.39 26.79 -1.69
N SER A 236 -52.48 27.43 -0.53
CA SER A 236 -53.77 27.75 0.06
C SER A 236 -54.55 28.71 -0.83
N SER A 237 -53.85 29.69 -1.38
CA SER A 237 -54.47 30.65 -2.29
C SER A 237 -54.99 29.97 -3.54
N ILE A 238 -54.23 28.98 -4.02
CA ILE A 238 -54.58 28.28 -5.24
C ILE A 238 -55.74 27.31 -5.02
N THR A 239 -55.81 26.72 -3.83
CA THR A 239 -56.83 25.70 -3.54
C THR A 239 -58.03 26.28 -2.79
N ALA A 240 -57.99 27.56 -2.47
CA ALA A 240 -59.06 28.20 -1.69
C ALA A 240 -60.39 28.09 -2.40
N SER A 241 -60.39 28.22 -3.72
CA SER A 241 -61.61 28.22 -4.50
C SER A 241 -62.30 26.85 -4.47
N LEU A 242 -61.55 25.81 -4.13
CA LEU A 242 -62.11 24.46 -4.05
C LEU A 242 -62.69 24.22 -2.66
N ARG A 243 -62.32 25.07 -1.70
CA ARG A 243 -62.67 24.86 -0.30
C ARG A 243 -63.64 25.92 0.23
N PHE A 244 -63.89 26.95 -0.59
CA PHE A 244 -64.79 28.03 -0.20
C PHE A 244 -65.82 28.31 -1.30
N ASP A 245 -66.89 29.01 -0.91
CA ASP A 245 -67.92 29.39 -1.87
C ASP A 245 -67.36 30.43 -2.84
N GLY A 246 -67.55 30.17 -4.13
CA GLY A 246 -67.07 31.07 -5.16
C GLY A 246 -67.62 30.67 -6.52
N ALA A 247 -67.11 31.29 -7.58
CA ALA A 247 -67.56 30.97 -8.94
C ALA A 247 -66.39 30.91 -9.92
N LEU A 248 -65.17 30.97 -9.39
CA LEU A 248 -63.96 30.89 -10.20
C LEU A 248 -63.08 29.74 -9.71
N ASN A 249 -62.71 28.85 -10.62
CA ASN A 249 -61.88 27.69 -10.30
C ASN A 249 -62.49 26.86 -9.17
N VAL A 250 -63.73 26.40 -9.37
CA VAL A 250 -64.45 25.67 -8.34
C VAL A 250 -64.27 24.16 -8.46
N ASP A 251 -63.67 23.72 -9.57
CA ASP A 251 -63.30 22.33 -9.75
C ASP A 251 -61.95 22.25 -10.48
N LEU A 252 -61.32 21.08 -10.41
CA LEU A 252 -60.01 20.88 -11.01
C LEU A 252 -60.03 21.04 -12.52
N THR A 253 -61.19 20.78 -13.12
CA THR A 253 -61.34 20.88 -14.56
C THR A 253 -61.17 22.33 -15.00
N GLU A 254 -61.60 23.25 -14.16
CA GLU A 254 -61.60 24.67 -14.51
C GLU A 254 -60.19 25.25 -14.52
N PHE A 255 -59.28 24.62 -13.77
CA PHE A 255 -57.88 25.04 -13.77
C PHE A 255 -57.27 24.86 -15.16
N GLN A 256 -57.55 23.73 -15.78
CA GLN A 256 -57.07 23.46 -17.13
C GLN A 256 -57.78 24.37 -18.13
N THR A 257 -59.08 24.52 -17.96
CA THR A 257 -59.90 25.36 -18.85
C THR A 257 -59.42 26.81 -18.85
N ASN A 258 -59.03 27.31 -17.68
CA ASN A 258 -58.68 28.71 -17.51
C ASN A 258 -57.21 29.03 -17.74
N LEU A 259 -56.33 28.07 -17.48
CA LEU A 259 -54.89 28.33 -17.47
C LEU A 259 -54.09 27.56 -18.52
N VAL A 260 -54.70 26.55 -19.12
CA VAL A 260 -53.97 25.64 -20.02
C VAL A 260 -54.69 25.43 -21.34
N PRO A 261 -54.45 26.31 -22.31
CA PRO A 261 -54.93 26.09 -23.68
C PRO A 261 -54.25 24.89 -24.34
N TYR A 262 -52.92 24.85 -24.24
CA TYR A 262 -52.14 23.75 -24.79
C TYR A 262 -51.72 22.76 -23.69
N PRO A 263 -52.06 21.47 -23.85
CA PRO A 263 -51.81 20.48 -22.79
C PRO A 263 -50.36 20.40 -22.28
N ARG A 264 -49.39 20.34 -23.19
CA ARG A 264 -47.99 20.22 -22.79
C ARG A 264 -47.51 21.49 -22.06
N ILE A 265 -48.05 22.63 -22.46
CA ILE A 265 -47.74 23.89 -21.81
C ILE A 265 -48.68 24.11 -20.62
N HIS A 266 -48.51 23.30 -19.58
CA HIS A 266 -49.40 23.34 -18.42
C HIS A 266 -48.67 23.69 -17.12
N PHE A 267 -47.72 24.64 -17.21
CA PHE A 267 -46.97 25.08 -16.03
C PHE A 267 -47.19 26.57 -15.76
N PRO A 268 -48.28 26.91 -15.07
CA PRO A 268 -48.55 28.32 -14.76
C PRO A 268 -47.57 28.92 -13.74
N LEU A 269 -47.12 30.14 -14.00
CA LEU A 269 -46.24 30.84 -13.09
C LEU A 269 -47.04 31.51 -11.97
N ALA A 270 -46.71 31.20 -10.73
CA ALA A 270 -47.40 31.76 -9.59
C ALA A 270 -46.61 32.94 -9.03
N THR A 271 -47.32 34.00 -8.67
CA THR A 271 -46.71 35.19 -8.06
C THR A 271 -47.56 35.63 -6.88
N TYR A 272 -46.91 35.97 -5.77
CA TYR A 272 -47.63 36.22 -4.52
C TYR A 272 -47.16 37.49 -3.82
N ALA A 273 -48.11 38.23 -3.26
CA ALA A 273 -47.80 39.42 -2.48
C ALA A 273 -48.99 39.82 -1.61
N PRO A 274 -48.73 40.49 -0.48
CA PRO A 274 -47.43 40.87 0.06
C PRO A 274 -46.85 39.86 1.04
N VAL A 275 -45.53 39.75 1.08
CA VAL A 275 -44.85 38.90 2.05
C VAL A 275 -44.18 39.80 3.08
N ILE A 276 -44.78 39.89 4.26
CA ILE A 276 -44.31 40.81 5.29
C ILE A 276 -43.86 40.07 6.54
N SER A 277 -42.72 40.49 7.08
CA SER A 277 -42.17 39.88 8.28
C SER A 277 -43.02 40.19 9.51
N ALA A 278 -43.27 39.17 10.33
CA ALA A 278 -44.04 39.36 11.55
C ALA A 278 -43.25 40.13 12.59
N GLU A 279 -41.97 40.33 12.33
CA GLU A 279 -41.08 41.01 13.27
C GLU A 279 -41.00 42.51 13.01
N LYS A 280 -41.52 42.95 11.86
CA LYS A 280 -41.56 44.37 11.57
C LYS A 280 -42.57 45.07 12.47
N ALA A 281 -42.08 45.92 13.35
CA ALA A 281 -42.93 46.64 14.30
C ALA A 281 -43.94 47.51 13.56
N TYR A 282 -43.43 48.46 12.79
CA TYR A 282 -44.28 49.36 12.01
C TYR A 282 -44.36 48.91 10.55
N HIS A 283 -45.59 48.72 10.08
CA HIS A 283 -45.83 48.34 8.69
C HIS A 283 -47.04 49.05 8.12
N GLU A 284 -46.84 49.68 6.96
CA GLU A 284 -47.93 50.34 6.24
C GLU A 284 -48.62 49.33 5.33
N GLN A 285 -49.88 49.05 5.61
CA GLN A 285 -50.63 48.09 4.82
C GLN A 285 -50.72 48.55 3.36
N LEU A 286 -50.45 47.62 2.45
CA LEU A 286 -50.40 47.93 1.03
C LEU A 286 -51.78 47.87 0.41
N SER A 287 -52.00 48.74 -0.58
CA SER A 287 -53.30 48.85 -1.24
C SER A 287 -53.48 47.76 -2.28
N VAL A 288 -54.65 47.73 -2.91
CA VAL A 288 -54.92 46.82 -4.01
C VAL A 288 -53.95 47.09 -5.14
N ALA A 289 -53.70 48.38 -5.39
CA ALA A 289 -52.85 48.78 -6.50
C ALA A 289 -51.40 48.37 -6.26
N GLU A 290 -51.01 48.32 -4.99
CA GLU A 290 -49.62 48.04 -4.63
C GLU A 290 -49.31 46.55 -4.66
N ILE A 291 -50.26 45.72 -4.23
CA ILE A 291 -50.05 44.28 -4.23
C ILE A 291 -50.26 43.70 -5.63
N THR A 292 -51.15 44.30 -6.40
CA THR A 292 -51.41 43.87 -7.76
C THR A 292 -50.21 44.18 -8.64
N ASN A 293 -49.60 45.34 -8.41
CA ASN A 293 -48.43 45.76 -9.17
C ASN A 293 -47.25 44.86 -8.84
N ALA A 294 -47.25 44.33 -7.62
CA ALA A 294 -46.17 43.48 -7.15
C ALA A 294 -46.18 42.13 -7.87
N CYS A 295 -47.33 41.75 -8.41
CA CYS A 295 -47.47 40.47 -9.11
C CYS A 295 -46.74 40.43 -10.44
N PHE A 296 -46.14 41.54 -10.83
CA PHE A 296 -45.40 41.62 -12.08
C PHE A 296 -43.92 41.90 -11.82
N GLU A 297 -43.52 41.74 -10.56
CA GLU A 297 -42.11 41.84 -10.18
C GLU A 297 -41.53 40.44 -10.05
N PRO A 298 -40.46 40.12 -10.81
CA PRO A 298 -39.83 38.80 -10.71
C PRO A 298 -39.41 38.41 -9.30
N ALA A 299 -39.13 39.39 -8.45
CA ALA A 299 -38.70 39.13 -7.09
C ALA A 299 -39.78 38.48 -6.22
N ASN A 300 -41.00 38.45 -6.74
CA ASN A 300 -42.14 37.90 -5.99
C ASN A 300 -42.69 36.62 -6.62
N GLN A 301 -42.03 36.15 -7.68
CA GLN A 301 -42.49 34.97 -8.39
C GLN A 301 -41.99 33.68 -7.75
N MET A 302 -42.75 32.61 -7.93
CA MET A 302 -42.34 31.30 -7.42
C MET A 302 -41.21 30.73 -8.26
N VAL A 303 -41.01 31.31 -9.44
CA VAL A 303 -39.89 30.94 -10.30
C VAL A 303 -39.31 32.22 -10.89
N LYS A 304 -38.01 32.41 -10.74
CA LYS A 304 -37.37 33.63 -11.21
C LYS A 304 -37.16 33.61 -12.72
N CYS A 305 -38.01 34.36 -13.43
CA CYS A 305 -37.90 34.52 -14.87
C CYS A 305 -38.37 35.91 -15.25
N ASP A 306 -38.49 36.17 -16.55
CA ASP A 306 -38.86 37.50 -17.03
C ASP A 306 -40.02 37.43 -18.02
N PRO A 307 -41.26 37.58 -17.52
CA PRO A 307 -42.44 37.53 -18.39
C PRO A 307 -42.47 38.62 -19.45
N ARG A 308 -41.67 39.67 -19.28
CA ARG A 308 -41.59 40.75 -20.26
C ARG A 308 -41.10 40.25 -21.61
N HIS A 309 -40.31 39.18 -21.58
CA HIS A 309 -39.72 38.62 -22.78
C HIS A 309 -40.34 37.27 -23.13
N GLY A 310 -41.64 37.18 -22.88
CA GLY A 310 -42.44 36.04 -23.29
C GLY A 310 -43.84 36.52 -23.58
N LYS A 311 -44.79 35.60 -23.69
CA LYS A 311 -46.17 35.97 -23.93
C LYS A 311 -47.10 35.22 -23.00
N TYR A 312 -48.23 35.83 -22.68
CA TYR A 312 -49.22 35.25 -21.81
C TYR A 312 -50.26 34.46 -22.59
N MET A 313 -50.75 33.39 -21.99
CA MET A 313 -51.85 32.60 -22.56
C MET A 313 -53.08 32.72 -21.69
N ALA A 314 -52.87 33.07 -20.42
CA ALA A 314 -53.96 33.26 -19.48
C ALA A 314 -53.45 33.91 -18.20
N CYS A 315 -54.33 34.56 -17.46
CA CYS A 315 -53.97 35.19 -16.20
C CYS A 315 -55.14 35.15 -15.22
N CYS A 316 -54.87 34.68 -14.00
CA CYS A 316 -55.86 34.64 -12.94
C CYS A 316 -55.35 35.38 -11.71
N LEU A 317 -56.16 36.29 -11.19
CA LEU A 317 -55.81 37.03 -9.99
C LEU A 317 -56.69 36.58 -8.82
N LEU A 318 -56.06 35.96 -7.83
CA LEU A 318 -56.79 35.44 -6.67
C LEU A 318 -56.50 36.32 -5.46
N TYR A 319 -57.49 37.11 -5.06
CA TYR A 319 -57.35 38.02 -3.92
C TYR A 319 -57.91 37.43 -2.64
N ARG A 320 -57.31 37.82 -1.52
CA ARG A 320 -57.78 37.40 -0.20
C ARG A 320 -57.72 38.58 0.75
N GLY A 321 -58.88 39.05 1.21
CA GLY A 321 -58.94 40.17 2.13
C GLY A 321 -59.84 41.30 1.62
N ASP A 322 -59.54 42.51 2.10
CA ASP A 322 -60.36 43.67 1.77
C ASP A 322 -60.11 44.12 0.33
N VAL A 323 -60.91 43.59 -0.58
CA VAL A 323 -60.78 43.90 -2.00
C VAL A 323 -62.17 43.94 -2.64
N VAL A 324 -62.36 44.90 -3.54
CA VAL A 324 -63.58 44.97 -4.35
C VAL A 324 -63.19 45.14 -5.81
N PRO A 325 -64.05 44.68 -6.73
CA PRO A 325 -63.75 44.72 -8.16
C PRO A 325 -63.28 46.08 -8.66
N LYS A 326 -63.93 47.15 -8.21
CA LYS A 326 -63.64 48.49 -8.70
C LYS A 326 -62.17 48.88 -8.51
N ASP A 327 -61.59 48.45 -7.39
CA ASP A 327 -60.20 48.76 -7.08
C ASP A 327 -59.24 47.88 -7.90
N VAL A 328 -59.68 46.68 -8.23
CA VAL A 328 -58.88 45.78 -9.05
C VAL A 328 -58.77 46.34 -10.46
N ASN A 329 -59.90 46.66 -11.07
CA ASN A 329 -59.92 47.19 -12.43
C ASN A 329 -59.12 48.47 -12.53
N ALA A 330 -59.23 49.32 -11.52
CA ALA A 330 -58.46 50.56 -11.47
C ALA A 330 -56.97 50.28 -11.42
N ALA A 331 -56.59 49.20 -10.75
CA ALA A 331 -55.18 48.83 -10.64
C ALA A 331 -54.68 48.20 -11.93
N ILE A 332 -55.50 47.34 -12.53
CA ILE A 332 -55.16 46.71 -13.80
C ILE A 332 -54.99 47.78 -14.89
N ALA A 333 -55.90 48.74 -14.92
CA ALA A 333 -55.88 49.80 -15.92
C ALA A 333 -54.57 50.58 -15.87
N THR A 334 -54.15 50.95 -14.66
CA THR A 334 -52.90 51.66 -14.46
C THR A 334 -51.69 50.81 -14.87
N ILE A 335 -51.71 49.55 -14.47
CA ILE A 335 -50.60 48.64 -14.70
C ILE A 335 -50.39 48.39 -16.20
N LYS A 336 -51.48 48.26 -16.94
CA LYS A 336 -51.39 47.92 -18.36
C LYS A 336 -50.66 49.00 -19.15
N THR A 337 -50.76 50.24 -18.69
CA THR A 337 -50.12 51.36 -19.36
C THR A 337 -48.63 51.44 -19.03
N LYS A 338 -48.26 50.94 -17.84
CA LYS A 338 -46.90 51.07 -17.35
C LYS A 338 -46.02 49.86 -17.65
N ARG A 339 -46.62 48.68 -17.70
CA ARG A 339 -45.85 47.44 -17.83
C ARG A 339 -45.97 46.80 -19.20
N SER A 340 -45.03 45.89 -19.48
CA SER A 340 -45.03 45.11 -20.72
C SER A 340 -45.79 43.82 -20.53
N ILE A 341 -47.02 43.79 -21.04
CA ILE A 341 -47.88 42.62 -20.93
C ILE A 341 -48.48 42.29 -22.29
N GLN A 342 -47.87 41.32 -22.98
CA GLN A 342 -48.35 40.90 -24.28
C GLN A 342 -48.84 39.46 -24.25
N PHE A 343 -50.10 39.28 -24.67
CA PHE A 343 -50.67 37.95 -24.81
C PHE A 343 -50.38 37.40 -26.19
N VAL A 344 -50.63 36.11 -26.38
CA VAL A 344 -50.56 35.52 -27.71
C VAL A 344 -51.74 36.02 -28.52
N ASP A 345 -51.57 36.12 -29.83
CA ASP A 345 -52.59 36.68 -30.72
C ASP A 345 -53.91 35.94 -30.61
N TRP A 346 -53.84 34.64 -30.33
CA TRP A 346 -55.03 33.79 -30.32
C TRP A 346 -55.66 33.67 -28.92
N CYS A 347 -55.35 34.64 -28.06
CA CYS A 347 -55.93 34.69 -26.72
C CYS A 347 -56.42 36.10 -26.39
N PRO A 348 -57.52 36.20 -25.64
CA PRO A 348 -57.96 37.52 -25.20
C PRO A 348 -57.03 38.12 -24.16
N THR A 349 -56.70 39.40 -24.30
CA THR A 349 -55.93 40.10 -23.29
C THR A 349 -56.85 40.48 -22.13
N GLY A 350 -56.86 39.66 -21.08
CA GLY A 350 -57.75 39.91 -19.96
C GLY A 350 -57.33 39.16 -18.71
N PHE A 351 -58.13 39.31 -17.65
CA PHE A 351 -57.86 38.68 -16.36
C PHE A 351 -59.12 38.08 -15.76
N LYS A 352 -59.03 36.82 -15.34
CA LYS A 352 -60.08 36.22 -14.53
C LYS A 352 -59.77 36.51 -13.08
N VAL A 353 -60.71 37.14 -12.37
CA VAL A 353 -60.47 37.60 -11.01
C VAL A 353 -61.36 36.88 -9.99
N GLY A 354 -60.76 36.56 -8.84
CA GLY A 354 -61.48 35.96 -7.74
C GLY A 354 -61.12 36.64 -6.44
N ILE A 355 -62.13 37.02 -5.67
CA ILE A 355 -61.93 37.69 -4.39
C ILE A 355 -62.61 36.91 -3.28
N ASN A 356 -61.83 36.57 -2.26
CA ASN A 356 -62.37 35.99 -1.03
C ASN A 356 -62.17 37.01 0.09
N TYR A 357 -63.27 37.46 0.68
CA TYR A 357 -63.23 38.55 1.64
C TYR A 357 -62.40 38.24 2.90
N GLN A 358 -62.22 36.96 3.19
CA GLN A 358 -61.45 36.56 4.37
C GLN A 358 -59.95 36.76 4.13
N PRO A 359 -59.29 37.58 4.98
CA PRO A 359 -57.85 37.80 4.75
C PRO A 359 -57.02 36.55 5.00
N PRO A 360 -55.76 36.53 4.53
CA PRO A 360 -54.91 35.35 4.67
C PRO A 360 -54.71 34.96 6.13
N THR A 361 -54.91 33.68 6.44
CA THR A 361 -54.64 33.17 7.78
C THR A 361 -53.16 32.86 7.91
N VAL A 362 -52.58 33.22 9.05
CA VAL A 362 -51.17 32.95 9.31
C VAL A 362 -51.00 32.11 10.57
N VAL A 363 -50.07 31.16 10.49
CA VAL A 363 -49.80 30.27 11.61
C VAL A 363 -49.32 31.08 12.81
N PRO A 364 -49.96 30.91 13.98
CA PRO A 364 -49.48 31.60 15.18
C PRO A 364 -48.02 31.32 15.47
N GLY A 365 -47.22 32.37 15.60
CA GLY A 365 -45.80 32.24 15.86
C GLY A 365 -44.99 32.06 14.59
N GLY A 366 -45.63 32.25 13.45
CA GLY A 366 -44.98 32.09 12.17
C GLY A 366 -44.10 33.27 11.82
N ASP A 367 -43.60 33.29 10.59
CA ASP A 367 -42.71 34.35 10.14
C ASP A 367 -43.47 35.44 9.38
N LEU A 368 -44.65 35.09 8.87
CA LEU A 368 -45.47 36.02 8.11
C LEU A 368 -46.35 36.88 9.01
N ALA A 369 -46.51 38.15 8.63
CA ALA A 369 -47.39 39.06 9.35
C ALA A 369 -48.80 38.97 8.79
N LYS A 370 -49.78 39.32 9.62
CA LYS A 370 -51.17 39.38 9.18
C LYS A 370 -51.33 40.61 8.30
N VAL A 371 -51.97 40.43 7.14
CA VAL A 371 -52.22 41.53 6.21
C VAL A 371 -53.72 41.64 5.92
N GLN A 372 -54.15 42.84 5.55
CA GLN A 372 -55.57 43.09 5.33
C GLN A 372 -55.99 42.66 3.94
N ARG A 373 -55.03 42.54 3.04
CA ARG A 373 -55.30 42.05 1.69
C ARG A 373 -54.04 41.49 1.06
N ALA A 374 -54.21 40.39 0.33
CA ALA A 374 -53.11 39.76 -0.39
C ALA A 374 -53.63 39.19 -1.71
N VAL A 375 -52.71 38.85 -2.62
CA VAL A 375 -53.10 38.32 -3.91
C VAL A 375 -52.10 37.28 -4.41
N CYS A 376 -52.62 36.29 -5.13
CA CYS A 376 -51.80 35.31 -5.81
C CYS A 376 -52.16 35.29 -7.28
N MET A 377 -51.23 35.70 -8.14
CA MET A 377 -51.47 35.71 -9.59
C MET A 377 -50.99 34.43 -10.24
N LEU A 378 -51.90 33.74 -10.93
CA LEU A 378 -51.56 32.57 -11.73
C LEU A 378 -51.56 32.94 -13.21
N SER A 379 -50.37 32.97 -13.81
CA SER A 379 -50.23 33.38 -15.20
C SER A 379 -49.46 32.33 -15.98
N ASN A 380 -50.08 31.80 -17.03
CA ASN A 380 -49.39 30.90 -17.93
C ASN A 380 -48.58 31.68 -18.95
N THR A 381 -47.32 31.93 -18.59
CA THR A 381 -46.41 32.68 -19.44
C THR A 381 -45.31 31.77 -19.98
N THR A 382 -44.86 32.05 -21.20
CA THR A 382 -43.83 31.25 -21.83
C THR A 382 -42.47 31.45 -21.18
N ALA A 383 -42.34 32.52 -20.38
CA ALA A 383 -41.08 32.87 -19.76
C ALA A 383 -40.62 31.85 -18.73
N ILE A 384 -41.52 30.97 -18.31
CA ILE A 384 -41.19 29.95 -17.33
C ILE A 384 -40.29 28.88 -17.94
N ALA A 385 -40.16 28.91 -19.26
CA ALA A 385 -39.30 27.97 -19.97
C ALA A 385 -37.83 28.21 -19.64
N GLU A 386 -37.52 29.36 -19.06
CA GLU A 386 -36.16 29.65 -18.62
C GLU A 386 -35.73 28.65 -17.56
N ALA A 387 -36.69 28.13 -16.79
CA ALA A 387 -36.41 27.14 -15.77
C ALA A 387 -36.01 25.81 -16.41
N TRP A 388 -36.72 25.43 -17.46
CA TRP A 388 -36.40 24.21 -18.20
C TRP A 388 -35.03 24.34 -18.84
N ALA A 389 -34.71 25.53 -19.33
CA ALA A 389 -33.44 25.77 -20.03
C ALA A 389 -32.27 25.65 -19.07
N ARG A 390 -32.41 26.23 -17.88
CA ARG A 390 -31.39 26.13 -16.85
C ARG A 390 -31.16 24.67 -16.48
N LEU A 391 -32.26 23.94 -16.35
CA LEU A 391 -32.23 22.56 -15.93
C LEU A 391 -31.63 21.66 -17.00
N ASP A 392 -32.07 21.86 -18.23
CA ASP A 392 -31.60 21.05 -19.35
C ASP A 392 -30.12 21.27 -19.61
N HIS A 393 -29.62 22.45 -19.27
CA HIS A 393 -28.21 22.75 -19.47
C HIS A 393 -27.35 21.94 -18.50
N LYS A 394 -27.74 21.95 -17.23
CA LYS A 394 -27.04 21.17 -16.21
C LYS A 394 -27.07 19.68 -16.58
N PHE A 395 -28.20 19.23 -17.11
CA PHE A 395 -28.36 17.86 -17.56
C PHE A 395 -27.34 17.53 -18.65
N ASP A 396 -27.24 18.40 -19.64
CA ASP A 396 -26.36 18.17 -20.78
C ASP A 396 -24.89 18.12 -20.37
N LEU A 397 -24.53 18.93 -19.40
CA LEU A 397 -23.14 18.99 -18.93
C LEU A 397 -22.70 17.66 -18.33
N MET A 398 -23.51 17.11 -17.43
CA MET A 398 -23.17 15.85 -16.77
C MET A 398 -23.30 14.66 -17.71
N TYR A 399 -24.37 14.63 -18.50
CA TYR A 399 -24.65 13.46 -19.31
C TYR A 399 -23.67 13.31 -20.46
N ALA A 400 -23.04 14.39 -20.88
CA ALA A 400 -22.04 14.32 -21.95
C ALA A 400 -20.86 13.46 -21.51
N LYS A 401 -20.66 13.37 -20.20
CA LYS A 401 -19.59 12.56 -19.63
C LYS A 401 -20.13 11.29 -18.99
N ARG A 402 -21.45 11.13 -19.05
CA ARG A 402 -22.13 9.98 -18.47
C ARG A 402 -21.92 9.89 -16.96
N ALA A 403 -21.73 11.04 -16.31
CA ALA A 403 -21.49 11.07 -14.88
C ALA A 403 -22.72 10.58 -14.11
N PHE A 404 -22.49 9.70 -13.14
CA PHE A 404 -23.53 9.16 -12.27
C PHE A 404 -24.55 8.28 -13.00
N VAL A 405 -24.42 8.14 -14.31
CA VAL A 405 -25.38 7.36 -15.10
C VAL A 405 -25.44 5.91 -14.62
N HIS A 406 -24.31 5.39 -14.15
CA HIS A 406 -24.21 3.99 -13.77
C HIS A 406 -25.11 3.65 -12.58
N TRP A 407 -25.41 4.65 -11.77
CA TRP A 407 -26.30 4.43 -10.62
C TRP A 407 -27.70 4.12 -11.09
N TYR A 408 -28.09 4.70 -12.22
CA TYR A 408 -29.43 4.50 -12.75
C TYR A 408 -29.50 3.18 -13.50
N VAL A 409 -28.52 2.93 -14.37
CA VAL A 409 -28.44 1.68 -15.09
C VAL A 409 -28.41 0.50 -14.12
N GLY A 410 -27.71 0.68 -13.01
CA GLY A 410 -27.58 -0.36 -12.01
C GLY A 410 -28.90 -0.76 -11.38
N GLU A 411 -29.90 0.12 -11.46
CA GLU A 411 -31.20 -0.16 -10.88
C GLU A 411 -32.19 -0.71 -11.91
N GLY A 412 -31.69 -0.97 -13.12
CA GLY A 412 -32.50 -1.61 -14.15
C GLY A 412 -32.89 -0.69 -15.29
N MET A 413 -32.71 0.61 -15.11
CA MET A 413 -33.05 1.57 -16.15
C MET A 413 -32.12 1.40 -17.33
N GLU A 414 -32.56 1.85 -18.51
CA GLU A 414 -31.73 1.80 -19.71
C GLU A 414 -31.23 3.20 -20.04
N GLU A 415 -29.99 3.28 -20.51
CA GLU A 415 -29.38 4.57 -20.79
C GLU A 415 -30.14 5.35 -21.84
N GLY A 416 -30.94 4.64 -22.65
CA GLY A 416 -31.72 5.28 -23.69
C GLY A 416 -32.78 6.21 -23.13
N GLU A 417 -33.25 5.91 -21.92
CA GLU A 417 -34.30 6.71 -21.31
C GLU A 417 -33.79 8.11 -20.96
N PHE A 418 -32.49 8.24 -20.74
CA PHE A 418 -31.89 9.55 -20.48
C PHE A 418 -32.05 10.47 -21.69
N SER A 419 -31.69 9.96 -22.86
CA SER A 419 -31.77 10.73 -24.09
C SER A 419 -33.21 10.92 -24.51
N GLU A 420 -34.03 9.90 -24.30
CA GLU A 420 -35.44 9.96 -24.63
C GLU A 420 -36.12 11.07 -23.86
N ALA A 421 -35.78 11.19 -22.58
CA ALA A 421 -36.36 12.21 -21.72
C ALA A 421 -35.81 13.59 -22.07
N ARG A 422 -34.54 13.65 -22.45
CA ARG A 422 -33.91 14.91 -22.83
C ARG A 422 -34.49 15.42 -24.15
N GLU A 423 -34.80 14.49 -25.05
CA GLU A 423 -35.41 14.85 -26.33
C GLU A 423 -36.79 15.46 -26.11
N ASP A 424 -37.53 14.89 -25.15
CA ASP A 424 -38.87 15.37 -24.85
C ASP A 424 -38.81 16.77 -24.27
N MET A 425 -37.76 17.04 -23.50
CA MET A 425 -37.56 18.37 -22.92
C MET A 425 -37.10 19.35 -23.98
N ALA A 426 -36.36 18.87 -24.96
CA ALA A 426 -35.92 19.71 -26.08
C ALA A 426 -37.11 20.15 -26.89
N ALA A 427 -38.04 19.23 -27.12
CA ALA A 427 -39.27 19.53 -27.85
C ALA A 427 -40.12 20.53 -27.07
N LEU A 428 -40.15 20.36 -25.75
CA LEU A 428 -40.93 21.25 -24.90
C LEU A 428 -40.40 22.68 -24.96
N GLU A 429 -39.08 22.83 -24.88
CA GLU A 429 -38.47 24.15 -25.02
C GLU A 429 -38.79 24.74 -26.38
N LYS A 430 -38.95 23.87 -27.37
CA LYS A 430 -39.24 24.29 -28.73
C LYS A 430 -40.68 24.77 -28.85
N ASP A 431 -41.57 24.08 -28.14
CA ASP A 431 -42.98 24.48 -28.12
C ASP A 431 -43.16 25.85 -27.51
N TYR A 432 -42.47 26.10 -26.40
CA TYR A 432 -42.53 27.38 -25.72
C TYR A 432 -42.06 28.52 -26.60
N GLU A 433 -40.98 28.28 -27.34
CA GLU A 433 -40.39 29.33 -28.17
C GLU A 433 -41.28 29.70 -29.35
N GLU A 434 -42.00 28.70 -29.87
CA GLU A 434 -42.91 28.92 -30.98
C GLU A 434 -44.10 29.77 -30.55
N VAL A 435 -44.63 29.48 -29.38
CA VAL A 435 -45.81 30.17 -28.87
C VAL A 435 -45.49 31.59 -28.42
N GLY A 436 -44.26 31.81 -27.96
CA GLY A 436 -43.91 33.04 -27.26
C GLY A 436 -42.97 33.99 -28.00
N VAL A 437 -42.55 33.62 -29.21
CA VAL A 437 -41.65 34.45 -29.99
C VAL A 437 -42.09 34.51 -31.45
N MET B 1 -33.53 3.64 11.64
CA MET B 1 -32.88 2.39 12.11
C MET B 1 -32.14 1.70 10.97
N ARG B 2 -31.23 2.43 10.35
CA ARG B 2 -30.40 1.88 9.27
C ARG B 2 -29.03 1.52 9.83
N GLU B 3 -28.81 0.24 10.09
CA GLU B 3 -27.61 -0.23 10.78
C GLU B 3 -26.38 -0.34 9.89
N ILE B 4 -25.22 -0.05 10.48
CA ILE B 4 -23.93 -0.27 9.83
C ILE B 4 -23.15 -1.30 10.63
N VAL B 5 -22.56 -2.26 9.93
CA VAL B 5 -21.72 -3.28 10.56
C VAL B 5 -20.24 -2.94 10.36
N HIS B 6 -19.55 -2.67 11.47
CA HIS B 6 -18.14 -2.32 11.43
C HIS B 6 -17.23 -3.54 11.56
N ILE B 7 -16.17 -3.56 10.74
CA ILE B 7 -15.17 -4.62 10.79
C ILE B 7 -13.79 -4.00 10.86
N GLN B 8 -12.93 -4.54 11.70
CA GLN B 8 -11.55 -4.07 11.80
C GLN B 8 -10.59 -5.26 11.75
N ALA B 9 -9.64 -5.21 10.82
CA ALA B 9 -8.76 -6.34 10.54
C ALA B 9 -7.29 -5.98 10.61
N GLY B 10 -6.51 -6.82 11.28
CA GLY B 10 -5.07 -6.62 11.38
C GLY B 10 -4.69 -5.72 12.55
N GLN B 11 -3.40 -5.44 12.67
CA GLN B 11 -2.92 -4.57 13.73
C GLN B 11 -3.45 -3.16 13.55
N CYS B 12 -3.16 -2.58 12.39
CA CYS B 12 -3.56 -1.20 12.10
C CYS B 12 -5.07 -1.05 12.18
N GLY B 13 -5.79 -2.00 11.57
CA GLY B 13 -7.24 -1.95 11.57
C GLY B 13 -7.83 -1.89 12.96
N ASN B 14 -7.29 -2.69 13.87
CA ASN B 14 -7.81 -2.75 15.24
C ASN B 14 -7.35 -1.60 16.12
N GLN B 15 -6.19 -1.04 15.81
CA GLN B 15 -5.68 0.13 16.54
C GLN B 15 -6.56 1.34 16.27
N ILE B 16 -6.66 1.71 15.00
CA ILE B 16 -7.52 2.81 14.58
C ILE B 16 -8.97 2.49 14.89
N GLY B 17 -9.35 1.23 14.65
CA GLY B 17 -10.71 0.80 14.91
C GLY B 17 -11.09 1.00 16.36
N ALA B 18 -10.16 0.68 17.25
CA ALA B 18 -10.41 0.84 18.68
C ALA B 18 -10.54 2.31 19.05
N LYS B 19 -9.69 3.15 18.48
CA LYS B 19 -9.73 4.57 18.74
C LYS B 19 -11.01 5.20 18.21
N PHE B 20 -11.47 4.74 17.05
CA PHE B 20 -12.71 5.23 16.47
C PHE B 20 -13.85 5.03 17.46
N TRP B 21 -13.98 3.83 18.00
CA TRP B 21 -15.08 3.54 18.92
C TRP B 21 -14.93 4.31 20.22
N GLU B 22 -13.69 4.59 20.64
CA GLU B 22 -13.47 5.39 21.83
C GLU B 22 -14.00 6.80 21.63
N VAL B 23 -13.72 7.37 20.47
CA VAL B 23 -14.11 8.75 20.18
C VAL B 23 -15.63 8.90 20.05
N ILE B 24 -16.26 8.08 19.23
CA ILE B 24 -17.68 8.26 18.98
C ILE B 24 -18.52 7.81 20.17
N SER B 25 -18.00 6.89 20.98
CA SER B 25 -18.71 6.48 22.18
C SER B 25 -18.78 7.64 23.15
N ASP B 26 -17.74 8.46 23.13
CA ASP B 26 -17.70 9.64 23.98
C ASP B 26 -18.65 10.71 23.46
N GLU B 27 -18.72 10.83 22.13
CA GLU B 27 -19.60 11.82 21.51
C GLU B 27 -21.06 11.46 21.73
N HIS B 28 -21.36 10.16 21.74
CA HIS B 28 -22.72 9.70 21.95
C HIS B 28 -23.03 9.47 23.43
N GLY B 29 -22.07 9.81 24.29
CA GLY B 29 -22.27 9.73 25.72
C GLY B 29 -22.31 8.31 26.26
N ILE B 30 -21.66 7.38 25.57
CA ILE B 30 -21.59 6.00 26.01
C ILE B 30 -20.28 5.77 26.76
N ASP B 31 -20.37 5.17 27.95
CA ASP B 31 -19.19 4.94 28.78
C ASP B 31 -18.60 3.55 28.50
N PRO B 32 -17.40 3.28 29.02
CA PRO B 32 -16.73 2.01 28.75
C PRO B 32 -17.51 0.76 29.18
N THR B 33 -18.59 0.95 29.94
CA THR B 33 -19.41 -0.19 30.39
C THR B 33 -20.64 -0.36 29.50
N GLY B 34 -20.84 0.59 28.58
CA GLY B 34 -21.94 0.52 27.64
C GLY B 34 -23.18 1.26 28.10
N SER B 35 -23.06 2.02 29.19
CA SER B 35 -24.18 2.79 29.72
C SER B 35 -24.17 4.22 29.20
N TYR B 36 -25.35 4.75 28.91
CA TYR B 36 -25.48 6.12 28.42
C TYR B 36 -25.55 7.11 29.57
N HIS B 37 -24.81 8.21 29.44
CA HIS B 37 -24.81 9.27 30.45
C HIS B 37 -24.61 10.63 29.79
N GLY B 38 -25.34 10.86 28.70
CA GLY B 38 -25.27 12.12 27.99
C GLY B 38 -26.28 13.13 28.49
N ASP B 39 -26.33 14.29 27.84
CA ASP B 39 -27.22 15.37 28.24
C ASP B 39 -28.00 15.94 27.06
N SER B 40 -28.08 15.19 25.97
CA SER B 40 -28.79 15.63 24.77
C SER B 40 -29.43 14.46 24.04
N ASP B 41 -30.63 14.69 23.54
CA ASP B 41 -31.37 13.67 22.80
C ASP B 41 -30.78 13.46 21.41
N LEU B 42 -30.00 14.43 20.94
CA LEU B 42 -29.33 14.30 19.65
C LEU B 42 -28.32 13.16 19.65
N GLN B 43 -27.85 12.80 20.84
CA GLN B 43 -26.84 11.76 20.97
C GLN B 43 -27.39 10.36 20.70
N LEU B 44 -28.69 10.18 20.93
CA LEU B 44 -29.31 8.86 20.85
C LEU B 44 -30.29 8.71 19.69
N GLU B 45 -30.51 9.78 18.94
CA GLU B 45 -31.53 9.76 17.89
C GLU B 45 -31.15 8.81 16.75
N ARG B 46 -29.85 8.63 16.54
CA ARG B 46 -29.36 7.71 15.53
C ARG B 46 -28.24 6.83 16.08
N ILE B 47 -28.37 6.46 17.35
CA ILE B 47 -27.38 5.63 18.01
C ILE B 47 -27.40 4.23 17.40
N ASN B 48 -28.57 3.81 16.93
CA ASN B 48 -28.74 2.46 16.41
C ASN B 48 -27.93 2.20 15.14
N VAL B 49 -27.38 3.26 14.55
CA VAL B 49 -26.58 3.13 13.34
C VAL B 49 -25.32 2.31 13.59
N TYR B 50 -24.71 2.51 14.76
CA TYR B 50 -23.43 1.87 15.10
C TYR B 50 -23.53 0.97 16.33
N TYR B 51 -24.62 1.10 17.09
CA TYR B 51 -24.76 0.35 18.34
C TYR B 51 -26.02 -0.52 18.36
N ASN B 52 -25.91 -1.67 19.01
CA ASN B 52 -27.07 -2.50 19.34
C ASN B 52 -27.50 -2.22 20.76
N GLU B 53 -28.80 -2.35 21.03
CA GLU B 53 -29.32 -2.17 22.38
C GLU B 53 -29.54 -3.51 23.07
N ALA B 54 -29.14 -3.58 24.33
CA ALA B 54 -29.37 -4.77 25.16
C ALA B 54 -30.26 -4.40 26.34
N THR B 55 -30.47 -5.36 27.24
CA THR B 55 -31.27 -5.11 28.44
C THR B 55 -30.45 -4.30 29.43
N GLY B 56 -31.15 -3.52 30.26
CA GLY B 56 -30.50 -2.57 31.13
C GLY B 56 -30.09 -1.35 30.34
N ASN B 57 -30.63 -1.25 29.13
CA ASN B 57 -30.30 -0.16 28.21
C ASN B 57 -28.79 -0.02 28.01
N LYS B 58 -28.14 -1.15 27.76
CA LYS B 58 -26.72 -1.16 27.40
C LYS B 58 -26.58 -0.98 25.89
N TYR B 59 -25.54 -0.25 25.49
CA TYR B 59 -25.26 -0.03 24.07
C TYR B 59 -23.99 -0.77 23.67
N VAL B 60 -24.12 -1.70 22.72
CA VAL B 60 -23.00 -2.53 22.29
C VAL B 60 -22.62 -2.24 20.84
N PRO B 61 -21.37 -1.82 20.60
CA PRO B 61 -20.91 -1.59 19.22
C PRO B 61 -21.19 -2.75 18.29
N ARG B 62 -21.74 -2.46 17.11
CA ARG B 62 -21.94 -3.47 16.10
C ARG B 62 -20.62 -3.69 15.35
N ALA B 63 -19.59 -4.10 16.10
CA ALA B 63 -18.23 -4.20 15.58
C ALA B 63 -17.69 -5.62 15.65
N ILE B 64 -16.90 -5.99 14.65
CA ILE B 64 -16.30 -7.32 14.57
C ILE B 64 -14.80 -7.17 14.47
N LEU B 65 -14.09 -7.72 15.45
CA LEU B 65 -12.63 -7.57 15.54
C LEU B 65 -11.91 -8.79 14.99
N VAL B 66 -11.12 -8.57 13.95
CA VAL B 66 -10.46 -9.66 13.22
C VAL B 66 -8.95 -9.49 13.20
N ASP B 67 -8.23 -10.60 13.34
CA ASP B 67 -6.79 -10.62 13.21
C ASP B 67 -6.30 -12.06 13.15
N LEU B 68 -5.12 -12.27 12.58
CA LEU B 68 -4.55 -13.62 12.48
C LEU B 68 -3.55 -13.88 13.61
N GLU B 69 -3.39 -12.92 14.50
CA GLU B 69 -2.62 -13.10 15.72
C GLU B 69 -3.34 -12.40 16.87
N PRO B 70 -3.22 -12.94 18.10
CA PRO B 70 -3.99 -12.43 19.24
C PRO B 70 -3.40 -11.18 19.89
N GLY B 71 -2.23 -10.74 19.42
CA GLY B 71 -1.53 -9.63 20.04
C GLY B 71 -2.37 -8.38 20.26
N THR B 72 -2.73 -7.71 19.17
CA THR B 72 -3.41 -6.42 19.25
C THR B 72 -4.80 -6.54 19.91
N MET B 73 -5.49 -7.64 19.65
CA MET B 73 -6.84 -7.81 20.19
C MET B 73 -6.83 -8.04 21.69
N ASP B 74 -5.71 -8.53 22.22
CA ASP B 74 -5.55 -8.65 23.65
C ASP B 74 -5.31 -7.26 24.25
N SER B 75 -4.70 -6.38 23.47
CA SER B 75 -4.46 -5.01 23.91
C SER B 75 -5.76 -4.22 23.95
N VAL B 76 -6.61 -4.44 22.95
CA VAL B 76 -7.90 -3.79 22.88
C VAL B 76 -8.79 -4.22 24.04
N ARG B 77 -8.83 -5.52 24.30
CA ARG B 77 -9.67 -6.05 25.37
C ARG B 77 -9.22 -5.52 26.72
N SER B 78 -7.94 -5.19 26.83
CA SER B 78 -7.38 -4.61 28.05
C SER B 78 -7.32 -3.09 27.98
N GLY B 79 -7.84 -2.53 26.88
CA GLY B 79 -7.88 -1.09 26.70
C GLY B 79 -8.99 -0.46 27.53
N PRO B 80 -9.16 0.86 27.41
CA PRO B 80 -10.20 1.56 28.19
C PRO B 80 -11.60 1.10 27.82
N PHE B 81 -11.87 1.01 26.51
CA PHE B 81 -13.17 0.58 26.02
C PHE B 81 -13.12 -0.88 25.58
N GLY B 82 -12.38 -1.70 26.30
CA GLY B 82 -12.27 -3.12 25.97
C GLY B 82 -13.53 -3.88 26.32
N GLN B 83 -14.13 -3.55 27.44
CA GLN B 83 -15.32 -4.26 27.92
C GLN B 83 -16.54 -4.03 27.03
N ILE B 84 -16.54 -2.92 26.29
CA ILE B 84 -17.72 -2.52 25.55
C ILE B 84 -18.02 -3.51 24.41
N PHE B 85 -16.98 -4.08 23.85
CA PHE B 85 -17.11 -4.95 22.68
C PHE B 85 -17.75 -6.28 23.03
N ARG B 86 -18.58 -6.80 22.13
CA ARG B 86 -19.20 -8.11 22.31
C ARG B 86 -18.12 -9.20 22.30
N PRO B 87 -17.96 -9.93 23.42
CA PRO B 87 -16.86 -10.91 23.53
C PRO B 87 -16.82 -11.94 22.41
N ASP B 88 -17.99 -12.37 21.93
CA ASP B 88 -18.05 -13.39 20.89
C ASP B 88 -17.65 -12.84 19.52
N ASN B 89 -17.61 -11.52 19.38
CA ASN B 89 -17.25 -10.89 18.12
C ASN B 89 -15.75 -10.78 17.92
N PHE B 90 -14.99 -11.16 18.94
CA PHE B 90 -13.54 -11.30 18.80
C PHE B 90 -13.23 -12.59 18.08
N VAL B 91 -12.69 -12.48 16.87
CA VAL B 91 -12.37 -13.63 16.04
C VAL B 91 -10.92 -13.58 15.61
N PHE B 92 -10.10 -14.51 16.10
CA PHE B 92 -8.68 -14.48 15.80
C PHE B 92 -8.06 -15.86 15.65
N GLY B 93 -6.96 -15.91 14.91
CA GLY B 93 -6.14 -17.10 14.78
C GLY B 93 -4.87 -16.96 15.62
N GLN B 94 -3.85 -17.76 15.32
CA GLN B 94 -2.62 -17.77 16.11
C GLN B 94 -1.36 -17.63 15.26
N SER B 95 -1.47 -17.96 13.98
CA SER B 95 -0.30 -18.06 13.11
C SER B 95 0.28 -16.72 12.69
N GLY B 96 -0.58 -15.73 12.50
CA GLY B 96 -0.15 -14.45 11.97
C GLY B 96 0.00 -14.54 10.46
N ALA B 97 0.22 -13.40 9.80
CA ALA B 97 0.28 -13.35 8.34
C ALA B 97 1.66 -12.94 7.84
N GLY B 98 2.52 -12.54 8.76
CA GLY B 98 3.90 -12.19 8.41
C GLY B 98 4.03 -11.13 7.34
N ASN B 99 3.16 -10.13 7.36
CA ASN B 99 3.19 -9.05 6.38
C ASN B 99 3.13 -9.59 4.95
N ASN B 100 2.38 -10.68 4.76
CA ASN B 100 2.29 -11.35 3.47
C ASN B 100 0.85 -11.40 2.97
N TRP B 101 0.56 -10.64 1.91
CA TRP B 101 -0.79 -10.54 1.37
C TRP B 101 -1.33 -11.92 1.00
N ALA B 102 -0.45 -12.75 0.44
CA ALA B 102 -0.83 -14.07 0.00
C ALA B 102 -1.27 -14.94 1.17
N LYS B 103 -0.64 -14.74 2.33
CA LYS B 103 -1.01 -15.52 3.50
C LYS B 103 -2.41 -15.13 3.98
N GLY B 104 -2.71 -13.83 3.92
CA GLY B 104 -3.99 -13.35 4.40
C GLY B 104 -5.14 -13.61 3.46
N HIS B 105 -4.85 -13.72 2.16
CA HIS B 105 -5.88 -13.82 1.15
C HIS B 105 -6.17 -15.26 0.71
N TYR B 106 -5.15 -16.12 0.75
CA TYR B 106 -5.22 -17.43 0.11
C TYR B 106 -5.01 -18.62 1.05
N THR B 107 -4.25 -18.46 2.11
CA THR B 107 -3.88 -19.58 2.97
C THR B 107 -4.34 -19.40 4.42
N GLU B 108 -3.62 -18.57 5.17
CA GLU B 108 -3.91 -18.39 6.59
C GLU B 108 -5.30 -17.78 6.80
N GLY B 109 -5.63 -16.77 6.01
CA GLY B 109 -6.90 -16.07 6.16
C GLY B 109 -8.07 -16.89 5.68
N ALA B 110 -7.83 -17.75 4.70
CA ALA B 110 -8.87 -18.64 4.19
C ALA B 110 -9.38 -19.56 5.30
N GLU B 111 -8.47 -19.93 6.20
CA GLU B 111 -8.79 -20.85 7.29
C GLU B 111 -9.69 -20.18 8.33
N LEU B 112 -9.64 -18.86 8.40
CA LEU B 112 -10.32 -18.09 9.46
C LEU B 112 -11.55 -17.35 8.97
N VAL B 113 -11.65 -17.13 7.67
CA VAL B 113 -12.65 -16.21 7.11
C VAL B 113 -14.09 -16.65 7.38
N ASP B 114 -14.34 -17.96 7.38
CA ASP B 114 -15.69 -18.47 7.60
C ASP B 114 -16.18 -18.14 9.00
N SER B 115 -15.28 -18.18 9.97
CA SER B 115 -15.63 -17.86 11.35
C SER B 115 -16.07 -16.41 11.46
N VAL B 116 -15.42 -15.53 10.70
CA VAL B 116 -15.75 -14.11 10.70
C VAL B 116 -17.13 -13.91 10.08
N LEU B 117 -17.35 -14.54 8.93
CA LEU B 117 -18.63 -14.42 8.23
C LEU B 117 -19.79 -14.96 9.05
N ASP B 118 -19.51 -15.85 9.99
CA ASP B 118 -20.55 -16.35 10.88
C ASP B 118 -20.97 -15.27 11.86
N VAL B 119 -20.02 -14.45 12.28
CA VAL B 119 -20.29 -13.34 13.18
C VAL B 119 -20.97 -12.19 12.43
N VAL B 120 -20.52 -11.94 11.21
CA VAL B 120 -21.11 -10.92 10.36
C VAL B 120 -22.58 -11.25 10.12
N ARG B 121 -22.85 -12.52 9.85
CA ARG B 121 -24.20 -12.97 9.53
C ARG B 121 -25.12 -12.79 10.74
N LYS B 122 -24.62 -13.10 11.93
CA LYS B 122 -25.43 -12.98 13.13
C LYS B 122 -25.77 -11.52 13.40
N GLU B 123 -24.83 -10.63 13.13
CA GLU B 123 -25.06 -9.20 13.30
C GLU B 123 -26.08 -8.70 12.27
N SER B 124 -25.90 -9.09 11.02
CA SER B 124 -26.78 -8.65 9.93
C SER B 124 -28.23 -9.13 10.12
N GLU B 125 -28.40 -10.33 10.64
CA GLU B 125 -29.74 -10.88 10.86
C GLU B 125 -30.51 -10.05 11.89
N SER B 126 -29.79 -9.41 12.80
CA SER B 126 -30.41 -8.61 13.84
C SER B 126 -30.79 -7.21 13.37
N CYS B 127 -30.37 -6.86 12.15
CA CYS B 127 -30.58 -5.51 11.64
C CYS B 127 -31.99 -5.30 11.09
N ASP B 128 -32.58 -4.17 11.46
CA ASP B 128 -33.88 -3.78 10.93
C ASP B 128 -33.77 -3.47 9.45
N CYS B 129 -32.72 -2.75 9.09
CA CYS B 129 -32.47 -2.37 7.70
C CYS B 129 -30.99 -2.06 7.50
N LEU B 130 -30.20 -3.11 7.28
CA LEU B 130 -28.75 -2.99 7.12
C LEU B 130 -28.35 -2.11 5.94
N GLN B 131 -27.57 -1.08 6.20
CA GLN B 131 -27.03 -0.23 5.13
C GLN B 131 -25.92 -0.93 4.38
N GLY B 132 -24.98 -1.46 5.15
CA GLY B 132 -23.80 -2.09 4.60
C GLY B 132 -22.71 -2.17 5.64
N PHE B 133 -21.46 -2.14 5.18
CA PHE B 133 -20.32 -2.45 6.03
C PHE B 133 -19.22 -1.41 5.90
N GLN B 134 -18.52 -1.12 6.99
CA GLN B 134 -17.32 -0.31 6.94
C GLN B 134 -16.14 -1.10 7.52
N LEU B 135 -15.05 -1.12 6.78
CA LEU B 135 -13.85 -1.87 7.18
C LEU B 135 -12.69 -0.92 7.46
N THR B 136 -12.00 -1.15 8.57
CA THR B 136 -10.76 -0.42 8.88
C THR B 136 -9.59 -1.39 8.78
N HIS B 137 -8.59 -1.01 8.00
CA HIS B 137 -7.44 -1.87 7.78
C HIS B 137 -6.32 -1.10 7.09
N SER B 138 -5.12 -1.67 7.11
CA SER B 138 -4.01 -1.13 6.34
C SER B 138 -3.83 -1.99 5.10
N LEU B 139 -3.22 -1.43 4.06
CA LEU B 139 -3.00 -2.17 2.82
C LEU B 139 -1.57 -2.70 2.71
N GLY B 140 -0.72 -2.31 3.65
CA GLY B 140 0.70 -2.65 3.59
C GLY B 140 1.07 -3.96 4.26
N GLY B 141 0.19 -4.45 5.11
CA GLY B 141 0.45 -5.67 5.86
C GLY B 141 -0.03 -6.91 5.15
N GLY B 142 -0.41 -7.92 5.93
CA GLY B 142 -0.86 -9.20 5.41
C GLY B 142 -2.30 -9.51 5.76
N THR B 143 -2.67 -9.35 7.02
CA THR B 143 -4.01 -9.70 7.47
C THR B 143 -5.03 -8.67 6.98
N GLY B 144 -4.88 -7.43 7.42
CA GLY B 144 -5.81 -6.38 7.04
C GLY B 144 -5.85 -6.18 5.54
N SER B 145 -4.70 -6.37 4.90
CA SER B 145 -4.61 -6.18 3.45
C SER B 145 -5.11 -7.40 2.71
N GLY B 146 -4.58 -8.57 3.07
CA GLY B 146 -4.89 -9.81 2.40
C GLY B 146 -6.23 -10.42 2.78
N MET B 147 -6.46 -10.59 4.07
CA MET B 147 -7.71 -11.16 4.53
C MET B 147 -8.82 -10.12 4.46
N GLY B 148 -8.47 -8.86 4.64
CA GLY B 148 -9.44 -7.79 4.57
C GLY B 148 -10.13 -7.75 3.21
N THR B 149 -9.35 -7.80 2.14
CA THR B 149 -9.92 -7.79 0.80
C THR B 149 -10.60 -9.12 0.49
N LEU B 150 -10.20 -10.17 1.21
CA LEU B 150 -10.87 -11.46 1.08
C LEU B 150 -12.25 -11.39 1.73
N LEU B 151 -12.31 -10.82 2.93
CA LEU B 151 -13.58 -10.59 3.61
C LEU B 151 -14.53 -9.77 2.74
N ILE B 152 -14.00 -8.71 2.13
CA ILE B 152 -14.78 -7.81 1.30
C ILE B 152 -15.42 -8.57 0.15
N SER B 153 -14.64 -9.42 -0.51
CA SER B 153 -15.13 -10.18 -1.65
C SER B 153 -16.19 -11.19 -1.25
N LYS B 154 -16.10 -11.69 -0.02
CA LYS B 154 -17.06 -12.68 0.47
C LYS B 154 -18.34 -11.99 0.94
N ILE B 155 -18.19 -10.86 1.61
CA ILE B 155 -19.34 -10.09 2.08
C ILE B 155 -20.18 -9.63 0.89
N ARG B 156 -19.52 -9.27 -0.20
CA ARG B 156 -20.22 -8.83 -1.39
C ARG B 156 -21.02 -9.97 -2.01
N GLU B 157 -20.54 -11.19 -1.85
CA GLU B 157 -21.20 -12.35 -2.43
C GLU B 157 -22.51 -12.65 -1.70
N GLU B 158 -22.49 -12.51 -0.37
CA GLU B 158 -23.67 -12.75 0.45
C GLU B 158 -24.56 -11.51 0.54
N TYR B 159 -23.96 -10.33 0.42
CA TYR B 159 -24.69 -9.07 0.52
C TYR B 159 -24.34 -8.15 -0.66
N PRO B 160 -24.75 -8.54 -1.87
CA PRO B 160 -24.39 -7.82 -3.10
C PRO B 160 -25.10 -6.48 -3.27
N ASP B 161 -26.19 -6.28 -2.55
CA ASP B 161 -27.01 -5.07 -2.68
C ASP B 161 -26.81 -4.12 -1.50
N ARG B 162 -25.78 -4.35 -0.71
CA ARG B 162 -25.43 -3.46 0.40
C ARG B 162 -24.15 -2.69 0.07
N ILE B 163 -23.96 -1.55 0.74
CA ILE B 163 -22.81 -0.69 0.48
C ILE B 163 -21.57 -1.17 1.22
N MET B 164 -20.44 -1.16 0.53
CA MET B 164 -19.16 -1.55 1.11
C MET B 164 -18.23 -0.35 1.20
N ASN B 165 -18.01 0.13 2.42
CA ASN B 165 -17.14 1.27 2.69
C ASN B 165 -15.86 0.82 3.40
N THR B 166 -14.75 1.53 3.19
CA THR B 166 -13.48 1.17 3.84
C THR B 166 -12.66 2.39 4.22
N PHE B 167 -12.03 2.29 5.39
CA PHE B 167 -10.99 3.24 5.78
C PHE B 167 -9.65 2.55 5.59
N SER B 168 -9.03 2.77 4.44
CA SER B 168 -7.82 2.05 4.06
C SER B 168 -6.56 2.88 4.26
N VAL B 169 -5.66 2.40 5.11
CA VAL B 169 -4.40 3.09 5.37
C VAL B 169 -3.36 2.71 4.32
N MET B 170 -2.76 3.71 3.69
CA MET B 170 -1.79 3.49 2.62
C MET B 170 -0.36 3.50 3.18
N PRO B 171 0.50 2.61 2.67
CA PRO B 171 1.85 2.49 3.21
C PRO B 171 2.81 3.54 2.69
N SER B 172 3.71 4.00 3.56
CA SER B 172 4.73 4.97 3.19
C SER B 172 6.09 4.56 3.71
N PRO B 173 7.14 4.65 2.86
CA PRO B 173 8.50 4.37 3.32
C PRO B 173 8.93 5.23 4.52
N LYS B 174 8.21 6.33 4.77
CA LYS B 174 8.48 7.17 5.93
C LYS B 174 8.04 6.49 7.22
N VAL B 175 7.11 5.54 7.09
CA VAL B 175 6.60 4.80 8.25
C VAL B 175 6.61 3.30 7.94
N SER B 176 7.45 2.92 6.98
CA SER B 176 7.51 1.54 6.48
C SER B 176 7.75 0.51 7.59
N ASP B 177 7.04 -0.61 7.50
CA ASP B 177 7.31 -1.77 8.35
C ASP B 177 8.17 -2.79 7.61
N THR B 178 7.90 -2.97 6.32
CA THR B 178 8.67 -3.89 5.49
C THR B 178 8.84 -3.35 4.07
N VAL B 179 9.63 -4.06 3.27
CA VAL B 179 9.90 -3.66 1.89
C VAL B 179 8.86 -4.19 0.92
N VAL B 180 8.01 -5.10 1.38
CA VAL B 180 7.02 -5.74 0.53
C VAL B 180 5.68 -5.00 0.54
N GLU B 181 5.61 -3.88 1.23
CA GLU B 181 4.35 -3.14 1.39
C GLU B 181 3.77 -2.67 0.05
N PRO B 182 4.60 -2.22 -0.89
CA PRO B 182 4.09 -1.86 -2.22
C PRO B 182 3.42 -3.03 -2.93
N TYR B 183 3.90 -4.25 -2.69
CA TYR B 183 3.27 -5.44 -3.25
C TYR B 183 1.91 -5.67 -2.63
N ASN B 184 1.85 -5.59 -1.30
CA ASN B 184 0.60 -5.81 -0.59
C ASN B 184 -0.44 -4.75 -0.93
N ALA B 185 0.01 -3.51 -1.12
CA ALA B 185 -0.91 -2.41 -1.39
C ALA B 185 -1.48 -2.52 -2.79
N THR B 186 -0.61 -2.78 -3.77
CA THR B 186 -1.04 -2.89 -5.15
C THR B 186 -2.03 -4.04 -5.32
N LEU B 187 -1.76 -5.16 -4.66
CA LEU B 187 -2.66 -6.30 -4.71
C LEU B 187 -3.99 -5.95 -4.06
N SER B 188 -3.95 -5.11 -3.02
CA SER B 188 -5.16 -4.72 -2.32
C SER B 188 -5.99 -3.72 -3.11
N VAL B 189 -5.32 -2.71 -3.69
CA VAL B 189 -6.00 -1.71 -4.50
C VAL B 189 -6.77 -2.39 -5.63
N HIS B 190 -6.16 -3.42 -6.20
CA HIS B 190 -6.78 -4.21 -7.26
C HIS B 190 -8.13 -4.75 -6.82
N GLN B 191 -8.24 -5.06 -5.53
CA GLN B 191 -9.49 -5.58 -4.97
C GLN B 191 -10.46 -4.46 -4.65
N LEU B 192 -9.94 -3.35 -4.13
CA LEU B 192 -10.78 -2.24 -3.69
C LEU B 192 -11.47 -1.54 -4.86
N VAL B 193 -10.78 -1.44 -5.98
CA VAL B 193 -11.33 -0.82 -7.18
C VAL B 193 -12.56 -1.58 -7.65
N GLU B 194 -12.58 -2.89 -7.37
CA GLU B 194 -13.63 -3.76 -7.86
C GLU B 194 -14.79 -3.93 -6.89
N ASN B 195 -14.49 -4.00 -5.59
CA ASN B 195 -15.45 -4.48 -4.61
C ASN B 195 -15.85 -3.49 -3.51
N THR B 196 -15.46 -2.22 -3.64
CA THR B 196 -15.86 -1.21 -2.67
C THR B 196 -16.60 -0.07 -3.36
N ASP B 197 -17.52 0.54 -2.62
CA ASP B 197 -18.26 1.69 -3.11
C ASP B 197 -17.56 2.97 -2.70
N GLU B 198 -16.96 2.96 -1.51
CA GLU B 198 -16.33 4.15 -0.93
C GLU B 198 -15.06 3.78 -0.18
N THR B 199 -13.95 4.44 -0.51
CA THR B 199 -12.69 4.21 0.17
C THR B 199 -12.03 5.53 0.55
N TYR B 200 -11.87 5.75 1.85
CA TYR B 200 -11.15 6.90 2.35
C TYR B 200 -9.65 6.56 2.38
N CYS B 201 -8.88 7.27 1.56
CA CYS B 201 -7.44 7.02 1.47
C CYS B 201 -6.66 7.75 2.54
N ILE B 202 -6.38 7.06 3.64
CA ILE B 202 -5.60 7.60 4.74
C ILE B 202 -4.13 7.27 4.52
N ASP B 203 -3.32 8.27 4.18
CA ASP B 203 -1.94 8.02 3.80
C ASP B 203 -0.97 8.27 4.95
N ASN B 204 -0.18 7.26 5.29
CA ASN B 204 0.79 7.38 6.39
C ASN B 204 1.87 8.40 6.10
N GLU B 205 2.08 8.70 4.82
CA GLU B 205 3.02 9.74 4.45
C GLU B 205 2.47 11.09 4.90
N ALA B 206 1.19 11.30 4.64
CA ALA B 206 0.52 12.54 5.03
C ALA B 206 0.44 12.67 6.53
N LEU B 207 0.04 11.59 7.20
CA LEU B 207 -0.13 11.63 8.65
C LEU B 207 1.18 11.96 9.33
N TYR B 208 2.27 11.42 8.81
CA TYR B 208 3.58 11.65 9.40
C TYR B 208 4.02 13.10 9.20
N ASP B 209 3.86 13.60 7.98
CA ASP B 209 4.26 14.97 7.66
C ASP B 209 3.46 15.99 8.46
N ILE B 210 2.19 15.71 8.71
CA ILE B 210 1.37 16.59 9.52
C ILE B 210 1.95 16.63 10.93
N CYS B 211 2.28 15.46 11.47
CA CYS B 211 2.80 15.37 12.82
C CYS B 211 4.15 16.06 12.96
N PHE B 212 4.96 16.01 11.91
CA PHE B 212 6.30 16.56 11.95
C PHE B 212 6.32 18.05 11.63
N ARG B 213 5.77 18.41 10.48
CA ARG B 213 5.83 19.79 9.99
C ARG B 213 4.88 20.72 10.73
N THR B 214 3.62 20.33 10.85
CA THR B 214 2.60 21.20 11.42
C THR B 214 2.56 21.11 12.94
N LEU B 215 2.32 19.92 13.46
CA LEU B 215 2.19 19.73 14.91
C LEU B 215 3.53 19.74 15.63
N LYS B 216 4.61 19.85 14.86
CA LYS B 216 5.96 19.97 15.41
C LYS B 216 6.34 18.83 16.34
N LEU B 217 5.84 17.63 16.03
CA LEU B 217 6.25 16.43 16.75
C LEU B 217 7.48 15.83 16.08
N THR B 218 8.62 15.95 16.73
CA THR B 218 9.90 15.54 16.14
C THR B 218 9.95 14.02 15.91
N THR B 219 9.38 13.26 16.83
CA THR B 219 9.39 11.80 16.74
C THR B 219 7.97 11.24 16.85
N PRO B 220 7.23 11.23 15.73
CA PRO B 220 5.84 10.77 15.72
C PRO B 220 5.69 9.28 16.04
N THR B 221 4.76 8.95 16.92
CA THR B 221 4.42 7.56 17.22
C THR B 221 3.15 7.18 16.45
N TYR B 222 2.70 5.94 16.61
CA TYR B 222 1.47 5.52 15.98
C TYR B 222 0.25 6.12 16.67
N GLY B 223 0.40 6.44 17.97
CA GLY B 223 -0.65 7.07 18.71
C GLY B 223 -0.93 8.48 18.18
N ASP B 224 0.13 9.17 17.79
CA ASP B 224 0.02 10.50 17.22
C ASP B 224 -0.62 10.43 15.84
N LEU B 225 -0.28 9.38 15.09
CA LEU B 225 -0.85 9.16 13.77
C LEU B 225 -2.33 8.84 13.85
N ASN B 226 -2.71 8.11 14.89
CA ASN B 226 -4.09 7.66 15.06
C ASN B 226 -5.00 8.71 15.68
N HIS B 227 -4.40 9.69 16.33
CA HIS B 227 -5.15 10.84 16.81
C HIS B 227 -5.77 11.56 15.61
N LEU B 228 -5.01 11.63 14.52
CA LEU B 228 -5.46 12.29 13.31
C LEU B 228 -6.52 11.46 12.57
N VAL B 229 -6.34 10.15 12.57
CA VAL B 229 -7.27 9.26 11.88
C VAL B 229 -8.62 9.20 12.58
N SER B 230 -8.59 8.98 13.89
CA SER B 230 -9.81 8.90 14.68
C SER B 230 -10.61 10.20 14.59
N ALA B 231 -9.91 11.32 14.47
CA ALA B 231 -10.56 12.61 14.28
C ALA B 231 -11.20 12.70 12.91
N THR B 232 -10.52 12.17 11.90
CA THR B 232 -11.04 12.14 10.54
C THR B 232 -12.24 11.19 10.45
N MET B 233 -12.11 10.02 11.07
CA MET B 233 -13.18 9.04 11.02
C MET B 233 -14.42 9.51 11.75
N SER B 234 -14.23 10.24 12.85
CA SER B 234 -15.34 10.82 13.57
C SER B 234 -16.05 11.85 12.70
N GLY B 235 -15.26 12.61 11.95
CA GLY B 235 -15.77 13.67 11.12
C GLY B 235 -16.58 13.18 9.93
N VAL B 236 -16.03 12.21 9.20
CA VAL B 236 -16.65 11.74 7.97
C VAL B 236 -17.84 10.81 8.24
N THR B 237 -18.04 10.44 9.50
CA THR B 237 -19.18 9.62 9.90
C THR B 237 -20.20 10.44 10.67
N THR B 238 -19.97 11.75 10.79
CA THR B 238 -20.88 12.63 11.50
C THR B 238 -22.27 12.58 10.88
N CYS B 239 -22.33 12.78 9.56
CA CYS B 239 -23.60 12.81 8.85
C CYS B 239 -24.37 11.51 9.01
N LEU B 240 -23.65 10.43 9.33
CA LEU B 240 -24.25 9.12 9.50
C LEU B 240 -24.73 8.89 10.93
N ARG B 241 -24.14 9.61 11.88
CA ARG B 241 -24.36 9.35 13.30
C ARG B 241 -25.30 10.34 13.97
N PHE B 242 -25.56 11.47 13.31
CA PHE B 242 -26.46 12.47 13.85
C PHE B 242 -27.53 12.88 12.83
N PRO B 243 -28.66 13.44 13.31
CA PRO B 243 -29.72 13.90 12.39
C PRO B 243 -29.21 14.93 11.39
N GLY B 244 -29.50 14.70 10.10
CA GLY B 244 -29.02 15.58 9.06
C GLY B 244 -29.73 15.35 7.74
N GLN B 245 -29.53 16.28 6.81
CA GLN B 245 -30.15 16.21 5.49
C GLN B 245 -29.21 15.60 4.46
N LEU B 246 -27.94 16.01 4.51
CA LEU B 246 -26.97 15.64 3.50
C LEU B 246 -26.19 14.38 3.88
N ASN B 247 -26.08 13.45 2.93
CA ASN B 247 -25.28 12.25 3.07
C ASN B 247 -25.56 11.50 4.36
N ALA B 248 -26.83 11.34 4.68
CA ALA B 248 -27.25 10.77 5.95
C ALA B 248 -27.04 9.27 6.02
N ASP B 249 -26.85 8.63 4.87
CA ASP B 249 -26.59 7.19 4.81
C ASP B 249 -25.53 6.87 3.76
N LEU B 250 -25.02 5.65 3.81
CA LEU B 250 -23.90 5.25 2.97
C LEU B 250 -24.21 5.28 1.48
N ARG B 251 -25.46 5.01 1.10
CA ARG B 251 -25.81 4.97 -0.31
C ARG B 251 -25.95 6.37 -0.88
N LYS B 252 -26.61 7.26 -0.15
CA LYS B 252 -26.77 8.64 -0.58
C LYS B 252 -25.42 9.34 -0.68
N LEU B 253 -24.48 8.94 0.17
CA LEU B 253 -23.13 9.49 0.12
C LEU B 253 -22.42 9.03 -1.14
N ALA B 254 -22.64 7.77 -1.51
CA ALA B 254 -22.00 7.19 -2.68
C ALA B 254 -22.54 7.84 -3.96
N VAL B 255 -23.86 8.04 -4.00
CA VAL B 255 -24.51 8.64 -5.15
C VAL B 255 -23.99 10.06 -5.39
N ASN B 256 -23.67 10.78 -4.30
CA ASN B 256 -23.21 12.15 -4.40
C ASN B 256 -21.72 12.28 -4.66
N MET B 257 -20.95 11.25 -4.31
CA MET B 257 -19.49 11.34 -4.34
C MET B 257 -18.84 10.57 -5.47
N VAL B 258 -19.58 9.64 -6.09
CA VAL B 258 -19.00 8.72 -7.07
C VAL B 258 -19.64 8.83 -8.45
N PRO B 259 -19.06 9.68 -9.31
CA PRO B 259 -19.63 9.82 -10.66
C PRO B 259 -19.37 8.61 -11.55
N PHE B 260 -18.29 7.89 -11.26
CA PHE B 260 -17.93 6.69 -11.99
C PHE B 260 -17.50 5.63 -10.99
N PRO B 261 -17.93 4.38 -11.21
CA PRO B 261 -17.83 3.33 -10.19
C PRO B 261 -16.40 3.08 -9.67
N ARG B 262 -15.41 3.12 -10.55
CA ARG B 262 -14.03 2.84 -10.16
C ARG B 262 -13.39 4.00 -9.41
N LEU B 263 -13.85 5.21 -9.68
CA LEU B 263 -13.29 6.40 -9.05
C LEU B 263 -14.00 6.72 -7.74
N HIS B 264 -13.72 5.92 -6.72
CA HIS B 264 -14.38 6.08 -5.42
C HIS B 264 -13.36 6.18 -4.29
N PHE B 265 -12.19 6.73 -4.60
CA PHE B 265 -11.13 6.89 -3.62
C PHE B 265 -11.06 8.33 -3.15
N PHE B 266 -11.47 8.54 -1.91
CA PHE B 266 -11.64 9.88 -1.36
C PHE B 266 -10.40 10.36 -0.63
N MET B 267 -10.25 11.68 -0.61
CA MET B 267 -9.13 12.35 0.03
C MET B 267 -9.66 13.13 1.23
N PRO B 268 -9.53 12.58 2.45
CA PRO B 268 -10.13 13.24 3.62
C PRO B 268 -9.26 14.37 4.18
N GLY B 269 -9.90 15.34 4.80
CA GLY B 269 -9.20 16.46 5.43
C GLY B 269 -9.84 16.84 6.75
N PHE B 270 -9.11 17.58 7.57
CA PHE B 270 -9.63 17.95 8.88
C PHE B 270 -9.04 19.28 9.36
N ALA B 271 -9.86 20.08 10.03
CA ALA B 271 -9.41 21.32 10.64
C ALA B 271 -10.25 21.60 11.88
N PRO B 272 -9.63 22.11 12.96
CA PRO B 272 -8.20 22.44 13.10
C PRO B 272 -7.35 21.20 13.40
N LEU B 273 -6.13 21.17 12.87
CA LEU B 273 -5.19 20.10 13.18
C LEU B 273 -4.66 20.29 14.61
N THR B 274 -4.85 19.26 15.42
CA THR B 274 -4.43 19.31 16.82
C THR B 274 -3.64 18.06 17.18
N SER B 275 -2.74 18.20 18.16
CA SER B 275 -2.03 17.07 18.73
C SER B 275 -2.67 16.70 20.06
N ARG B 276 -2.46 15.46 20.52
CA ARG B 276 -3.05 14.99 21.76
C ARG B 276 -2.59 15.82 22.95
N GLY B 277 -3.55 16.38 23.69
CA GLY B 277 -3.25 17.16 24.87
C GLY B 277 -2.86 18.59 24.58
N SER B 278 -2.90 18.98 23.32
CA SER B 278 -2.64 20.36 22.94
C SER B 278 -3.65 21.27 23.63
N GLN B 279 -4.92 20.88 23.55
CA GLN B 279 -5.99 21.54 24.28
C GLN B 279 -6.02 23.04 23.99
N GLN B 280 -6.12 23.40 22.72
CA GLN B 280 -6.10 24.81 22.33
C GLN B 280 -7.39 25.49 22.78
N TYR B 281 -7.28 26.77 23.08
CA TYR B 281 -8.34 27.49 23.79
C TYR B 281 -9.14 28.42 22.88
N ARG B 282 -8.55 28.84 21.76
CA ARG B 282 -9.23 29.74 20.84
C ARG B 282 -9.91 28.99 19.69
N ALA B 283 -11.22 29.15 19.58
CA ALA B 283 -11.98 28.55 18.51
C ALA B 283 -11.65 29.24 17.19
N LEU B 284 -11.68 28.48 16.11
CA LEU B 284 -11.45 29.04 14.78
C LEU B 284 -12.71 29.73 14.27
N THR B 285 -12.53 30.84 13.57
CA THR B 285 -13.64 31.51 12.91
C THR B 285 -14.03 30.69 11.69
N VAL B 286 -15.29 30.81 11.27
CA VAL B 286 -15.77 30.05 10.12
C VAL B 286 -14.87 30.25 8.90
N PRO B 287 -14.40 31.49 8.68
CA PRO B 287 -13.41 31.67 7.60
C PRO B 287 -12.15 30.86 7.79
N GLU B 288 -11.67 30.75 9.02
CA GLU B 288 -10.44 30.02 9.31
C GLU B 288 -10.62 28.53 9.09
N LEU B 289 -11.76 27.98 9.48
CA LEU B 289 -12.07 26.58 9.24
C LEU B 289 -12.03 26.27 7.75
N THR B 290 -12.66 27.14 6.97
CA THR B 290 -12.85 26.89 5.55
C THR B 290 -11.54 26.94 4.77
N GLN B 291 -10.67 27.87 5.11
CA GLN B 291 -9.39 28.00 4.40
C GLN B 291 -8.47 26.83 4.74
N GLN B 292 -8.59 26.32 5.96
CA GLN B 292 -7.70 25.26 6.44
C GLN B 292 -8.16 23.87 5.98
N MET B 293 -9.48 23.66 5.94
CA MET B 293 -10.01 22.36 5.53
C MET B 293 -9.62 22.04 4.09
N PHE B 294 -9.53 23.08 3.26
CA PHE B 294 -9.19 22.92 1.85
C PHE B 294 -7.68 23.01 1.61
N ASP B 295 -6.93 23.35 2.65
CA ASP B 295 -5.48 23.48 2.54
C ASP B 295 -4.85 22.11 2.32
N SER B 296 -3.82 22.06 1.48
CA SER B 296 -3.10 20.83 1.20
C SER B 296 -2.52 20.23 2.48
N LYS B 297 -2.12 21.09 3.41
CA LYS B 297 -1.46 20.67 4.64
C LYS B 297 -2.41 19.96 5.61
N ASN B 298 -3.70 20.01 5.33
CA ASN B 298 -4.71 19.38 6.17
C ASN B 298 -5.29 18.12 5.53
N MET B 299 -4.72 17.70 4.41
CA MET B 299 -5.19 16.52 3.70
C MET B 299 -4.53 15.26 4.27
N MET B 300 -5.33 14.22 4.48
CA MET B 300 -4.83 12.97 5.05
C MET B 300 -4.25 12.05 3.99
N ALA B 301 -4.31 12.47 2.73
CA ALA B 301 -3.61 11.79 1.64
C ALA B 301 -2.57 12.74 1.04
N ALA B 302 -1.35 12.25 0.88
CA ALA B 302 -0.25 13.10 0.44
C ALA B 302 -0.36 13.42 -1.04
N CYS B 303 -1.39 14.18 -1.39
CA CYS B 303 -1.61 14.63 -2.77
C CYS B 303 -1.91 16.11 -2.78
N ASP B 304 -1.34 16.81 -3.76
CA ASP B 304 -1.58 18.23 -3.94
C ASP B 304 -2.87 18.43 -4.74
N PRO B 305 -3.93 18.95 -4.08
CA PRO B 305 -5.20 19.12 -4.80
C PRO B 305 -5.10 20.06 -6.00
N ARG B 306 -4.14 20.97 -5.99
CA ARG B 306 -3.95 21.91 -7.09
C ARG B 306 -3.33 21.24 -8.31
N HIS B 307 -2.93 19.98 -8.17
CA HIS B 307 -2.37 19.21 -9.29
C HIS B 307 -3.46 18.40 -9.99
N GLY B 308 -4.70 18.59 -9.57
CA GLY B 308 -5.83 17.93 -10.20
C GLY B 308 -7.08 18.78 -10.11
N ARG B 309 -8.24 18.16 -10.32
CA ARG B 309 -9.52 18.85 -10.21
C ARG B 309 -10.49 18.03 -9.38
N TYR B 310 -11.31 18.72 -8.59
CA TYR B 310 -12.31 18.06 -7.76
C TYR B 310 -13.50 17.61 -8.59
N LEU B 311 -13.84 16.33 -8.50
CA LEU B 311 -15.04 15.81 -9.13
C LEU B 311 -16.24 16.14 -8.24
N THR B 312 -16.09 15.84 -6.95
CA THR B 312 -17.13 16.05 -5.96
C THR B 312 -16.48 16.39 -4.62
N VAL B 313 -17.21 17.09 -3.76
CA VAL B 313 -16.71 17.44 -2.44
C VAL B 313 -17.85 17.39 -1.43
N ALA B 314 -17.52 16.94 -0.21
CA ALA B 314 -18.48 16.95 0.89
C ALA B 314 -17.82 17.57 2.12
N ALA B 315 -18.38 18.70 2.56
CA ALA B 315 -17.86 19.43 3.72
C ALA B 315 -18.82 19.32 4.91
N ILE B 316 -18.27 19.02 6.07
CA ILE B 316 -19.07 18.89 7.29
C ILE B 316 -18.51 19.81 8.36
N PHE B 317 -19.35 20.74 8.83
CA PHE B 317 -18.97 21.66 9.90
C PHE B 317 -19.62 21.23 11.21
N ARG B 318 -18.84 21.27 12.29
CA ARG B 318 -19.33 20.84 13.60
C ARG B 318 -19.16 21.92 14.66
N GLY B 319 -20.23 22.18 15.41
CA GLY B 319 -20.23 23.18 16.46
C GLY B 319 -21.29 24.23 16.23
N ARG B 320 -21.48 25.10 17.22
CA ARG B 320 -22.41 26.21 17.11
C ARG B 320 -21.79 27.36 16.31
N MET B 321 -22.38 27.66 15.16
CA MET B 321 -21.87 28.72 14.30
C MET B 321 -22.95 29.22 13.36
N SER B 322 -22.67 30.34 12.71
CA SER B 322 -23.61 30.93 11.75
C SER B 322 -23.63 30.12 10.47
N MET B 323 -24.76 29.49 10.19
CA MET B 323 -24.92 28.73 8.96
C MET B 323 -24.84 29.65 7.76
N LYS B 324 -25.28 30.90 7.95
CA LYS B 324 -25.17 31.91 6.92
C LYS B 324 -23.70 32.10 6.53
N GLU B 325 -22.84 32.20 7.54
CA GLU B 325 -21.43 32.44 7.31
C GLU B 325 -20.75 31.23 6.67
N VAL B 326 -21.19 30.03 7.05
CA VAL B 326 -20.68 28.81 6.44
C VAL B 326 -20.99 28.79 4.96
N ASP B 327 -22.23 29.12 4.61
CA ASP B 327 -22.66 29.13 3.21
C ASP B 327 -21.87 30.15 2.41
N GLU B 328 -21.69 31.34 2.98
CA GLU B 328 -20.96 32.41 2.32
C GLU B 328 -19.51 32.01 2.07
N GLN B 329 -18.89 31.36 3.06
CA GLN B 329 -17.49 30.99 2.96
C GLN B 329 -17.27 29.81 2.03
N MET B 330 -18.23 28.90 1.98
CA MET B 330 -18.14 27.75 1.08
C MET B 330 -18.34 28.19 -0.36
N LEU B 331 -19.26 29.11 -0.57
CA LEU B 331 -19.46 29.70 -1.89
C LEU B 331 -18.22 30.49 -2.31
N ASN B 332 -17.56 31.09 -1.33
CA ASN B 332 -16.37 31.89 -1.56
C ASN B 332 -15.19 31.04 -2.07
N VAL B 333 -15.05 29.84 -1.50
CA VAL B 333 -13.99 28.92 -1.93
C VAL B 333 -14.17 28.50 -3.38
N GLN B 334 -15.40 28.13 -3.73
CA GLN B 334 -15.70 27.67 -5.08
C GLN B 334 -15.52 28.78 -6.11
N ASN B 335 -15.98 29.99 -5.77
CA ASN B 335 -15.94 31.11 -6.70
C ASN B 335 -14.54 31.69 -6.87
N LYS B 336 -13.70 31.54 -5.84
CA LYS B 336 -12.33 32.05 -5.89
C LYS B 336 -11.37 31.05 -6.55
N ASN B 337 -11.77 29.78 -6.58
CA ASN B 337 -10.95 28.73 -7.17
C ASN B 337 -11.77 27.83 -8.09
N SER B 338 -12.61 28.45 -8.90
CA SER B 338 -13.56 27.72 -9.73
C SER B 338 -12.88 26.81 -10.76
N SER B 339 -11.60 27.04 -11.02
CA SER B 339 -10.89 26.27 -12.02
C SER B 339 -10.54 24.87 -11.54
N TYR B 340 -10.57 24.67 -10.22
CA TYR B 340 -10.20 23.39 -9.63
C TYR B 340 -11.40 22.46 -9.43
N PHE B 341 -12.59 22.97 -9.71
CA PHE B 341 -13.80 22.17 -9.67
C PHE B 341 -14.31 21.97 -11.10
N VAL B 342 -14.52 20.71 -11.47
CA VAL B 342 -14.94 20.40 -12.84
C VAL B 342 -16.25 21.10 -13.15
N GLU B 343 -16.35 21.64 -14.36
CA GLU B 343 -17.51 22.42 -14.77
C GLU B 343 -18.64 21.52 -15.27
N TRP B 344 -18.32 20.25 -15.54
CA TRP B 344 -19.31 19.34 -16.10
C TRP B 344 -20.04 18.54 -15.00
N ILE B 345 -19.80 18.91 -13.75
CA ILE B 345 -20.63 18.46 -12.64
C ILE B 345 -21.04 19.69 -11.84
N PRO B 346 -22.17 20.31 -12.23
CA PRO B 346 -22.62 21.53 -11.56
C PRO B 346 -22.90 21.33 -10.08
N ASN B 347 -22.55 22.32 -9.26
CA ASN B 347 -22.85 22.29 -7.83
C ASN B 347 -22.35 21.02 -7.17
N ASN B 348 -21.06 20.72 -7.38
CA ASN B 348 -20.47 19.48 -6.92
C ASN B 348 -19.89 19.57 -5.52
N VAL B 349 -20.27 20.61 -4.78
CA VAL B 349 -19.87 20.78 -3.39
C VAL B 349 -21.10 20.86 -2.48
N LYS B 350 -21.26 19.86 -1.62
CA LYS B 350 -22.37 19.83 -0.67
C LYS B 350 -21.85 20.01 0.75
N THR B 351 -22.59 20.79 1.54
CA THR B 351 -22.16 21.16 2.88
C THR B 351 -23.19 20.77 3.93
N ALA B 352 -22.71 20.22 5.04
CA ALA B 352 -23.57 19.86 6.16
C ALA B 352 -23.08 20.55 7.41
N VAL B 353 -23.98 20.76 8.36
CA VAL B 353 -23.64 21.38 9.64
C VAL B 353 -24.27 20.59 10.77
N CYS B 354 -23.45 20.27 11.77
CA CYS B 354 -23.89 19.53 12.95
C CYS B 354 -23.65 20.36 14.20
N ASP B 355 -24.67 20.50 15.04
CA ASP B 355 -24.59 21.37 16.20
C ASP B 355 -23.63 20.84 17.27
N ILE B 356 -23.41 19.53 17.29
CA ILE B 356 -22.55 18.91 18.29
C ILE B 356 -21.10 18.87 17.83
N PRO B 357 -20.19 19.56 18.55
CA PRO B 357 -18.78 19.55 18.17
C PRO B 357 -18.04 18.32 18.70
N PRO B 358 -16.87 18.00 18.13
CA PRO B 358 -16.04 16.92 18.69
C PRO B 358 -15.45 17.34 20.03
N ARG B 359 -15.01 16.38 20.83
CA ARG B 359 -14.49 16.69 22.15
C ARG B 359 -13.22 17.52 22.07
N GLY B 360 -13.15 18.55 22.89
CA GLY B 360 -11.96 19.39 23.00
C GLY B 360 -11.98 20.60 22.08
N LEU B 361 -13.01 20.69 21.25
CA LEU B 361 -13.11 21.78 20.28
C LEU B 361 -14.50 22.40 20.29
N LYS B 362 -14.55 23.71 20.06
CA LYS B 362 -15.82 24.42 19.90
C LYS B 362 -16.26 24.36 18.46
N MET B 363 -15.28 24.41 17.55
CA MET B 363 -15.52 24.46 16.12
C MET B 363 -14.57 23.51 15.38
N SER B 364 -15.10 22.75 14.44
CA SER B 364 -14.28 21.88 13.60
C SER B 364 -14.91 21.66 12.24
N ALA B 365 -14.09 21.31 11.26
CA ALA B 365 -14.56 21.06 9.90
C ALA B 365 -13.87 19.85 9.30
N THR B 366 -14.65 18.99 8.65
CA THR B 366 -14.13 17.80 7.99
C THR B 366 -14.37 17.87 6.48
N PHE B 367 -13.37 17.48 5.71
CA PHE B 367 -13.41 17.57 4.27
C PHE B 367 -13.32 16.18 3.64
N ILE B 368 -14.20 15.91 2.67
CA ILE B 368 -14.16 14.69 1.89
C ILE B 368 -14.19 15.01 0.40
N GLY B 369 -13.09 14.76 -0.29
CA GLY B 369 -12.97 15.13 -1.70
C GLY B 369 -12.65 13.98 -2.62
N ASN B 370 -13.36 13.92 -3.74
CA ASN B 370 -13.03 13.02 -4.83
C ASN B 370 -12.25 13.80 -5.88
N SER B 371 -10.95 13.92 -5.68
CA SER B 371 -10.07 14.65 -6.58
C SER B 371 -9.31 13.73 -7.52
N THR B 372 -9.01 14.22 -8.71
CA THR B 372 -8.19 13.47 -9.66
C THR B 372 -6.72 13.50 -9.26
N ALA B 373 -6.39 14.33 -8.27
CA ALA B 373 -5.03 14.41 -7.77
C ALA B 373 -4.68 13.18 -6.94
N ILE B 374 -5.68 12.38 -6.60
CA ILE B 374 -5.44 11.17 -5.83
C ILE B 374 -4.59 10.17 -6.63
N GLN B 375 -4.49 10.38 -7.94
CA GLN B 375 -3.69 9.52 -8.79
C GLN B 375 -2.21 9.56 -8.38
N GLU B 376 -1.79 10.68 -7.79
CA GLU B 376 -0.42 10.82 -7.32
C GLU B 376 -0.11 9.75 -6.31
N LEU B 377 -1.12 9.39 -5.51
CA LEU B 377 -0.98 8.37 -4.50
C LEU B 377 -0.71 7.01 -5.15
N PHE B 378 -1.52 6.67 -6.15
CA PHE B 378 -1.39 5.38 -6.82
C PHE B 378 -0.16 5.34 -7.73
N LYS B 379 0.24 6.49 -8.23
CA LYS B 379 1.49 6.59 -8.98
C LYS B 379 2.67 6.25 -8.08
N ARG B 380 2.64 6.79 -6.87
CA ARG B 380 3.70 6.58 -5.89
C ARG B 380 3.86 5.09 -5.59
N ILE B 381 2.76 4.43 -5.24
CA ILE B 381 2.77 3.01 -4.95
C ILE B 381 3.19 2.20 -6.18
N SER B 382 2.83 2.68 -7.35
CA SER B 382 3.16 1.99 -8.59
C SER B 382 4.66 2.05 -8.87
N GLU B 383 5.27 3.21 -8.62
CA GLU B 383 6.70 3.37 -8.81
C GLU B 383 7.47 2.41 -7.91
N GLN B 384 7.10 2.41 -6.63
CA GLN B 384 7.73 1.55 -5.64
C GLN B 384 7.55 0.07 -6.00
N PHE B 385 6.36 -0.26 -6.48
CA PHE B 385 6.03 -1.62 -6.90
C PHE B 385 6.92 -2.06 -8.05
N THR B 386 6.97 -1.26 -9.11
CA THR B 386 7.70 -1.61 -10.31
C THR B 386 9.20 -1.70 -10.08
N ALA B 387 9.70 -0.93 -9.11
CA ALA B 387 11.13 -0.90 -8.82
C ALA B 387 11.62 -2.27 -8.39
N MET B 388 10.80 -2.98 -7.63
CA MET B 388 11.14 -4.33 -7.20
C MET B 388 10.72 -5.38 -8.21
N PHE B 389 9.54 -5.20 -8.78
CA PHE B 389 8.94 -6.24 -9.62
C PHE B 389 9.68 -6.42 -10.94
N ARG B 390 10.38 -5.40 -11.39
CA ARG B 390 11.16 -5.50 -12.62
C ARG B 390 12.29 -6.52 -12.45
N ARG B 391 12.71 -6.74 -11.19
CA ARG B 391 13.72 -7.74 -10.87
C ARG B 391 13.13 -8.93 -10.12
N LYS B 392 11.81 -8.91 -9.94
CA LYS B 392 11.09 -10.00 -9.29
C LYS B 392 11.59 -10.22 -7.87
N ALA B 393 12.02 -9.14 -7.23
CA ALA B 393 12.56 -9.21 -5.88
C ALA B 393 11.48 -9.52 -4.86
N PHE B 394 11.84 -10.37 -3.88
CA PHE B 394 10.97 -10.71 -2.76
C PHE B 394 9.68 -11.42 -3.16
N LEU B 395 9.59 -11.89 -4.41
CA LEU B 395 8.39 -12.58 -4.86
C LEU B 395 8.29 -13.99 -4.29
N HIS B 396 9.41 -14.57 -3.90
CA HIS B 396 9.40 -15.94 -3.43
C HIS B 396 8.48 -16.08 -2.22
N TRP B 397 8.37 -15.02 -1.41
CA TRP B 397 7.46 -15.03 -0.26
C TRP B 397 6.03 -15.28 -0.73
N TYR B 398 5.73 -14.85 -1.95
CA TYR B 398 4.38 -14.92 -2.47
C TYR B 398 4.16 -16.17 -3.31
N THR B 399 5.13 -16.54 -4.13
CA THR B 399 5.01 -17.74 -4.95
C THR B 399 5.04 -18.99 -4.09
N GLY B 400 5.61 -18.86 -2.89
CA GLY B 400 5.64 -19.95 -1.93
C GLY B 400 4.28 -20.25 -1.34
N GLU B 401 3.36 -19.29 -1.43
CA GLU B 401 2.00 -19.47 -0.95
C GLU B 401 1.05 -19.81 -2.09
N GLY B 402 1.59 -20.05 -3.28
CA GLY B 402 0.80 -20.50 -4.41
C GLY B 402 0.54 -19.47 -5.49
N MET B 403 0.84 -18.21 -5.22
CA MET B 403 0.58 -17.16 -6.19
C MET B 403 1.49 -17.26 -7.40
N ASP B 404 1.03 -16.72 -8.52
CA ASP B 404 1.80 -16.68 -9.76
C ASP B 404 2.14 -15.23 -10.08
N GLU B 405 3.20 -15.04 -10.87
CA GLU B 405 3.65 -13.71 -11.22
C GLU B 405 2.59 -12.95 -12.01
N MET B 406 1.75 -13.68 -12.74
CA MET B 406 0.72 -13.04 -13.57
C MET B 406 -0.23 -12.20 -12.73
N GLU B 407 -0.57 -12.70 -11.55
CA GLU B 407 -1.51 -12.01 -10.68
C GLU B 407 -0.95 -10.66 -10.23
N PHE B 408 0.37 -10.57 -10.14
CA PHE B 408 1.03 -9.31 -9.84
C PHE B 408 0.96 -8.38 -11.05
N THR B 409 1.13 -8.95 -12.24
CA THR B 409 1.08 -8.19 -13.48
C THR B 409 -0.30 -7.60 -13.70
N GLU B 410 -1.34 -8.39 -13.42
CA GLU B 410 -2.71 -7.92 -13.57
C GLU B 410 -3.02 -6.80 -12.59
N ALA B 411 -2.59 -6.97 -11.34
CA ALA B 411 -2.85 -5.99 -10.30
C ALA B 411 -2.18 -4.66 -10.62
N GLU B 412 -0.95 -4.73 -11.13
CA GLU B 412 -0.21 -3.55 -11.53
C GLU B 412 -0.93 -2.83 -12.67
N SER B 413 -1.42 -3.61 -13.63
CA SER B 413 -2.07 -3.06 -14.80
C SER B 413 -3.36 -2.33 -14.42
N ASN B 414 -4.13 -2.93 -13.52
CA ASN B 414 -5.41 -2.35 -13.14
C ASN B 414 -5.24 -1.06 -12.37
N MET B 415 -4.16 -0.96 -11.59
CA MET B 415 -3.90 0.24 -10.83
C MET B 415 -3.38 1.34 -11.75
N ASN B 416 -2.58 0.97 -12.74
CA ASN B 416 -2.12 1.93 -13.73
C ASN B 416 -3.27 2.40 -14.60
N ASP B 417 -4.24 1.52 -14.82
CA ASP B 417 -5.46 1.90 -15.53
C ASP B 417 -6.23 2.93 -14.70
N LEU B 418 -6.28 2.71 -13.40
CA LEU B 418 -6.98 3.62 -12.50
C LEU B 418 -6.35 5.01 -12.57
N VAL B 419 -5.02 5.05 -12.60
CA VAL B 419 -4.29 6.31 -12.69
C VAL B 419 -4.62 7.05 -13.98
N SER B 420 -4.73 6.30 -15.07
CA SER B 420 -4.97 6.89 -16.38
C SER B 420 -6.43 7.33 -16.53
N GLU B 421 -7.32 6.74 -15.74
CA GLU B 421 -8.73 7.11 -15.78
C GLU B 421 -8.96 8.42 -15.03
N TYR B 422 -8.19 8.64 -13.98
CA TYR B 422 -8.24 9.91 -13.27
C TYR B 422 -7.69 11.04 -14.13
N GLN B 423 -6.62 10.74 -14.86
CA GLN B 423 -5.98 11.73 -15.72
C GLN B 423 -6.90 12.11 -16.88
N GLN B 424 -7.74 11.17 -17.30
CA GLN B 424 -8.68 11.40 -18.38
C GLN B 424 -9.68 12.49 -18.02
N TYR B 425 -10.23 12.42 -16.80
CA TYR B 425 -11.24 13.38 -16.36
C TYR B 425 -10.61 14.64 -15.79
N GLN B 426 -9.31 14.62 -15.59
CA GLN B 426 -8.58 15.82 -15.16
C GLN B 426 -8.34 16.76 -16.34
N ASP B 427 -8.38 16.19 -17.54
CA ASP B 427 -8.16 16.96 -18.77
C ASP B 427 -9.46 17.21 -19.52
N ALA B 428 -10.51 16.48 -19.17
CA ALA B 428 -11.79 16.61 -19.83
C ALA B 428 -12.36 18.02 -19.66
N THR B 429 -13.10 18.48 -20.67
CA THR B 429 -13.70 19.81 -20.66
C THR B 429 -15.16 19.76 -21.12
N ALA B 430 -15.93 20.78 -20.76
CA ALA B 430 -17.35 20.86 -21.12
C ALA B 430 -17.56 21.67 -22.40
N MET C 1 3.50 -21.23 22.28
CA MET C 1 3.33 -20.78 20.87
C MET C 1 4.60 -20.11 20.37
N ARG C 2 4.83 -20.20 19.06
CA ARG C 2 6.03 -19.62 18.43
C ARG C 2 7.30 -20.18 19.06
N GLU C 3 7.30 -21.48 19.36
CA GLU C 3 8.46 -22.14 19.94
C GLU C 3 9.58 -22.28 18.92
N CYS C 4 10.82 -22.29 19.42
CA CYS C 4 11.99 -22.45 18.56
C CYS C 4 12.93 -23.49 19.15
N ILE C 5 13.13 -24.56 18.40
CA ILE C 5 14.02 -25.63 18.83
C ILE C 5 15.42 -25.38 18.28
N SER C 6 16.40 -25.33 19.17
CA SER C 6 17.80 -25.18 18.77
C SER C 6 18.44 -26.55 18.63
N ILE C 7 19.31 -26.69 17.64
CA ILE C 7 20.06 -27.93 17.43
C ILE C 7 21.54 -27.61 17.29
N HIS C 8 22.33 -28.16 18.21
CA HIS C 8 23.77 -27.90 18.25
C HIS C 8 24.55 -29.12 17.80
N VAL C 9 25.24 -28.99 16.67
CA VAL C 9 25.92 -30.11 16.03
C VAL C 9 27.43 -29.97 16.07
N GLY C 10 28.13 -30.99 16.53
CA GLY C 10 29.58 -30.99 16.55
C GLY C 10 30.17 -30.24 17.71
N GLN C 11 31.49 -30.16 17.75
CA GLN C 11 32.16 -29.48 18.86
C GLN C 11 31.80 -28.00 18.88
N ALA C 12 32.02 -27.32 17.76
CA ALA C 12 31.74 -25.90 17.66
C ALA C 12 30.29 -25.58 18.02
N GLY C 13 29.36 -26.34 17.43
CA GLY C 13 27.96 -26.15 17.71
C GLY C 13 27.61 -26.32 19.17
N VAL C 14 28.14 -27.39 19.78
CA VAL C 14 27.85 -27.70 21.18
C VAL C 14 28.46 -26.68 22.13
N GLN C 15 29.74 -26.37 21.93
CA GLN C 15 30.44 -25.46 22.83
C GLN C 15 29.88 -24.05 22.71
N ILE C 16 29.41 -23.69 21.51
CA ILE C 16 28.74 -22.42 21.32
C ILE C 16 27.36 -22.49 21.95
N GLY C 17 26.74 -23.67 21.91
CA GLY C 17 25.48 -23.90 22.59
C GLY C 17 25.59 -23.65 24.09
N ASN C 18 26.69 -24.08 24.67
CA ASN C 18 26.94 -23.87 26.10
C ASN C 18 26.98 -22.38 26.42
N ALA C 19 27.67 -21.62 25.59
CA ALA C 19 27.80 -20.20 25.80
C ALA C 19 26.46 -19.49 25.64
N CYS C 20 25.69 -19.90 24.62
CA CYS C 20 24.40 -19.27 24.33
C CYS C 20 23.39 -19.51 25.44
N TRP C 21 23.25 -20.75 25.87
CA TRP C 21 22.24 -21.10 26.85
C TRP C 21 22.61 -20.60 28.23
N GLU C 22 23.90 -20.57 28.53
CA GLU C 22 24.35 -20.03 29.81
C GLU C 22 23.93 -18.57 29.84
N LEU C 23 24.15 -17.88 28.73
CA LEU C 23 23.83 -16.46 28.64
C LEU C 23 22.33 -16.22 28.71
N TYR C 24 21.55 -17.05 28.01
CA TYR C 24 20.09 -16.96 28.05
C TYR C 24 19.56 -17.06 29.47
N CYS C 25 20.15 -17.97 30.24
CA CYS C 25 19.72 -18.17 31.62
C CYS C 25 19.95 -16.93 32.47
N LEU C 26 21.13 -16.32 32.33
CA LEU C 26 21.46 -15.13 33.07
C LEU C 26 20.57 -13.95 32.64
N GLU C 27 20.15 -13.97 31.37
CA GLU C 27 19.31 -12.89 30.85
C GLU C 27 17.88 -12.98 31.37
N HIS C 28 17.40 -14.20 31.57
CA HIS C 28 16.03 -14.42 32.02
C HIS C 28 15.94 -14.68 33.52
N GLY C 29 17.08 -14.91 34.15
CA GLY C 29 17.11 -15.13 35.60
C GLY C 29 16.83 -16.59 35.93
N ILE C 30 17.35 -17.49 35.12
CA ILE C 30 17.21 -18.92 35.34
C ILE C 30 18.48 -19.42 36.02
N GLN C 31 18.31 -20.14 37.13
CA GLN C 31 19.43 -20.71 37.87
C GLN C 31 19.90 -21.99 37.18
N PRO C 32 21.14 -22.43 37.49
CA PRO C 32 21.67 -23.64 36.85
C PRO C 32 20.82 -24.89 37.06
N ASP C 33 19.96 -24.88 38.08
CA ASP C 33 19.09 -26.03 38.35
C ASP C 33 17.75 -25.89 37.62
N GLY C 34 17.63 -24.85 36.81
CA GLY C 34 16.44 -24.66 35.98
C GLY C 34 15.34 -23.89 36.66
N GLN C 35 15.56 -23.50 37.91
CA GLN C 35 14.54 -22.75 38.65
C GLN C 35 14.58 -21.28 38.25
N MET C 36 13.39 -20.68 38.16
CA MET C 36 13.23 -19.28 37.79
C MET C 36 12.25 -18.59 38.73
N PRO C 37 12.75 -18.07 39.87
CA PRO C 37 11.91 -17.49 40.92
C PRO C 37 10.89 -16.45 40.42
N SER C 38 11.24 -15.72 39.37
CA SER C 38 10.38 -14.66 38.88
C SER C 38 9.18 -15.17 38.10
N ASP C 39 9.25 -16.43 37.65
CA ASP C 39 8.15 -17.05 36.91
C ASP C 39 7.11 -17.61 37.88
N LYS C 40 5.94 -16.98 37.90
CA LYS C 40 4.89 -17.34 38.85
C LYS C 40 3.92 -18.38 38.27
N THR C 41 4.01 -18.61 36.97
CA THR C 41 3.21 -19.66 36.33
C THR C 41 4.02 -20.96 36.29
N ILE C 42 3.70 -21.87 37.21
CA ILE C 42 4.43 -23.11 37.33
C ILE C 42 3.94 -24.15 36.34
N GLY C 43 4.86 -24.90 35.75
CA GLY C 43 4.52 -26.01 34.88
C GLY C 43 4.35 -25.63 33.42
N GLY C 44 4.18 -24.35 33.16
CA GLY C 44 3.99 -23.88 31.80
C GLY C 44 3.74 -22.39 31.73
N GLY C 45 3.29 -21.94 30.56
CA GLY C 45 3.01 -20.53 30.33
C GLY C 45 3.28 -20.17 28.89
N ASP C 46 2.96 -18.94 28.52
CA ASP C 46 3.15 -18.45 27.16
C ASP C 46 3.87 -17.11 27.15
N ASP C 47 4.78 -16.91 28.10
CA ASP C 47 5.61 -15.72 28.11
C ASP C 47 6.62 -15.78 26.97
N SER C 48 7.35 -14.69 26.77
CA SER C 48 8.24 -14.59 25.62
C SER C 48 9.42 -15.56 25.72
N PHE C 49 9.88 -15.82 26.94
CA PHE C 49 11.02 -16.70 27.13
C PHE C 49 10.64 -18.15 26.89
N ASN C 50 9.33 -18.44 26.89
CA ASN C 50 8.86 -19.80 26.70
C ASN C 50 9.03 -20.29 25.26
N THR C 51 9.44 -19.39 24.37
CA THR C 51 9.74 -19.77 22.99
C THR C 51 10.99 -20.63 22.96
N PHE C 52 11.90 -20.39 23.91
CA PHE C 52 13.16 -21.10 23.98
C PHE C 52 13.22 -22.08 25.15
N PHE C 53 12.30 -21.92 26.11
CA PHE C 53 12.30 -22.75 27.32
C PHE C 53 10.94 -23.39 27.56
N SER C 54 10.93 -24.72 27.71
CA SER C 54 9.74 -25.42 28.19
C SER C 54 9.76 -25.39 29.71
N GLU C 55 8.70 -25.87 30.34
CA GLU C 55 8.62 -25.88 31.79
C GLU C 55 8.08 -27.21 32.32
N THR C 56 8.69 -27.71 33.39
CA THR C 56 8.19 -28.88 34.09
C THR C 56 7.34 -28.45 35.28
N GLY C 57 6.50 -29.35 35.77
CA GLY C 57 5.65 -29.08 36.92
C GLY C 57 6.43 -28.72 38.16
N ALA C 58 7.67 -29.21 38.25
CA ALA C 58 8.53 -28.94 39.39
C ALA C 58 9.16 -27.56 39.33
N GLY C 59 8.83 -26.80 38.28
CA GLY C 59 9.32 -25.44 38.15
C GLY C 59 10.61 -25.34 37.35
N LYS C 60 11.05 -26.47 36.79
CA LYS C 60 12.25 -26.52 35.98
C LYS C 60 12.01 -25.90 34.61
N HIS C 61 12.90 -25.00 34.19
CA HIS C 61 12.83 -24.41 32.87
C HIS C 61 13.89 -25.03 31.96
N VAL C 62 13.44 -25.82 31.01
CA VAL C 62 14.33 -26.64 30.19
C VAL C 62 14.51 -26.05 28.80
N PRO C 63 15.76 -25.86 28.36
CA PRO C 63 16.02 -25.46 26.98
C PRO C 63 15.35 -26.38 25.96
N ARG C 64 14.65 -25.79 24.99
CA ARG C 64 14.15 -26.54 23.85
C ARG C 64 15.32 -26.79 22.90
N ALA C 65 16.24 -27.65 23.30
CA ALA C 65 17.49 -27.83 22.56
C ALA C 65 17.89 -29.29 22.46
N VAL C 66 18.69 -29.59 21.44
CA VAL C 66 19.28 -30.91 21.26
C VAL C 66 20.75 -30.75 20.95
N PHE C 67 21.59 -31.44 21.71
CA PHE C 67 23.02 -31.44 21.50
C PHE C 67 23.41 -32.76 20.84
N VAL C 68 24.07 -32.68 19.70
CA VAL C 68 24.48 -33.87 18.96
C VAL C 68 25.95 -33.80 18.58
N ASP C 69 26.68 -34.86 18.88
CA ASP C 69 28.05 -35.01 18.44
C ASP C 69 28.31 -36.49 18.20
N LEU C 70 29.21 -36.82 17.29
CA LEU C 70 29.46 -38.22 16.96
C LEU C 70 30.51 -38.84 17.87
N GLU C 71 31.06 -38.03 18.76
CA GLU C 71 31.93 -38.52 19.83
C GLU C 71 31.45 -37.89 21.14
N PRO C 72 31.81 -38.50 22.27
CA PRO C 72 31.16 -38.12 23.54
C PRO C 72 31.88 -37.07 24.39
N THR C 73 33.16 -36.80 24.16
CA THR C 73 33.94 -36.03 25.12
C THR C 73 33.43 -34.59 25.30
N VAL C 74 33.01 -33.95 24.22
CA VAL C 74 32.58 -32.55 24.30
C VAL C 74 31.22 -32.43 24.99
N ILE C 75 30.30 -33.34 24.67
CA ILE C 75 28.99 -33.34 25.30
C ILE C 75 29.07 -33.87 26.73
N ASP C 76 30.05 -34.73 27.01
CA ASP C 76 30.25 -35.25 28.36
C ASP C 76 30.48 -34.11 29.36
N GLU C 77 31.17 -33.07 28.92
CA GLU C 77 31.45 -31.92 29.78
C GLU C 77 30.18 -31.11 30.03
N VAL C 78 29.18 -31.27 29.18
CA VAL C 78 27.87 -30.70 29.43
C VAL C 78 27.13 -31.55 30.46
N ARG C 79 27.27 -32.87 30.33
CA ARG C 79 26.61 -33.82 31.21
C ARG C 79 27.12 -33.72 32.65
N THR C 80 28.38 -33.33 32.80
CA THR C 80 29.01 -33.24 34.12
C THR C 80 29.32 -31.78 34.48
N GLY C 81 28.91 -30.86 33.63
CA GLY C 81 29.25 -29.45 33.80
C GLY C 81 28.35 -28.71 34.76
N THR C 82 28.50 -27.39 34.77
CA THR C 82 27.74 -26.52 35.67
C THR C 82 26.25 -26.63 35.45
N TYR C 83 25.84 -26.73 34.18
CA TYR C 83 24.43 -26.73 33.81
C TYR C 83 23.93 -28.12 33.44
N ARG C 84 24.50 -29.14 34.07
CA ARG C 84 24.11 -30.52 33.81
C ARG C 84 22.65 -30.77 34.17
N GLN C 85 22.16 -30.05 35.18
CA GLN C 85 20.79 -30.19 35.63
C GLN C 85 19.81 -29.56 34.66
N LEU C 86 20.29 -28.61 33.87
CA LEU C 86 19.42 -27.84 32.98
C LEU C 86 18.79 -28.71 31.90
N PHE C 87 19.53 -29.71 31.44
CA PHE C 87 19.10 -30.54 30.32
C PHE C 87 18.67 -31.94 30.74
N HIS C 88 17.61 -32.44 30.11
CA HIS C 88 17.21 -33.84 30.25
C HIS C 88 18.26 -34.67 29.51
N PRO C 89 18.67 -35.82 30.08
CA PRO C 89 19.75 -36.60 29.47
C PRO C 89 19.50 -36.98 28.01
N GLU C 90 18.23 -37.06 27.61
CA GLU C 90 17.88 -37.47 26.26
C GLU C 90 18.05 -36.33 25.25
N GLN C 91 18.29 -35.12 25.76
CA GLN C 91 18.59 -33.98 24.90
C GLN C 91 20.06 -33.98 24.48
N LEU C 92 20.86 -34.77 25.19
CA LEU C 92 22.29 -34.89 24.92
C LEU C 92 22.61 -36.22 24.26
N ILE C 93 22.89 -36.18 22.97
CA ILE C 93 23.07 -37.39 22.16
C ILE C 93 24.51 -37.50 21.69
N THR C 94 25.08 -38.71 21.79
CA THR C 94 26.48 -38.93 21.46
C THR C 94 26.73 -40.30 20.81
N GLY C 95 27.71 -40.34 19.92
CA GLY C 95 28.21 -41.58 19.36
C GLY C 95 29.53 -41.93 20.01
N LYS C 96 30.28 -42.84 19.38
CA LYS C 96 31.58 -43.26 19.90
C LYS C 96 32.70 -42.80 18.99
N GLU C 97 32.53 -43.01 17.68
CA GLU C 97 33.53 -42.66 16.70
C GLU C 97 33.10 -41.39 15.95
N ASP C 98 33.98 -40.40 15.87
CA ASP C 98 33.65 -39.15 15.20
C ASP C 98 33.84 -39.25 13.70
N ALA C 99 33.74 -38.11 13.01
CA ALA C 99 33.81 -38.09 11.55
C ALA C 99 35.22 -37.84 11.04
N ALA C 100 36.15 -37.61 11.95
CA ALA C 100 37.55 -37.41 11.59
C ALA C 100 37.73 -36.32 10.54
N ASN C 101 37.03 -35.20 10.71
CA ASN C 101 37.11 -34.08 9.79
C ASN C 101 36.81 -34.47 8.34
N ASN C 102 35.87 -35.40 8.18
CA ASN C 102 35.49 -35.91 6.87
C ASN C 102 33.98 -35.81 6.68
N TYR C 103 33.56 -34.91 5.80
CA TYR C 103 32.15 -34.72 5.48
C TYR C 103 31.45 -36.05 5.17
N ALA C 104 32.15 -36.93 4.48
CA ALA C 104 31.59 -38.22 4.07
C ALA C 104 31.20 -39.07 5.27
N ARG C 105 32.08 -39.11 6.28
CA ARG C 105 31.81 -39.91 7.45
C ARG C 105 30.67 -39.30 8.27
N GLY C 106 30.61 -37.97 8.30
CA GLY C 106 29.56 -37.28 9.03
C GLY C 106 28.21 -37.42 8.37
N HIS C 107 28.19 -37.40 7.04
CA HIS C 107 26.94 -37.48 6.29
C HIS C 107 26.50 -38.92 6.05
N TYR C 108 27.46 -39.79 5.74
CA TYR C 108 27.16 -41.16 5.35
C TYR C 108 27.57 -42.21 6.38
N THR C 109 28.85 -42.57 6.37
CA THR C 109 29.35 -43.74 7.09
C THR C 109 28.97 -43.79 8.56
N ILE C 110 29.29 -42.72 9.29
CA ILE C 110 29.04 -42.69 10.73
C ILE C 110 27.68 -42.09 11.07
N GLY C 111 27.31 -41.03 10.34
CA GLY C 111 26.11 -40.28 10.66
C GLY C 111 24.82 -41.03 10.46
N LYS C 112 24.80 -41.97 9.52
CA LYS C 112 23.58 -42.73 9.23
C LYS C 112 23.20 -43.63 10.40
N GLU C 113 24.17 -43.90 11.27
CA GLU C 113 23.95 -44.84 12.37
C GLU C 113 23.22 -44.18 13.53
N ILE C 114 23.18 -42.85 13.54
CA ILE C 114 22.61 -42.12 14.67
C ILE C 114 21.52 -41.12 14.25
N ILE C 115 21.34 -40.95 12.95
CA ILE C 115 20.40 -39.93 12.45
C ILE C 115 18.96 -40.20 12.90
N ASP C 116 18.55 -41.47 12.88
CA ASP C 116 17.19 -41.83 13.27
C ASP C 116 16.93 -41.53 14.73
N LEU C 117 17.97 -41.67 15.55
CA LEU C 117 17.84 -41.39 16.97
C LEU C 117 17.67 -39.90 17.22
N VAL C 118 18.45 -39.09 16.51
CA VAL C 118 18.40 -37.64 16.68
C VAL C 118 17.01 -37.12 16.33
N LEU C 119 16.51 -37.52 15.16
CA LEU C 119 15.18 -37.11 14.73
C LEU C 119 14.10 -37.52 15.71
N ASP C 120 14.27 -38.69 16.31
CA ASP C 120 13.31 -39.18 17.30
C ASP C 120 13.31 -38.27 18.52
N ARG C 121 14.47 -37.76 18.88
CA ARG C 121 14.59 -36.89 20.05
C ARG C 121 14.11 -35.48 19.74
N ILE C 122 14.36 -35.02 18.51
CA ILE C 122 13.86 -33.73 18.05
C ILE C 122 12.33 -33.78 17.98
N ARG C 123 11.81 -34.93 17.57
CA ARG C 123 10.36 -35.12 17.50
C ARG C 123 9.72 -35.02 18.88
N LYS C 124 10.42 -35.51 19.90
CA LYS C 124 9.91 -35.44 21.27
C LYS C 124 9.79 -33.99 21.72
N LEU C 125 10.71 -33.15 21.28
CA LEU C 125 10.64 -31.73 21.58
C LEU C 125 9.52 -31.07 20.79
N ALA C 126 9.41 -31.43 19.51
CA ALA C 126 8.40 -30.84 18.64
C ALA C 126 6.98 -31.09 19.16
N ASP C 127 6.76 -32.27 19.74
CA ASP C 127 5.43 -32.63 20.24
C ASP C 127 5.06 -31.84 21.49
N GLN C 128 6.05 -31.24 22.15
CA GLN C 128 5.79 -30.38 23.30
C GLN C 128 5.30 -29.00 22.86
N CYS C 129 5.48 -28.69 21.58
CA CYS C 129 5.15 -27.38 21.05
C CYS C 129 3.71 -27.29 20.59
N THR C 130 3.06 -26.16 20.89
CA THR C 130 1.71 -25.90 20.46
C THR C 130 1.69 -25.12 19.14
N GLY C 131 2.82 -24.51 18.81
CA GLY C 131 2.95 -23.74 17.59
C GLY C 131 4.40 -23.55 17.19
N LEU C 132 5.06 -24.66 16.87
CA LEU C 132 6.47 -24.65 16.51
C LEU C 132 6.75 -23.74 15.31
N GLN C 133 7.63 -22.77 15.50
CA GLN C 133 7.98 -21.81 14.45
C GLN C 133 9.07 -22.35 13.53
N GLY C 134 10.11 -22.92 14.10
CA GLY C 134 11.21 -23.45 13.30
C GLY C 134 12.42 -23.84 14.12
N PHE C 135 13.52 -24.14 13.42
CA PHE C 135 14.73 -24.64 14.04
C PHE C 135 15.91 -23.69 13.89
N LEU C 136 16.74 -23.61 14.93
CA LEU C 136 18.03 -22.94 14.85
C LEU C 136 19.12 -24.00 14.91
N VAL C 137 19.95 -24.07 13.87
CA VAL C 137 21.00 -25.08 13.77
C VAL C 137 22.39 -24.48 13.91
N PHE C 138 23.12 -24.88 14.95
CA PHE C 138 24.47 -24.40 15.20
C PHE C 138 25.53 -25.44 14.83
N HIS C 139 26.48 -25.06 14.00
CA HIS C 139 27.47 -26.01 13.50
C HIS C 139 28.65 -25.30 12.87
N SER C 140 29.71 -26.05 12.62
CA SER C 140 30.89 -25.54 11.92
C SER C 140 30.86 -25.99 10.47
N PHE C 141 31.50 -25.22 9.60
CA PHE C 141 31.69 -25.61 8.21
C PHE C 141 32.79 -26.67 8.09
N GLY C 142 33.82 -26.55 8.93
CA GLY C 142 35.06 -27.29 8.75
C GLY C 142 35.08 -28.71 9.31
N GLY C 143 34.34 -28.95 10.39
CA GLY C 143 34.28 -30.25 11.01
C GLY C 143 33.57 -31.29 10.17
N GLY C 144 33.87 -32.55 10.42
CA GLY C 144 33.23 -33.65 9.72
C GLY C 144 31.81 -33.86 10.19
N THR C 145 31.57 -33.65 11.47
CA THR C 145 30.21 -33.73 12.01
C THR C 145 29.45 -32.44 11.70
N GLY C 146 30.11 -31.31 11.94
CA GLY C 146 29.49 -30.01 11.71
C GLY C 146 29.05 -29.83 10.27
N SER C 147 29.81 -30.42 9.35
CA SER C 147 29.50 -30.29 7.93
C SER C 147 28.60 -31.43 7.46
N GLY C 148 29.12 -32.65 7.53
CA GLY C 148 28.44 -33.82 7.01
C GLY C 148 27.14 -34.17 7.68
N PHE C 149 27.12 -34.24 9.00
CA PHE C 149 25.92 -34.65 9.72
C PHE C 149 24.86 -33.56 9.69
N THR C 150 25.28 -32.31 9.68
CA THR C 150 24.35 -31.19 9.59
C THR C 150 23.61 -31.22 8.27
N SER C 151 24.34 -31.46 7.19
CA SER C 151 23.73 -31.56 5.88
C SER C 151 22.66 -32.65 5.89
N LEU C 152 23.04 -33.81 6.41
CA LEU C 152 22.11 -34.93 6.50
C LEU C 152 20.89 -34.59 7.33
N LEU C 153 21.11 -33.93 8.46
CA LEU C 153 20.04 -33.54 9.36
C LEU C 153 19.09 -32.54 8.73
N MET C 154 19.65 -31.55 8.05
CA MET C 154 18.85 -30.52 7.40
C MET C 154 17.96 -31.13 6.31
N GLU C 155 18.54 -32.05 5.53
CA GLU C 155 17.79 -32.74 4.48
C GLU C 155 16.63 -33.52 5.08
N ARG C 156 16.86 -34.16 6.22
CA ARG C 156 15.83 -34.97 6.86
C ARG C 156 14.76 -34.11 7.52
N LEU C 157 15.15 -32.93 8.00
CA LEU C 157 14.20 -32.03 8.66
C LEU C 157 13.23 -31.44 7.64
N SER C 158 13.71 -31.21 6.42
CA SER C 158 12.85 -30.73 5.35
C SER C 158 11.78 -31.76 5.00
N VAL C 159 12.15 -33.03 5.07
CA VAL C 159 11.22 -34.10 4.75
C VAL C 159 10.19 -34.26 5.87
N ASP C 160 10.67 -34.22 7.11
CA ASP C 160 9.83 -34.49 8.27
C ASP C 160 8.99 -33.30 8.73
N TYR C 161 9.43 -32.08 8.38
CA TYR C 161 8.75 -30.86 8.83
C TYR C 161 8.43 -29.91 7.67
N GLY C 162 8.63 -30.38 6.44
CA GLY C 162 8.27 -29.60 5.27
C GLY C 162 9.07 -28.32 5.14
N LYS C 163 8.36 -27.19 4.99
CA LYS C 163 9.00 -25.90 4.83
C LYS C 163 8.99 -25.10 6.13
N LYS C 164 8.92 -25.82 7.24
CA LYS C 164 9.12 -25.23 8.55
C LYS C 164 10.47 -24.50 8.55
N SER C 165 10.51 -23.30 9.11
CA SER C 165 11.70 -22.46 9.06
C SER C 165 12.93 -23.12 9.67
N LYS C 166 14.06 -22.98 9.01
CA LYS C 166 15.32 -23.50 9.52
C LYS C 166 16.42 -22.45 9.33
N LEU C 167 16.88 -21.89 10.45
CA LEU C 167 17.97 -20.92 10.45
C LEU C 167 19.29 -21.59 10.80
N GLU C 168 20.38 -21.10 10.24
CA GLU C 168 21.70 -21.63 10.54
C GLU C 168 22.59 -20.59 11.23
N PHE C 169 23.39 -21.05 12.18
CA PHE C 169 24.53 -20.29 12.66
C PHE C 169 25.76 -21.12 12.32
N SER C 170 26.46 -20.71 11.27
CA SER C 170 27.56 -21.49 10.70
C SER C 170 28.91 -20.88 11.03
N ILE C 171 29.83 -21.70 11.53
CA ILE C 171 31.18 -21.25 11.84
C ILE C 171 32.08 -21.42 10.63
N TYR C 172 32.51 -20.28 10.09
CA TYR C 172 33.35 -20.22 8.90
C TYR C 172 34.81 -20.34 9.34
N PRO C 173 35.59 -21.20 8.67
CA PRO C 173 36.92 -21.56 9.16
C PRO C 173 37.96 -20.45 9.09
N ALA C 174 38.91 -20.48 10.02
CA ALA C 174 40.03 -19.55 10.04
C ALA C 174 41.31 -20.32 10.37
N PRO C 175 42.42 -19.95 9.72
CA PRO C 175 43.67 -20.70 9.93
C PRO C 175 44.22 -20.61 11.35
N GLN C 176 43.88 -19.54 12.07
CA GLN C 176 44.39 -19.34 13.43
C GLN C 176 43.91 -20.43 14.39
N VAL C 177 42.78 -21.03 14.09
CA VAL C 177 42.19 -22.03 14.98
C VAL C 177 41.65 -23.26 14.24
N SER C 178 41.98 -23.39 12.96
CA SER C 178 41.54 -24.55 12.19
C SER C 178 42.30 -25.79 12.65
N THR C 179 41.67 -26.95 12.46
CA THR C 179 42.24 -28.23 12.89
C THR C 179 42.32 -29.24 11.75
N ALA C 180 42.08 -28.80 10.52
CA ALA C 180 42.11 -29.70 9.38
C ALA C 180 42.46 -28.98 8.09
N VAL C 181 43.18 -29.67 7.21
CA VAL C 181 43.58 -29.12 5.93
C VAL C 181 42.39 -29.15 4.96
N VAL C 182 41.48 -30.09 5.18
CA VAL C 182 40.39 -30.33 4.26
C VAL C 182 39.12 -29.59 4.63
N GLU C 183 39.24 -28.54 5.42
CA GLU C 183 38.08 -27.77 5.84
C GLU C 183 37.41 -27.04 4.67
N PRO C 184 38.21 -26.57 3.68
CA PRO C 184 37.59 -26.02 2.47
C PRO C 184 36.67 -27.02 1.77
N TYR C 185 37.10 -28.26 1.63
CA TYR C 185 36.25 -29.29 1.04
C TYR C 185 34.94 -29.43 1.78
N ASN C 186 35.02 -29.66 3.09
CA ASN C 186 33.83 -29.84 3.91
C ASN C 186 32.91 -28.64 3.84
N SER C 187 33.48 -27.44 3.75
CA SER C 187 32.71 -26.21 3.71
C SER C 187 31.85 -26.13 2.45
N ILE C 188 32.47 -26.37 1.29
CA ILE C 188 31.76 -26.31 0.03
C ILE C 188 30.69 -27.39 -0.02
N LEU C 189 31.04 -28.59 0.42
CA LEU C 189 30.12 -29.72 0.36
C LEU C 189 28.87 -29.47 1.20
N THR C 190 29.03 -28.93 2.39
CA THR C 190 27.90 -28.71 3.28
C THR C 190 27.07 -27.51 2.82
N THR C 191 27.75 -26.51 2.27
CA THR C 191 27.05 -25.32 1.80
C THR C 191 26.14 -25.69 0.63
N HIS C 192 26.65 -26.51 -0.27
CA HIS C 192 25.90 -26.95 -1.44
C HIS C 192 24.69 -27.79 -1.07
N THR C 193 24.89 -28.71 -0.12
CA THR C 193 23.85 -29.67 0.25
C THR C 193 22.75 -29.02 1.08
N THR C 194 23.11 -27.99 1.84
CA THR C 194 22.18 -27.34 2.76
C THR C 194 21.45 -26.16 2.12
N LEU C 195 22.02 -25.63 1.04
CA LEU C 195 21.56 -24.36 0.45
C LEU C 195 20.05 -24.33 0.20
N GLU C 196 19.51 -25.41 -0.35
CA GLU C 196 18.09 -25.43 -0.70
C GLU C 196 17.20 -25.81 0.49
N HIS C 197 17.83 -26.14 1.62
CA HIS C 197 17.08 -26.58 2.80
C HIS C 197 17.09 -25.56 3.92
N SER C 198 17.91 -24.52 3.78
CA SER C 198 18.01 -23.47 4.78
C SER C 198 17.29 -22.20 4.32
N ASP C 199 16.62 -21.53 5.25
CA ASP C 199 15.88 -20.31 4.95
C ASP C 199 16.75 -19.07 5.17
N CYS C 200 17.67 -19.17 6.13
CA CYS C 200 18.51 -18.04 6.50
C CYS C 200 19.72 -18.52 7.29
N ALA C 201 20.91 -18.14 6.84
CA ALA C 201 22.15 -18.61 7.46
C ALA C 201 23.06 -17.45 7.86
N PHE C 202 23.40 -17.39 9.14
CA PHE C 202 24.34 -16.40 9.66
C PHE C 202 25.73 -17.00 9.77
N MET C 203 26.65 -16.56 8.92
CA MET C 203 28.02 -17.03 8.94
C MET C 203 28.84 -16.28 9.98
N VAL C 204 29.65 -17.02 10.72
CA VAL C 204 30.57 -16.44 11.70
C VAL C 204 32.01 -16.78 11.32
N ASP C 205 32.70 -15.82 10.73
CA ASP C 205 34.12 -15.98 10.41
C ASP C 205 34.93 -15.99 11.70
N ASN C 206 35.53 -17.13 12.02
CA ASN C 206 36.36 -17.24 13.21
C ASN C 206 37.50 -16.23 13.22
N GLU C 207 38.03 -15.90 12.05
CA GLU C 207 39.13 -14.94 11.97
C GLU C 207 38.65 -13.55 12.33
N ALA C 208 37.42 -13.23 11.94
CA ALA C 208 36.83 -11.94 12.29
C ALA C 208 36.67 -11.86 13.80
N ILE C 209 36.12 -12.91 14.39
CA ILE C 209 35.92 -12.96 15.84
C ILE C 209 37.27 -12.96 16.55
N TYR C 210 38.23 -13.69 15.99
CA TYR C 210 39.58 -13.77 16.54
C TYR C 210 40.20 -12.38 16.61
N ASP C 211 40.08 -11.63 15.51
CA ASP C 211 40.65 -10.29 15.44
C ASP C 211 39.96 -9.32 16.39
N ILE C 212 38.64 -9.42 16.49
CA ILE C 212 37.89 -8.56 17.40
C ILE C 212 38.33 -8.80 18.83
N CYS C 213 38.65 -10.05 19.16
CA CYS C 213 39.12 -10.35 20.50
C CYS C 213 40.53 -9.78 20.71
N ARG C 214 41.38 -9.89 19.70
CA ARG C 214 42.74 -9.39 19.82
C ARG C 214 42.78 -7.86 19.90
N ARG C 215 42.05 -7.21 19.00
CA ARG C 215 42.14 -5.75 18.89
C ARG C 215 41.32 -5.03 19.97
N ASN C 216 40.07 -5.46 20.16
CA ASN C 216 39.13 -4.71 21.01
C ASN C 216 39.15 -5.11 22.48
N LEU C 217 39.59 -6.34 22.76
CA LEU C 217 39.61 -6.86 24.13
C LEU C 217 41.03 -7.13 24.63
N ASP C 218 42.01 -6.88 23.77
CA ASP C 218 43.42 -7.07 24.12
C ASP C 218 43.69 -8.46 24.67
N ILE C 219 43.11 -9.47 24.02
CA ILE C 219 43.39 -10.86 24.32
C ILE C 219 44.55 -11.31 23.45
N GLU C 220 45.65 -11.72 24.08
CA GLU C 220 46.87 -12.06 23.35
C GLU C 220 46.65 -13.18 22.35
N ARG C 221 46.10 -14.30 22.82
CA ARG C 221 45.85 -15.47 21.97
C ARG C 221 44.49 -16.08 22.31
N PRO C 222 43.42 -15.55 21.69
CA PRO C 222 42.05 -15.98 21.98
C PRO C 222 41.84 -17.48 21.93
N THR C 223 41.10 -18.00 22.90
CA THR C 223 40.70 -19.40 22.92
C THR C 223 39.26 -19.53 22.45
N TYR C 224 38.80 -20.76 22.26
CA TYR C 224 37.41 -20.99 21.87
C TYR C 224 36.48 -20.39 22.91
N THR C 225 36.92 -20.34 24.15
CA THR C 225 36.11 -19.74 25.21
C THR C 225 35.96 -18.24 24.98
N ASN C 226 37.04 -17.60 24.53
CA ASN C 226 36.99 -16.17 24.21
C ASN C 226 36.08 -15.91 23.02
N LEU C 227 36.23 -16.72 21.98
CA LEU C 227 35.44 -16.56 20.76
C LEU C 227 33.96 -16.83 21.02
N ASN C 228 33.68 -17.90 21.77
CA ASN C 228 32.31 -18.32 21.98
C ASN C 228 31.51 -17.33 22.83
N ARG C 229 32.18 -16.66 23.76
CA ARG C 229 31.50 -15.70 24.61
C ARG C 229 31.10 -14.46 23.82
N LEU C 230 31.86 -14.13 22.79
CA LEU C 230 31.54 -13.00 21.95
C LEU C 230 30.44 -13.39 20.95
N ILE C 231 30.57 -14.59 20.38
CA ILE C 231 29.56 -15.09 19.45
C ILE C 231 28.19 -15.21 20.13
N SER C 232 28.19 -15.64 21.39
CA SER C 232 26.94 -15.82 22.11
C SER C 232 26.19 -14.49 22.25
N GLN C 233 26.95 -13.41 22.41
CA GLN C 233 26.36 -12.08 22.53
C GLN C 233 25.66 -11.69 21.23
N ILE C 234 26.27 -12.05 20.11
CA ILE C 234 25.72 -11.74 18.80
C ILE C 234 24.48 -12.60 18.55
N VAL C 235 24.57 -13.88 18.88
CA VAL C 235 23.42 -14.79 18.73
C VAL C 235 22.28 -14.32 19.62
N SER C 236 22.62 -13.84 20.80
CA SER C 236 21.62 -13.37 21.74
C SER C 236 20.86 -12.16 21.22
N SER C 237 21.58 -11.22 20.61
CA SER C 237 20.97 -10.02 20.03
C SER C 237 19.98 -10.38 18.92
N ILE C 238 20.33 -11.39 18.13
CA ILE C 238 19.50 -11.84 17.03
C ILE C 238 18.23 -12.55 17.53
N THR C 239 18.36 -13.33 18.60
CA THR C 239 17.24 -14.09 19.12
C THR C 239 16.44 -13.31 20.16
N ALA C 240 16.99 -12.19 20.61
CA ALA C 240 16.38 -11.40 21.67
C ALA C 240 14.95 -11.01 21.32
N SER C 241 14.70 -10.79 20.04
CA SER C 241 13.37 -10.41 19.57
C SER C 241 12.36 -11.54 19.73
N LEU C 242 12.87 -12.76 19.90
CA LEU C 242 12.02 -13.94 20.07
C LEU C 242 11.77 -14.22 21.56
N ARG C 243 12.77 -13.93 22.37
CA ARG C 243 12.77 -14.31 23.78
C ARG C 243 12.19 -13.23 24.69
N PHE C 244 12.21 -11.99 24.22
CA PHE C 244 11.59 -10.89 24.95
C PHE C 244 10.52 -10.23 24.08
N ASP C 245 9.72 -9.36 24.68
CA ASP C 245 8.76 -8.59 23.91
C ASP C 245 8.57 -7.21 24.53
N GLY C 246 8.28 -6.25 23.66
CA GLY C 246 8.03 -4.88 24.07
C GLY C 246 7.32 -4.15 22.97
N ALA C 247 6.98 -2.88 23.21
CA ALA C 247 6.26 -2.08 22.23
C ALA C 247 7.11 -1.90 20.96
N LEU C 248 8.40 -1.66 21.14
CA LEU C 248 9.29 -1.35 20.03
C LEU C 248 9.98 -2.59 19.45
N ASN C 249 9.68 -3.75 20.01
CA ASN C 249 10.30 -4.99 19.56
C ASN C 249 9.81 -5.40 18.17
N VAL C 250 10.75 -5.86 17.35
CA VAL C 250 10.44 -6.35 16.01
C VAL C 250 10.90 -7.79 15.90
N ASP C 251 9.98 -8.67 15.55
CA ASP C 251 10.25 -10.10 15.47
C ASP C 251 11.33 -10.39 14.44
N LEU C 252 12.12 -11.42 14.68
CA LEU C 252 13.19 -11.80 13.76
C LEU C 252 12.66 -12.16 12.38
N THR C 253 11.41 -12.62 12.32
CA THR C 253 10.79 -13.01 11.06
C THR C 253 10.49 -11.81 10.16
N GLU C 254 10.24 -10.66 10.78
CA GLU C 254 10.02 -9.45 10.02
C GLU C 254 11.31 -8.98 9.35
N PHE C 255 12.41 -9.05 10.08
CA PHE C 255 13.71 -8.71 9.51
C PHE C 255 14.03 -9.66 8.38
N GLN C 256 13.61 -10.91 8.54
CA GLN C 256 13.93 -11.94 7.57
C GLN C 256 13.22 -11.70 6.24
N THR C 257 12.07 -11.03 6.29
CA THR C 257 11.33 -10.67 5.08
C THR C 257 12.15 -9.70 4.23
N ASN C 258 12.82 -8.77 4.91
CA ASN C 258 13.66 -7.79 4.24
C ASN C 258 15.02 -8.35 3.79
N LEU C 259 15.56 -9.28 4.56
CA LEU C 259 16.94 -9.75 4.36
C LEU C 259 17.10 -10.80 3.27
N VAL C 260 15.99 -11.39 2.82
CA VAL C 260 16.04 -12.45 1.81
C VAL C 260 15.24 -12.10 0.54
N PRO C 261 15.89 -11.46 -0.44
CA PRO C 261 15.20 -11.07 -1.68
C PRO C 261 14.99 -12.25 -2.62
N TYR C 262 15.91 -13.20 -2.60
CA TYR C 262 15.75 -14.44 -3.34
C TYR C 262 16.18 -15.58 -2.43
N PRO C 263 15.56 -16.77 -2.60
CA PRO C 263 15.82 -17.91 -1.72
C PRO C 263 17.31 -18.21 -1.48
N ARG C 264 18.12 -18.17 -2.53
CA ARG C 264 19.55 -18.49 -2.41
C ARG C 264 20.32 -17.36 -1.75
N ILE C 265 19.81 -16.14 -1.87
CA ILE C 265 20.45 -14.99 -1.26
C ILE C 265 19.95 -14.81 0.19
N HIS C 266 20.38 -15.70 1.08
CA HIS C 266 19.90 -15.67 2.47
C HIS C 266 21.04 -15.69 3.49
N PHE C 267 22.14 -15.02 3.17
CA PHE C 267 23.30 -14.94 4.07
C PHE C 267 23.55 -13.51 4.56
N PRO C 268 22.89 -13.12 5.67
CA PRO C 268 23.11 -11.78 6.19
C PRO C 268 24.50 -11.59 6.80
N LEU C 269 25.00 -10.36 6.74
CA LEU C 269 26.23 -9.98 7.42
C LEU C 269 25.90 -9.30 8.74
N ALA C 270 26.36 -9.88 9.84
CA ALA C 270 26.10 -9.32 11.16
C ALA C 270 27.27 -8.45 11.62
N THR C 271 26.94 -7.38 12.33
CA THR C 271 27.95 -6.46 12.85
C THR C 271 27.51 -6.01 14.24
N TYR C 272 28.35 -6.25 15.24
CA TYR C 272 27.96 -6.03 16.63
C TYR C 272 28.81 -4.97 17.33
N ALA C 273 28.15 -4.11 18.10
CA ALA C 273 28.83 -3.11 18.91
C ALA C 273 27.99 -2.81 20.15
N PRO C 274 28.65 -2.43 21.26
CA PRO C 274 30.09 -2.23 21.44
C PRO C 274 30.80 -3.47 21.97
N VAL C 275 31.96 -3.78 21.40
CA VAL C 275 32.86 -4.78 21.98
C VAL C 275 34.01 -4.03 22.65
N ILE C 276 33.95 -3.94 23.96
CA ILE C 276 34.89 -3.11 24.72
C ILE C 276 35.15 -3.71 26.09
N SER C 277 36.40 -3.60 26.55
CA SER C 277 36.79 -4.16 27.85
C SER C 277 36.22 -3.33 28.99
N ALA C 278 36.09 -3.95 30.17
CA ALA C 278 35.59 -3.25 31.35
C ALA C 278 36.52 -2.10 31.72
N GLU C 279 37.82 -2.27 31.47
CA GLU C 279 38.80 -1.24 31.72
C GLU C 279 38.49 -0.01 30.87
N LYS C 280 38.40 -0.21 29.56
CA LYS C 280 38.18 0.88 28.62
C LYS C 280 36.75 1.43 28.75
N ALA C 281 35.81 0.59 29.15
CA ALA C 281 34.40 0.99 29.22
C ALA C 281 34.09 1.77 30.48
N TYR C 282 35.05 1.82 31.40
CA TYR C 282 34.87 2.56 32.65
C TYR C 282 34.91 4.06 32.38
N HIS C 283 33.96 4.79 32.96
CA HIS C 283 33.84 6.24 32.75
C HIS C 283 33.70 6.59 31.26
N GLU C 284 33.18 5.65 30.48
CA GLU C 284 32.99 5.84 29.04
C GLU C 284 31.57 5.49 28.63
N GLN C 285 30.76 6.51 28.41
CA GLN C 285 29.37 6.33 28.04
C GLN C 285 29.24 6.19 26.53
N LEU C 286 29.01 4.97 26.05
CA LEU C 286 28.84 4.74 24.62
C LEU C 286 27.40 5.01 24.19
N SER C 287 27.21 6.14 23.54
CA SER C 287 25.87 6.60 23.17
C SER C 287 25.28 5.77 22.03
N VAL C 288 24.00 5.98 21.77
CA VAL C 288 23.33 5.34 20.65
C VAL C 288 24.04 5.68 19.35
N ALA C 289 24.48 6.93 19.23
CA ALA C 289 25.15 7.38 18.01
C ALA C 289 26.52 6.71 17.85
N GLU C 290 27.19 6.46 18.96
CA GLU C 290 28.54 5.91 18.91
C GLU C 290 28.54 4.43 18.52
N ILE C 291 27.58 3.67 19.06
CA ILE C 291 27.51 2.25 18.74
C ILE C 291 26.94 2.03 17.34
N THR C 292 26.09 2.93 16.89
CA THR C 292 25.48 2.82 15.57
C THR C 292 26.52 3.09 14.48
N ASN C 293 27.41 4.04 14.72
CA ASN C 293 28.52 4.29 13.81
C ASN C 293 29.43 3.07 13.71
N ALA C 294 29.57 2.34 14.81
CA ALA C 294 30.45 1.17 14.85
C ALA C 294 29.95 0.05 13.97
N CYS C 295 28.66 0.07 13.64
CA CYS C 295 28.06 -0.98 12.81
C CYS C 295 28.50 -0.90 11.36
N PHE C 296 29.09 0.23 10.98
CA PHE C 296 29.52 0.44 9.60
C PHE C 296 31.04 0.51 9.50
N GLU C 297 31.71 0.19 10.60
CA GLU C 297 33.15 -0.03 10.60
C GLU C 297 33.39 -1.53 10.37
N PRO C 298 34.02 -1.90 9.25
CA PRO C 298 34.16 -3.33 8.93
C PRO C 298 34.96 -4.14 9.95
N ALA C 299 35.66 -3.47 10.84
CA ALA C 299 36.45 -4.16 11.87
C ALA C 299 35.54 -4.87 12.89
N ASN C 300 34.26 -4.52 12.87
CA ASN C 300 33.29 -5.05 13.83
C ASN C 300 32.34 -6.08 13.22
N GLN C 301 32.63 -6.50 11.99
CA GLN C 301 31.80 -7.48 11.28
C GLN C 301 32.09 -8.91 11.72
N MET C 302 31.09 -9.79 11.55
CA MET C 302 31.26 -11.20 11.86
C MET C 302 31.99 -11.93 10.76
N VAL C 303 31.94 -11.38 9.55
CA VAL C 303 32.62 -11.96 8.40
C VAL C 303 33.56 -10.92 7.81
N LYS C 304 34.78 -11.34 7.51
CA LYS C 304 35.76 -10.42 6.93
C LYS C 304 35.43 -10.20 5.46
N CYS C 305 34.97 -9.00 5.15
CA CYS C 305 34.60 -8.62 3.79
C CYS C 305 34.40 -7.11 3.79
N ASP C 306 34.33 -6.52 2.60
CA ASP C 306 34.24 -5.07 2.48
C ASP C 306 32.92 -4.62 1.84
N PRO C 307 31.95 -4.23 2.66
CA PRO C 307 30.67 -3.75 2.13
C PRO C 307 30.81 -2.47 1.31
N ARG C 308 31.84 -1.68 1.58
CA ARG C 308 32.08 -0.45 0.84
C ARG C 308 32.29 -0.75 -0.64
N HIS C 309 32.85 -1.92 -0.93
CA HIS C 309 33.12 -2.34 -2.31
C HIS C 309 31.98 -3.21 -2.85
N GLY C 310 30.81 -3.13 -2.21
CA GLY C 310 29.64 -3.86 -2.64
C GLY C 310 28.38 -3.01 -2.57
N LYS C 311 27.23 -3.64 -2.78
CA LYS C 311 25.95 -2.95 -2.72
C LYS C 311 25.03 -3.61 -1.71
N TYR C 312 24.28 -2.79 -0.98
CA TYR C 312 23.35 -3.28 0.02
C TYR C 312 22.01 -3.66 -0.61
N MET C 313 21.37 -4.66 -0.02
CA MET C 313 20.03 -5.06 -0.41
C MET C 313 19.09 -4.94 0.79
N ALA C 314 19.66 -4.77 1.97
CA ALA C 314 18.86 -4.59 3.18
C ALA C 314 19.74 -4.14 4.34
N CYS C 315 19.16 -3.40 5.28
CA CYS C 315 19.88 -2.95 6.44
C CYS C 315 18.94 -2.93 7.65
N CYS C 316 19.25 -3.79 8.62
CA CYS C 316 18.43 -3.92 9.81
C CYS C 316 19.25 -3.60 11.05
N LEU C 317 18.64 -2.89 12.01
CA LEU C 317 19.32 -2.53 13.25
C LEU C 317 18.56 -3.07 14.45
N LEU C 318 19.16 -4.03 15.13
CA LEU C 318 18.56 -4.66 16.31
C LEU C 318 19.18 -4.10 17.59
N TYR C 319 18.55 -3.06 18.14
CA TYR C 319 19.02 -2.43 19.36
C TYR C 319 18.50 -3.18 20.59
N ARG C 320 19.30 -3.18 21.65
CA ARG C 320 18.84 -3.66 22.94
C ARG C 320 19.43 -2.80 24.04
N GLY C 321 18.63 -2.53 25.07
CA GLY C 321 19.07 -1.75 26.21
C GLY C 321 18.49 -0.34 26.23
N ASP C 322 19.23 0.59 26.82
CA ASP C 322 18.76 1.97 26.95
C ASP C 322 18.81 2.69 25.60
N VAL C 323 17.79 2.48 24.79
CA VAL C 323 17.70 3.07 23.45
C VAL C 323 16.28 3.54 23.17
N VAL C 324 16.16 4.81 22.77
CA VAL C 324 14.86 5.38 22.41
C VAL C 324 14.86 5.71 20.92
N PRO C 325 13.67 5.70 20.29
CA PRO C 325 13.55 5.95 18.85
C PRO C 325 14.15 7.28 18.38
N LYS C 326 13.98 8.33 19.19
CA LYS C 326 14.51 9.66 18.86
C LYS C 326 16.01 9.62 18.56
N ASP C 327 16.77 9.04 19.48
CA ASP C 327 18.23 8.97 19.34
C ASP C 327 18.65 8.09 18.17
N VAL C 328 17.91 7.01 17.94
CA VAL C 328 18.18 6.12 16.81
C VAL C 328 17.97 6.85 15.49
N ASN C 329 16.84 7.52 15.35
CA ASN C 329 16.55 8.26 14.13
C ASN C 329 17.61 9.32 13.86
N ALA C 330 18.12 9.94 14.92
CA ALA C 330 19.16 10.94 14.79
C ALA C 330 20.49 10.32 14.35
N ALA C 331 20.81 9.16 14.92
CA ALA C 331 22.07 8.49 14.61
C ALA C 331 22.09 8.02 13.16
N ILE C 332 20.97 7.48 12.69
CA ILE C 332 20.86 7.01 11.31
C ILE C 332 20.96 8.16 10.32
N ALA C 333 20.35 9.29 10.66
CA ALA C 333 20.38 10.48 9.82
C ALA C 333 21.81 10.96 9.62
N THR C 334 22.58 10.96 10.70
CA THR C 334 23.98 11.36 10.66
C THR C 334 24.77 10.42 9.75
N ILE C 335 24.49 9.12 9.85
CA ILE C 335 25.20 8.11 9.07
C ILE C 335 24.88 8.21 7.58
N LYS C 336 23.60 8.39 7.25
CA LYS C 336 23.19 8.52 5.86
C LYS C 336 23.81 9.75 5.20
N THR C 337 24.19 10.72 6.03
CA THR C 337 24.87 11.92 5.54
C THR C 337 26.37 11.67 5.38
N LYS C 338 26.99 11.11 6.42
CA LYS C 338 28.44 10.95 6.46
C LYS C 338 28.93 9.74 5.67
N ARG C 339 28.26 8.60 5.85
CA ARG C 339 28.66 7.35 5.21
C ARG C 339 27.93 7.19 3.87
N SER C 340 28.63 6.62 2.90
CA SER C 340 28.03 6.30 1.61
C SER C 340 27.60 4.85 1.57
N ILE C 341 26.39 4.60 2.07
CA ILE C 341 25.81 3.26 2.04
C ILE C 341 24.99 3.13 0.76
N GLN C 342 25.58 2.47 -0.23
CA GLN C 342 24.93 2.33 -1.53
C GLN C 342 24.05 1.09 -1.63
N PHE C 343 22.78 1.30 -1.94
CA PHE C 343 21.85 0.21 -2.20
C PHE C 343 21.76 -0.09 -3.68
N VAL C 344 21.35 -1.31 -4.01
CA VAL C 344 20.97 -1.64 -5.38
C VAL C 344 19.74 -0.81 -5.74
N ASP C 345 19.49 -0.63 -7.03
CA ASP C 345 18.42 0.27 -7.45
C ASP C 345 17.02 -0.30 -7.21
N TRP C 346 16.93 -1.61 -6.98
CA TRP C 346 15.64 -2.27 -6.84
C TRP C 346 15.24 -2.47 -5.38
N CYS C 347 15.91 -1.78 -4.46
CA CYS C 347 15.58 -1.84 -3.03
C CYS C 347 15.37 -0.43 -2.47
N PRO C 348 14.40 -0.28 -1.54
CA PRO C 348 14.20 1.01 -0.88
C PRO C 348 15.35 1.38 0.05
N GLY C 350 16.03 2.49 3.18
CA GLY C 350 15.48 2.66 4.50
C GLY C 350 15.89 1.55 5.44
N PHE C 351 16.23 1.92 6.68
CA PHE C 351 16.69 0.96 7.67
C PHE C 351 15.53 0.51 8.55
N LYS C 352 15.37 -0.81 8.68
CA LYS C 352 14.37 -1.38 9.57
C LYS C 352 14.95 -1.48 10.98
N VAL C 353 14.25 -0.93 11.96
CA VAL C 353 14.76 -0.82 13.32
C VAL C 353 13.92 -1.58 14.33
N GLY C 354 14.59 -2.23 15.27
CA GLY C 354 13.93 -2.90 16.38
C GLY C 354 14.61 -2.53 17.67
N ILE C 355 13.86 -2.52 18.77
CA ILE C 355 14.42 -2.19 20.07
C ILE C 355 13.83 -3.09 21.16
N ASN C 356 14.70 -3.81 21.86
CA ASN C 356 14.35 -4.48 23.12
C ASN C 356 14.89 -3.66 24.29
N TYR C 357 14.09 -3.48 25.33
CA TYR C 357 14.50 -2.59 26.41
C TYR C 357 15.41 -3.30 27.43
N GLN C 358 15.40 -4.63 27.41
CA GLN C 358 16.26 -5.40 28.30
C GLN C 358 17.72 -5.21 27.91
N PRO C 359 18.56 -4.68 28.82
CA PRO C 359 19.95 -4.44 28.45
C PRO C 359 20.75 -5.73 28.34
N PRO C 360 21.91 -5.68 27.67
CA PRO C 360 22.73 -6.89 27.52
C PRO C 360 23.18 -7.44 28.86
N THR C 361 23.63 -8.69 28.86
CA THR C 361 24.17 -9.33 30.05
C THR C 361 25.52 -9.93 29.71
N VAL C 362 26.43 -9.91 30.68
CA VAL C 362 27.72 -10.55 30.51
C VAL C 362 27.85 -11.69 31.50
N VAL C 363 28.59 -12.72 31.12
CA VAL C 363 28.85 -13.84 32.01
C VAL C 363 30.02 -13.49 32.93
N PRO C 364 29.98 -13.97 34.19
CA PRO C 364 31.12 -13.74 35.09
C PRO C 364 32.43 -14.30 34.54
N GLY C 365 33.52 -13.58 34.74
CA GLY C 365 34.83 -14.02 34.28
C GLY C 365 35.10 -13.63 32.85
N GLY C 366 34.11 -13.06 32.19
CA GLY C 366 34.25 -12.64 30.81
C GLY C 366 35.09 -11.38 30.71
N ASP C 367 35.52 -11.07 29.50
CA ASP C 367 36.31 -9.88 29.25
C ASP C 367 35.46 -8.73 28.76
N LEU C 368 34.23 -9.03 28.33
CA LEU C 368 33.33 -7.99 27.83
C LEU C 368 32.77 -7.12 28.94
N ALA C 369 32.79 -5.81 28.72
CA ALA C 369 32.20 -4.88 29.67
C ALA C 369 30.70 -5.02 29.67
N LYS C 370 30.06 -4.66 30.77
CA LYS C 370 28.61 -4.64 30.85
C LYS C 370 28.12 -3.25 30.47
N VAL C 371 27.49 -3.17 29.30
CA VAL C 371 27.11 -1.88 28.72
C VAL C 371 25.62 -1.61 28.85
N GLN C 372 25.26 -0.34 28.86
CA GLN C 372 23.85 0.05 29.01
C GLN C 372 23.05 -0.26 27.75
N ARG C 373 23.71 -0.20 26.60
CA ARG C 373 23.04 -0.40 25.33
C ARG C 373 23.94 -1.08 24.31
N ALA C 374 23.33 -1.80 23.38
CA ALA C 374 24.08 -2.51 22.34
C ALA C 374 23.24 -2.61 21.07
N VAL C 375 23.90 -2.91 19.96
CA VAL C 375 23.22 -3.03 18.68
C VAL C 375 23.88 -4.08 17.81
N CYS C 376 23.05 -4.84 17.12
CA CYS C 376 23.53 -5.76 16.08
C CYS C 376 22.89 -5.36 14.75
N MET C 377 23.72 -5.07 13.78
CA MET C 377 23.24 -4.73 12.44
C MET C 377 23.24 -5.98 11.57
N LEU C 378 22.09 -6.28 10.97
CA LEU C 378 21.99 -7.35 9.99
C LEU C 378 21.81 -6.75 8.60
N SER C 379 22.79 -6.96 7.73
CA SER C 379 22.75 -6.39 6.39
C SER C 379 22.85 -7.49 5.35
N ASN C 380 22.17 -7.28 4.22
CA ASN C 380 22.32 -8.14 3.06
C ASN C 380 23.14 -7.38 2.02
N THR C 381 24.42 -7.68 1.97
CA THR C 381 25.34 -7.02 1.06
C THR C 381 26.00 -8.03 0.12
N THR C 382 26.30 -7.59 -1.09
CA THR C 382 26.95 -8.45 -2.06
C THR C 382 28.36 -8.82 -1.64
N ALA C 383 28.89 -8.08 -0.66
CA ALA C 383 30.27 -8.25 -0.21
C ALA C 383 30.47 -9.57 0.52
N ILE C 384 29.39 -10.17 1.02
CA ILE C 384 29.49 -11.44 1.72
C ILE C 384 30.01 -12.53 0.78
N ALA C 385 29.89 -12.29 -0.51
CA ALA C 385 30.35 -13.25 -1.50
C ALA C 385 31.86 -13.40 -1.49
N GLU C 386 32.55 -12.43 -0.88
CA GLU C 386 34.00 -12.53 -0.69
C GLU C 386 34.35 -13.80 0.06
N ALA C 387 33.54 -14.14 1.07
CA ALA C 387 33.79 -15.30 1.89
C ALA C 387 33.72 -16.59 1.07
N TRP C 388 32.76 -16.67 0.16
CA TRP C 388 32.66 -17.82 -0.73
C TRP C 388 33.87 -17.90 -1.64
N ALA C 389 34.28 -16.75 -2.16
CA ALA C 389 35.39 -16.69 -3.10
C ALA C 389 36.69 -17.20 -2.47
N ARG C 390 36.94 -16.81 -1.22
CA ARG C 390 38.15 -17.25 -0.52
C ARG C 390 38.15 -18.77 -0.34
N LEU C 391 37.03 -19.32 0.10
CA LEU C 391 36.91 -20.76 0.28
C LEU C 391 37.01 -21.49 -1.07
N ASP C 392 36.28 -20.96 -2.05
CA ASP C 392 36.25 -21.56 -3.38
C ASP C 392 37.63 -21.60 -4.02
N HIS C 393 38.48 -20.64 -3.68
CA HIS C 393 39.84 -20.61 -4.20
C HIS C 393 40.68 -21.70 -3.55
N LYS C 394 40.55 -21.84 -2.24
CA LYS C 394 41.29 -22.87 -1.50
C LYS C 394 40.80 -24.26 -1.89
N PHE C 395 39.51 -24.37 -2.21
CA PHE C 395 38.96 -25.61 -2.73
C PHE C 395 39.59 -25.97 -4.07
N ASP C 396 39.75 -24.97 -4.94
CA ASP C 396 40.23 -25.20 -6.29
C ASP C 396 41.71 -25.60 -6.32
N LEU C 397 42.49 -25.03 -5.41
CA LEU C 397 43.91 -25.32 -5.35
C LEU C 397 44.16 -26.79 -5.05
N MET C 398 43.41 -27.32 -4.09
CA MET C 398 43.58 -28.70 -3.67
C MET C 398 42.92 -29.69 -4.61
N TYR C 399 41.76 -29.33 -5.13
CA TYR C 399 40.98 -30.26 -5.95
C TYR C 399 41.58 -30.42 -7.34
N ALA C 400 42.37 -29.44 -7.78
CA ALA C 400 43.02 -29.53 -9.08
C ALA C 400 44.00 -30.70 -9.09
N LYS C 401 44.57 -30.99 -7.92
CA LYS C 401 45.50 -32.10 -7.74
C LYS C 401 44.82 -33.30 -7.08
N ARG C 402 43.53 -33.17 -6.80
CA ARG C 402 42.74 -34.19 -6.13
C ARG C 402 43.30 -34.55 -4.75
N ALA C 403 43.98 -33.58 -4.13
CA ALA C 403 44.58 -33.78 -2.81
C ALA C 403 43.53 -34.13 -1.77
N PHE C 404 43.79 -35.18 -1.00
CA PHE C 404 42.90 -35.64 0.07
C PHE C 404 41.56 -36.19 -0.42
N VAL C 405 41.34 -36.18 -1.73
CA VAL C 405 40.04 -36.59 -2.27
C VAL C 405 39.77 -38.06 -1.98
N HIS C 406 40.83 -38.86 -1.89
CA HIS C 406 40.68 -40.30 -1.71
C HIS C 406 40.05 -40.65 -0.36
N TRP C 407 40.22 -39.78 0.63
CA TRP C 407 39.62 -39.97 1.94
C TRP C 407 38.10 -39.95 1.83
N TYR C 408 37.60 -39.18 0.87
CA TYR C 408 36.18 -39.05 0.65
C TYR C 408 35.67 -40.18 -0.24
N VAL C 409 36.43 -40.50 -1.29
CA VAL C 409 36.09 -41.58 -2.18
C VAL C 409 36.11 -42.92 -1.44
N GLY C 410 37.01 -43.02 -0.46
CA GLY C 410 37.14 -44.22 0.33
C GLY C 410 35.96 -44.48 1.23
N GLU C 411 35.15 -43.44 1.45
CA GLU C 411 33.97 -43.54 2.30
C GLU C 411 32.68 -43.59 1.49
N GLY C 412 32.80 -43.64 0.17
CA GLY C 412 31.66 -43.87 -0.71
C GLY C 412 31.25 -42.70 -1.59
N MET C 413 31.91 -41.56 -1.43
CA MET C 413 31.60 -40.38 -2.25
C MET C 413 32.23 -40.47 -3.64
N GLU C 414 31.73 -39.65 -4.56
CA GLU C 414 32.24 -39.60 -5.92
C GLU C 414 32.82 -38.23 -6.21
N GLU C 415 33.74 -38.16 -7.16
CA GLU C 415 34.28 -36.88 -7.59
C GLU C 415 33.17 -35.98 -8.13
N GLY C 416 32.11 -36.60 -8.65
CA GLY C 416 30.98 -35.85 -9.18
C GLY C 416 30.37 -34.94 -8.16
N GLU C 417 30.28 -35.41 -6.92
CA GLU C 417 29.71 -34.61 -5.84
C GLU C 417 30.56 -33.38 -5.54
N PHE C 418 31.87 -33.50 -5.74
CA PHE C 418 32.78 -32.38 -5.54
C PHE C 418 32.54 -31.31 -6.59
N SER C 419 32.61 -31.72 -7.86
CA SER C 419 32.43 -30.79 -8.96
C SER C 419 31.03 -30.18 -8.94
N GLU C 420 30.04 -31.02 -8.63
CA GLU C 420 28.67 -30.56 -8.54
C GLU C 420 28.52 -29.50 -7.45
N ALA C 421 29.20 -29.70 -6.33
CA ALA C 421 29.16 -28.76 -5.24
C ALA C 421 29.87 -27.47 -5.59
N ARG C 422 31.02 -27.58 -6.25
CA ARG C 422 31.79 -26.41 -6.64
C ARG C 422 31.04 -25.58 -7.67
N GLU C 423 30.33 -26.24 -8.58
CA GLU C 423 29.58 -25.54 -9.61
C GLU C 423 28.42 -24.75 -8.99
N ASP C 424 27.82 -25.30 -7.95
CA ASP C 424 26.73 -24.62 -7.26
C ASP C 424 27.25 -23.36 -6.58
N MET C 425 28.45 -23.45 -6.00
CA MET C 425 29.08 -22.29 -5.36
C MET C 425 29.46 -21.24 -6.39
N ALA C 426 29.89 -21.70 -7.57
CA ALA C 426 30.24 -20.80 -8.66
C ALA C 426 29.00 -20.05 -9.13
N ALA C 427 27.86 -20.74 -9.16
CA ALA C 427 26.60 -20.13 -9.51
C ALA C 427 26.18 -19.13 -8.44
N LEU C 428 26.49 -19.45 -7.18
CA LEU C 428 26.14 -18.59 -6.06
C LEU C 428 26.93 -17.30 -6.09
N GLU C 429 28.21 -17.39 -6.47
CA GLU C 429 29.04 -16.21 -6.63
C GLU C 429 28.51 -15.35 -7.78
N LYS C 430 28.00 -16.02 -8.80
CA LYS C 430 27.48 -15.33 -9.98
C LYS C 430 26.16 -14.65 -9.66
N ASP C 431 25.37 -15.26 -8.77
CA ASP C 431 24.10 -14.68 -8.34
C ASP C 431 24.34 -13.39 -7.57
N TYR C 432 25.36 -13.38 -6.72
CA TYR C 432 25.66 -12.21 -5.91
C TYR C 432 26.23 -11.09 -6.77
N GLU C 433 26.75 -11.44 -7.94
CA GLU C 433 27.16 -10.42 -8.91
C GLU C 433 25.94 -9.85 -9.61
N GLU C 434 25.03 -10.74 -9.99
CA GLU C 434 23.86 -10.34 -10.79
C GLU C 434 22.92 -9.42 -10.03
N VAL C 435 22.70 -9.69 -8.75
CA VAL C 435 21.79 -8.87 -7.96
C VAL C 435 22.34 -7.45 -7.79
N GLY C 436 23.64 -7.29 -7.98
CA GLY C 436 24.29 -6.00 -7.77
C GLY C 436 24.24 -5.10 -8.99
N VAL C 437 24.08 -5.70 -10.16
CA VAL C 437 24.00 -4.93 -11.41
C VAL C 437 22.74 -4.07 -11.43
N ASP C 438 22.87 -2.86 -11.97
CA ASP C 438 21.74 -1.93 -12.08
C ASP C 438 20.72 -2.42 -13.11
N SER C 439 19.44 -2.15 -12.84
CA SER C 439 18.36 -2.57 -13.72
C SER C 439 18.39 -1.82 -15.05
N VAL C 440 17.73 -2.38 -16.05
CA VAL C 440 17.69 -1.79 -17.38
C VAL C 440 16.73 -0.61 -17.42
N MET D 1 38.83 -44.26 25.45
CA MET D 1 37.70 -44.76 24.61
C MET D 1 38.19 -45.18 23.24
N ARG D 2 39.09 -44.40 22.66
CA ARG D 2 39.71 -44.73 21.39
C ARG D 2 41.04 -45.45 21.65
N GLU D 3 40.99 -46.78 21.69
CA GLU D 3 42.16 -47.58 22.03
C GLU D 3 43.07 -47.84 20.85
N ILE D 4 44.37 -47.78 21.08
CA ILE D 4 45.37 -48.20 20.10
C ILE D 4 46.01 -49.50 20.58
N VAL D 5 46.14 -50.46 19.67
CA VAL D 5 46.84 -51.70 19.95
C VAL D 5 48.26 -51.59 19.43
N HIS D 6 49.23 -51.76 20.32
CA HIS D 6 50.64 -51.69 19.96
C HIS D 6 51.20 -53.08 19.67
N ILE D 7 51.99 -53.16 18.61
CA ILE D 7 52.69 -54.39 18.26
C ILE D 7 54.17 -54.08 18.05
N GLN D 8 55.04 -54.94 18.59
CA GLN D 8 56.48 -54.80 18.40
C GLN D 8 57.07 -56.14 17.98
N ALA D 9 57.71 -56.16 16.81
CA ALA D 9 58.23 -57.38 16.23
C ALA D 9 59.72 -57.30 15.98
N GLY D 10 60.41 -58.42 16.15
CA GLY D 10 61.83 -58.50 15.89
C GLY D 10 62.65 -57.88 17.00
N GLN D 11 63.98 -57.89 16.84
CA GLN D 11 64.87 -57.31 17.83
C GLN D 11 64.64 -55.81 17.92
N CYS D 12 64.92 -55.10 16.84
CA CYS D 12 64.78 -53.65 16.80
C CYS D 12 63.43 -53.17 17.32
N GLY D 13 62.36 -53.79 16.82
CA GLY D 13 61.02 -53.44 17.23
C GLY D 13 60.81 -53.57 18.72
N ASN D 14 61.28 -54.67 19.30
CA ASN D 14 61.13 -54.90 20.73
C ASN D 14 62.03 -53.98 21.55
N GLN D 15 63.19 -53.63 21.02
CA GLN D 15 64.11 -52.73 21.70
C GLN D 15 63.52 -51.33 21.82
N ILE D 16 63.16 -50.73 20.68
CA ILE D 16 62.57 -49.39 20.67
C ILE D 16 61.16 -49.43 21.25
N GLY D 17 60.48 -50.55 21.05
CA GLY D 17 59.15 -50.74 21.59
C GLY D 17 59.18 -50.67 23.11
N ALA D 18 60.14 -51.37 23.70
CA ALA D 18 60.29 -51.38 25.14
C ALA D 18 60.55 -49.97 25.65
N LYS D 19 61.51 -49.30 25.03
CA LYS D 19 61.91 -47.95 25.44
C LYS D 19 60.75 -46.96 25.31
N PHE D 20 59.93 -47.13 24.27
CA PHE D 20 58.76 -46.28 24.09
C PHE D 20 57.84 -46.38 25.31
N TRP D 21 57.58 -47.59 25.76
CA TRP D 21 56.70 -47.82 26.90
C TRP D 21 57.32 -47.32 28.20
N GLU D 22 58.64 -47.40 28.29
CA GLU D 22 59.35 -46.91 29.47
C GLU D 22 59.15 -45.40 29.61
N VAL D 23 59.18 -44.71 28.48
CA VAL D 23 59.14 -43.25 28.48
C VAL D 23 57.74 -42.71 28.75
N ILE D 24 56.74 -43.23 28.04
CA ILE D 24 55.38 -42.71 28.19
C ILE D 24 54.77 -43.13 29.52
N SER D 25 55.20 -44.28 30.03
CA SER D 25 54.74 -44.74 31.34
C SER D 25 55.17 -43.74 32.40
N ASP D 26 56.35 -43.17 32.22
CA ASP D 26 56.87 -42.16 33.14
C ASP D 26 56.08 -40.85 32.99
N GLU D 27 55.75 -40.52 31.76
CA GLU D 27 54.98 -39.31 31.47
C GLU D 27 53.57 -39.40 32.07
N HIS D 28 53.00 -40.60 32.03
CA HIS D 28 51.65 -40.82 32.56
C HIS D 28 51.67 -41.18 34.04
N GLY D 29 52.86 -41.48 34.58
CA GLY D 29 53.01 -41.76 35.99
C GLY D 29 52.70 -43.20 36.36
N ILE D 30 52.99 -44.11 35.44
CA ILE D 30 52.81 -45.55 35.68
C ILE D 30 54.15 -46.18 36.05
N ASP D 31 54.19 -46.86 37.19
CA ASP D 31 55.41 -47.54 37.63
C ASP D 31 55.50 -48.94 37.01
N PRO D 32 56.67 -49.58 37.10
CA PRO D 32 56.86 -50.89 36.46
C PRO D 32 55.85 -51.94 36.88
N THR D 33 55.20 -51.76 38.02
CA THR D 33 54.22 -52.74 38.51
C THR D 33 52.84 -52.47 37.93
N GLY D 34 52.68 -51.33 37.27
CA GLY D 34 51.42 -50.99 36.62
C GLY D 34 50.52 -50.12 37.47
N SER D 35 51.04 -49.63 38.59
CA SER D 35 50.25 -48.78 39.48
C SER D 35 50.49 -47.31 39.16
N TYR D 36 49.50 -46.48 39.45
CA TYR D 36 49.57 -45.05 39.16
C TYR D 36 49.97 -44.23 40.38
N HIS D 37 51.10 -43.52 40.27
CA HIS D 37 51.54 -42.59 41.30
C HIS D 37 51.94 -41.27 40.65
N GLY D 38 50.94 -40.56 40.13
CA GLY D 38 51.16 -39.31 39.41
C GLY D 38 50.67 -38.10 40.17
N ASP D 39 50.82 -36.93 39.55
CA ASP D 39 50.53 -35.66 40.21
C ASP D 39 49.41 -34.86 39.51
N SER D 40 49.14 -35.18 38.25
CA SER D 40 48.17 -34.43 37.46
C SER D 40 47.12 -35.35 36.83
N ASP D 41 45.89 -34.86 36.74
CA ASP D 41 44.78 -35.62 36.17
C ASP D 41 44.90 -35.71 34.65
N LEU D 42 45.69 -34.82 34.05
CA LEU D 42 45.91 -34.84 32.61
C LEU D 42 46.63 -36.12 32.19
N GLN D 43 47.24 -36.80 33.15
CA GLN D 43 47.94 -38.05 32.88
C GLN D 43 46.98 -39.21 32.65
N LEU D 44 45.81 -39.14 33.30
CA LEU D 44 44.83 -40.23 33.24
C LEU D 44 43.60 -39.88 32.41
N GLU D 45 43.61 -38.72 31.77
CA GLU D 45 42.49 -38.30 30.95
C GLU D 45 42.29 -39.24 29.77
N ARG D 46 43.38 -39.54 29.07
CA ARG D 46 43.33 -40.40 27.90
C ARG D 46 44.32 -41.55 28.04
N ILE D 47 44.39 -42.14 29.23
CA ILE D 47 45.31 -43.22 29.51
C ILE D 47 44.88 -44.50 28.78
N ASN D 48 43.57 -44.66 28.62
CA ASN D 48 43.02 -45.87 28.03
C ASN D 48 43.40 -46.05 26.56
N VAL D 49 44.00 -45.03 25.96
CA VAL D 49 44.44 -45.09 24.57
C VAL D 49 45.52 -46.16 24.41
N TYR D 50 46.40 -46.26 25.39
CA TYR D 50 47.52 -47.18 25.33
C TYR D 50 47.51 -48.21 26.46
N TYR D 51 46.66 -48.01 27.46
CA TYR D 51 46.66 -48.85 28.65
C TYR D 51 45.31 -49.48 28.98
N ASN D 52 45.32 -50.79 29.18
CA ASN D 52 44.15 -51.49 29.72
C ASN D 52 44.15 -51.38 31.23
N GLU D 53 42.97 -51.22 31.82
CA GLU D 53 42.84 -51.14 33.27
C GLU D 53 42.40 -52.48 33.85
N ALA D 54 43.12 -52.94 34.87
CA ALA D 54 42.85 -54.24 35.49
C ALA D 54 42.39 -54.06 36.93
N THR D 55 42.23 -55.18 37.63
CA THR D 55 41.78 -55.15 39.02
C THR D 55 42.83 -54.48 39.90
N GLY D 56 42.35 -53.72 40.88
CA GLY D 56 43.25 -53.00 41.79
C GLY D 56 43.87 -51.78 41.13
N ASN D 57 43.20 -51.26 40.12
CA ASN D 57 43.65 -50.08 39.39
C ASN D 57 45.07 -50.26 38.83
N LYS D 58 45.27 -51.38 38.14
CA LYS D 58 46.55 -51.65 37.48
C LYS D 58 46.43 -51.34 35.99
N TYR D 59 47.40 -50.60 35.46
CA TYR D 59 47.40 -50.20 34.05
C TYR D 59 48.37 -51.05 33.24
N VAL D 60 47.80 -51.88 32.36
CA VAL D 60 48.60 -52.80 31.53
C VAL D 60 48.71 -52.26 30.11
N PRO D 61 49.93 -52.14 29.58
CA PRO D 61 50.08 -51.73 28.18
C PRO D 61 49.33 -52.65 27.22
N ARG D 62 48.54 -52.07 26.33
CA ARG D 62 47.87 -52.84 25.29
C ARG D 62 48.88 -53.19 24.20
N ALA D 63 49.90 -53.96 24.59
CA ALA D 63 51.04 -54.25 23.73
C ALA D 63 51.18 -55.74 23.44
N ILE D 64 51.68 -56.05 22.25
CA ILE D 64 51.91 -57.42 21.83
C ILE D 64 53.35 -57.57 21.37
N LEU D 65 54.09 -58.46 22.03
CA LEU D 65 55.51 -58.63 21.76
C LEU D 65 55.76 -59.86 20.90
N VAL D 66 56.39 -59.65 19.74
CA VAL D 66 56.59 -60.71 18.76
C VAL D 66 58.06 -60.85 18.39
N ASP D 67 58.48 -62.09 18.15
CA ASP D 67 59.84 -62.37 17.65
C ASP D 67 59.93 -63.84 17.27
N LEU D 68 60.84 -64.17 16.35
CA LEU D 68 61.04 -65.56 15.94
C LEU D 68 62.17 -66.23 16.73
N GLU D 69 62.67 -65.53 17.76
CA GLU D 69 63.62 -66.11 18.69
C GLU D 69 63.46 -65.44 20.05
N PRO D 70 63.64 -66.21 21.14
CA PRO D 70 63.25 -65.71 22.46
C PRO D 70 64.28 -64.80 23.12
N GLY D 71 65.42 -64.61 22.47
CA GLY D 71 66.51 -63.84 23.04
C GLY D 71 66.12 -62.46 23.53
N THR D 72 65.63 -61.63 22.61
CA THR D 72 65.32 -60.24 22.92
C THR D 72 64.17 -60.12 23.91
N MET D 73 63.15 -60.96 23.75
CA MET D 73 61.96 -60.89 24.59
C MET D 73 62.26 -61.28 26.02
N ASP D 74 63.25 -62.15 26.22
CA ASP D 74 63.69 -62.50 27.56
C ASP D 74 64.36 -61.29 28.22
N SER D 75 65.07 -60.50 27.43
CA SER D 75 65.73 -59.30 27.91
C SER D 75 64.70 -58.25 28.32
N VAL D 76 63.60 -58.20 27.58
CA VAL D 76 62.52 -57.28 27.90
C VAL D 76 61.84 -57.69 29.20
N ARG D 77 61.54 -58.98 29.33
CA ARG D 77 60.81 -59.50 30.48
C ARG D 77 61.59 -59.26 31.77
N SER D 78 62.91 -59.40 31.69
CA SER D 78 63.77 -59.14 32.84
C SER D 78 64.33 -57.72 32.77
N GLY D 79 63.60 -56.85 32.09
CA GLY D 79 63.97 -55.44 32.01
C GLY D 79 63.33 -54.66 33.13
N PRO D 80 63.48 -53.32 33.11
CA PRO D 80 62.89 -52.46 34.15
C PRO D 80 61.37 -52.57 34.21
N PHE D 81 60.71 -52.32 33.08
CA PHE D 81 59.27 -52.41 32.99
C PHE D 81 58.83 -53.76 32.40
N GLY D 82 59.68 -54.77 32.56
CA GLY D 82 59.40 -56.08 32.00
C GLY D 82 58.17 -56.73 32.59
N GLN D 83 57.86 -56.38 33.85
CA GLN D 83 56.75 -57.01 34.56
C GLN D 83 55.41 -56.34 34.26
N ILE D 84 55.44 -55.17 33.63
CA ILE D 84 54.21 -54.43 33.37
C ILE D 84 53.39 -55.11 32.28
N PHE D 85 54.08 -55.73 31.32
CA PHE D 85 53.42 -56.33 30.17
C PHE D 85 52.61 -57.57 30.55
N ARG D 86 51.55 -57.82 29.80
CA ARG D 86 50.74 -59.01 30.00
C ARG D 86 51.53 -60.23 29.56
N PRO D 87 51.70 -61.22 30.47
CA PRO D 87 52.52 -62.40 30.13
C PRO D 87 52.05 -63.16 28.89
N ASP D 88 50.73 -63.29 28.72
CA ASP D 88 50.19 -64.04 27.59
C ASP D 88 50.33 -63.28 26.27
N ASN D 89 50.72 -62.02 26.34
CA ASN D 89 50.92 -61.21 25.14
C ASN D 89 52.31 -61.40 24.55
N PHE D 90 53.14 -62.21 25.21
CA PHE D 90 54.41 -62.62 24.65
C PHE D 90 54.21 -63.80 23.70
N VAL D 91 54.59 -63.61 22.44
CA VAL D 91 54.45 -64.65 21.42
C VAL D 91 55.77 -64.81 20.67
N PHE D 92 56.42 -65.94 20.85
CA PHE D 92 57.74 -66.17 20.26
C PHE D 92 57.95 -67.59 19.76
N GLY D 93 58.73 -67.71 18.69
CA GLY D 93 59.14 -69.00 18.16
C GLY D 93 60.46 -69.41 18.77
N GLN D 94 61.27 -70.13 18.00
CA GLN D 94 62.56 -70.62 18.48
C GLN D 94 63.62 -70.63 17.39
N SER D 95 63.21 -70.85 16.15
CA SER D 95 64.14 -71.08 15.06
C SER D 95 64.82 -69.81 14.52
N GLY D 96 64.26 -68.65 14.85
CA GLY D 96 64.79 -67.39 14.36
C GLY D 96 64.54 -67.23 12.86
N ALA D 97 64.88 -66.06 12.34
CA ALA D 97 64.70 -65.75 10.93
C ALA D 97 66.04 -65.53 10.26
N GLY D 98 67.04 -65.15 11.06
CA GLY D 98 68.39 -64.97 10.55
C GLY D 98 68.49 -63.91 9.47
N ASN D 99 67.78 -62.80 9.66
CA ASN D 99 67.80 -61.68 8.73
C ASN D 99 67.41 -62.06 7.30
N ASN D 100 66.49 -63.02 7.18
CA ASN D 100 65.94 -63.40 5.88
C ASN D 100 64.48 -62.97 5.81
N TRP D 101 64.19 -62.01 4.94
CA TRP D 101 62.85 -61.47 4.79
C TRP D 101 61.86 -62.55 4.38
N ALA D 102 62.31 -63.49 3.55
CA ALA D 102 61.46 -64.56 3.06
C ALA D 102 61.05 -65.48 4.20
N LYS D 103 61.98 -65.73 5.12
CA LYS D 103 61.69 -66.58 6.27
C LYS D 103 60.64 -65.96 7.17
N GLY D 104 60.72 -64.65 7.35
CA GLY D 104 59.81 -63.95 8.23
C GLY D 104 58.43 -63.71 7.62
N HIS D 105 58.38 -63.68 6.30
CA HIS D 105 57.15 -63.31 5.60
C HIS D 105 56.37 -64.51 5.09
N TYR D 106 57.10 -65.52 4.61
CA TYR D 106 56.46 -66.67 3.96
C TYR D 106 56.59 -67.98 4.75
N THR D 107 57.75 -68.20 5.37
CA THR D 107 58.03 -69.49 6.00
C THR D 107 57.86 -69.46 7.51
N GLU D 108 58.93 -69.09 8.23
CA GLU D 108 58.95 -69.21 9.68
C GLU D 108 57.87 -68.33 10.33
N GLY D 109 57.77 -67.09 9.87
CA GLY D 109 56.80 -66.14 10.43
C GLY D 109 55.37 -66.55 10.11
N ALA D 110 55.17 -67.20 8.98
CA ALA D 110 53.84 -67.63 8.57
C ALA D 110 53.33 -68.75 9.48
N GLU D 111 54.25 -69.48 10.11
CA GLU D 111 53.89 -70.55 11.02
C GLU D 111 53.48 -70.01 12.38
N LEU D 112 53.90 -68.79 12.67
CA LEU D 112 53.68 -68.18 13.98
C LEU D 112 52.60 -67.10 13.95
N VAL D 113 52.26 -66.63 12.76
CA VAL D 113 51.38 -65.47 12.61
C VAL D 113 50.00 -65.70 13.22
N ASP D 114 49.49 -66.91 13.11
CA ASP D 114 48.14 -67.22 13.59
C ASP D 114 48.03 -67.09 15.10
N SER D 115 49.11 -67.40 15.82
CA SER D 115 49.11 -67.32 17.27
C SER D 115 49.29 -65.88 17.74
N VAL D 116 49.86 -65.03 16.88
CA VAL D 116 49.97 -63.60 17.16
C VAL D 116 48.61 -62.95 16.97
N LEU D 117 47.94 -63.30 15.88
CA LEU D 117 46.62 -62.76 15.58
C LEU D 117 45.64 -63.06 16.70
N ASP D 118 45.75 -64.24 17.30
CA ASP D 118 44.87 -64.64 18.39
C ASP D 118 44.99 -63.66 19.56
N VAL D 119 46.18 -63.12 19.75
CA VAL D 119 46.43 -62.15 20.82
C VAL D 119 45.92 -60.77 20.41
N VAL D 120 46.07 -60.45 19.12
CA VAL D 120 45.55 -59.19 18.59
C VAL D 120 44.03 -59.15 18.75
N ARG D 121 43.38 -60.24 18.36
CA ARG D 121 41.93 -60.33 18.44
C ARG D 121 41.43 -60.12 19.86
N LYS D 122 42.08 -60.76 20.82
CA LYS D 122 41.64 -60.67 22.21
C LYS D 122 41.76 -59.24 22.73
N GLU D 123 42.82 -58.56 22.33
CA GLU D 123 43.00 -57.16 22.74
C GLU D 123 41.95 -56.28 22.07
N SER D 124 41.75 -56.49 20.77
CA SER D 124 40.78 -55.69 20.01
C SER D 124 39.34 -55.94 20.48
N GLU D 125 39.03 -57.17 20.84
CA GLU D 125 37.70 -57.54 21.33
C GLU D 125 37.22 -56.65 22.47
N SER D 126 38.12 -56.38 23.41
CA SER D 126 37.77 -55.68 24.63
C SER D 126 37.75 -54.16 24.45
N CYS D 127 38.16 -53.68 23.28
CA CYS D 127 38.19 -52.25 23.01
C CYS D 127 36.80 -51.66 22.88
N ASP D 128 36.59 -50.52 23.51
CA ASP D 128 35.31 -49.82 23.43
C ASP D 128 35.16 -49.25 22.02
N CYS D 129 36.27 -48.77 21.47
CA CYS D 129 36.29 -48.26 20.10
C CYS D 129 37.72 -48.25 19.56
N LEU D 130 38.15 -49.38 19.01
CA LEU D 130 39.48 -49.51 18.43
C LEU D 130 39.69 -48.55 17.28
N GLN D 131 40.69 -47.67 17.39
CA GLN D 131 40.98 -46.71 16.34
C GLN D 131 42.04 -47.24 15.37
N GLY D 132 42.92 -48.10 15.85
CA GLY D 132 43.91 -48.69 14.96
C GLY D 132 45.09 -49.33 15.67
N PHE D 133 46.09 -49.67 14.87
CA PHE D 133 47.30 -50.33 15.36
C PHE D 133 48.56 -49.53 15.05
N GLN D 134 49.58 -49.67 15.88
CA GLN D 134 50.89 -49.12 15.56
C GLN D 134 51.98 -50.18 15.74
N LEU D 135 52.81 -50.36 14.71
CA LEU D 135 53.84 -51.38 14.70
C LEU D 135 55.24 -50.77 14.80
N THR D 136 56.07 -51.33 15.66
CA THR D 136 57.48 -50.97 15.75
C THR D 136 58.34 -52.11 15.24
N HIS D 137 59.25 -51.80 14.31
CA HIS D 137 60.10 -52.84 13.72
C HIS D 137 61.27 -52.22 12.95
N LEU D 139 63.33 -52.59 9.29
CA LEU D 139 63.16 -53.09 7.93
C LEU D 139 64.40 -53.81 7.43
N GLY D 140 65.48 -53.74 8.20
CA GLY D 140 66.73 -54.36 7.82
C GLY D 140 66.80 -55.84 8.15
N GLY D 141 66.09 -56.23 9.21
CA GLY D 141 66.11 -57.61 9.68
C GLY D 141 65.23 -58.52 8.83
N GLY D 142 64.74 -59.58 9.45
CA GLY D 142 63.89 -60.55 8.76
C GLY D 142 62.56 -60.73 9.46
N THR D 143 62.58 -60.73 10.79
CA THR D 143 61.36 -60.89 11.57
C THR D 143 60.52 -59.61 11.52
N GLY D 144 61.07 -58.54 12.06
CA GLY D 144 60.38 -57.26 12.10
C GLY D 144 60.05 -56.74 10.72
N SER D 145 60.88 -57.07 9.74
CA SER D 145 60.67 -56.60 8.37
C SER D 145 59.72 -57.54 7.63
N GLY D 146 60.00 -58.84 7.68
CA GLY D 146 59.21 -59.82 6.95
C GLY D 146 57.91 -60.16 7.65
N MET D 147 57.98 -60.54 8.93
CA MET D 147 56.80 -60.93 9.66
C MET D 147 55.97 -59.71 10.06
N GLY D 148 56.65 -58.58 10.27
CA GLY D 148 55.96 -57.35 10.60
C GLY D 148 55.05 -56.93 9.47
N THR D 149 55.53 -57.04 8.24
CA THR D 149 54.73 -56.70 7.07
C THR D 149 53.63 -57.73 6.84
N LEU D 150 53.89 -58.97 7.21
CA LEU D 150 52.88 -60.02 7.11
C LEU D 150 51.72 -59.70 8.05
N LEU D 151 52.04 -59.45 9.31
CA LEU D 151 51.05 -59.11 10.32
C LEU D 151 50.16 -57.95 9.89
N ILE D 152 50.77 -56.95 9.25
CA ILE D 152 50.03 -55.80 8.75
C ILE D 152 48.94 -56.23 7.78
N SER D 153 49.28 -57.15 6.88
CA SER D 153 48.34 -57.62 5.87
C SER D 153 47.23 -58.45 6.48
N LYS D 154 47.57 -59.30 7.44
CA LYS D 154 46.57 -60.17 8.07
C LYS D 154 45.64 -59.35 8.95
N ILE D 155 46.21 -58.41 9.71
CA ILE D 155 45.42 -57.53 10.56
C ILE D 155 44.50 -56.66 9.71
N ARG D 156 45.03 -56.16 8.60
CA ARG D 156 44.25 -55.34 7.68
C ARG D 156 43.10 -56.15 7.08
N GLU D 157 43.31 -57.45 6.94
CA GLU D 157 42.27 -58.33 6.43
C GLU D 157 41.08 -58.39 7.38
N GLU D 158 41.37 -58.38 8.68
CA GLU D 158 40.33 -58.50 9.70
C GLU D 158 39.87 -57.14 10.21
N TYR D 159 40.67 -56.11 9.99
CA TYR D 159 40.34 -54.76 10.42
C TYR D 159 40.64 -53.76 9.31
N PRO D 160 39.95 -53.89 8.17
CA PRO D 160 40.22 -53.06 7.00
C PRO D 160 39.86 -51.59 7.21
N ASP D 161 38.94 -51.33 8.13
CA ASP D 161 38.45 -49.98 8.37
C ASP D 161 39.14 -49.31 9.55
N ARG D 162 40.20 -49.93 10.05
CA ARG D 162 40.99 -49.35 11.13
C ARG D 162 42.30 -48.80 10.56
N ILE D 163 42.89 -47.83 11.27
CA ILE D 163 44.13 -47.20 10.80
C ILE D 163 45.33 -48.06 11.14
N MET D 164 46.27 -48.14 10.19
CA MET D 164 47.50 -48.91 10.37
C MET D 164 48.72 -47.99 10.34
N ASN D 165 49.33 -47.82 11.50
CA ASN D 165 50.51 -46.96 11.66
C ASN D 165 51.76 -47.80 11.91
N THR D 166 52.93 -47.28 11.52
CA THR D 166 54.17 -48.01 11.72
C THR D 166 55.35 -47.09 11.99
N PHE D 167 56.22 -47.50 12.90
CA PHE D 167 57.50 -46.85 13.13
C PHE D 167 58.59 -47.70 12.52
N SER D 168 58.90 -47.46 11.25
CA SER D 168 59.83 -48.30 10.50
C SER D 168 61.27 -47.79 10.61
N VAL D 169 62.16 -48.65 11.12
CA VAL D 169 63.57 -48.30 11.23
C VAL D 169 64.32 -48.73 9.98
N MET D 170 64.82 -47.74 9.23
CA MET D 170 65.51 -47.99 7.97
C MET D 170 66.95 -48.40 8.22
N PRO D 171 67.49 -49.30 7.37
CA PRO D 171 68.87 -49.77 7.57
C PRO D 171 69.92 -48.83 7.01
N SER D 172 71.13 -48.91 7.54
CA SER D 172 72.25 -48.11 7.05
C SER D 172 73.57 -48.86 7.23
N PRO D 173 74.44 -48.84 6.21
CA PRO D 173 75.74 -49.54 6.33
C PRO D 173 76.61 -49.04 7.49
N LYS D 174 76.26 -47.88 8.06
CA LYS D 174 77.04 -47.30 9.14
C LYS D 174 76.76 -47.96 10.48
N VAL D 175 75.56 -48.53 10.61
CA VAL D 175 75.13 -49.15 11.86
C VAL D 175 75.25 -50.67 11.81
N SER D 176 74.92 -51.26 10.66
CA SER D 176 74.95 -52.71 10.49
C SER D 176 75.75 -53.10 9.25
N ASP D 177 76.52 -54.17 9.36
CA ASP D 177 77.36 -54.64 8.27
C ASP D 177 76.65 -55.72 7.47
N THR D 178 75.42 -56.06 7.87
CA THR D 178 74.64 -57.01 7.11
C THR D 178 74.33 -56.39 5.74
N VAL D 179 74.82 -57.02 4.67
CA VAL D 179 74.81 -56.39 3.35
C VAL D 179 73.54 -56.61 2.53
N VAL D 180 72.62 -57.45 3.01
CA VAL D 180 71.35 -57.67 2.32
C VAL D 180 70.24 -56.78 2.87
N GLU D 181 70.57 -55.91 3.82
CA GLU D 181 69.58 -55.01 4.39
C GLU D 181 68.84 -54.19 3.32
N PRO D 182 69.53 -53.83 2.23
CA PRO D 182 68.81 -53.24 1.09
C PRO D 182 67.72 -54.16 0.52
N TYR D 183 67.96 -55.47 0.44
CA TYR D 183 66.92 -56.40 -0.02
C TYR D 183 65.71 -56.33 0.89
N ASN D 184 65.94 -56.61 2.18
CA ASN D 184 64.88 -56.64 3.18
C ASN D 184 64.06 -55.36 3.24
N ALA D 185 64.74 -54.23 3.20
CA ALA D 185 64.07 -52.94 3.26
C ALA D 185 63.20 -52.71 2.04
N THR D 186 63.75 -52.92 0.85
CA THR D 186 63.02 -52.72 -0.39
C THR D 186 61.79 -53.63 -0.45
N LEU D 187 61.96 -54.89 -0.07
CA LEU D 187 60.84 -55.82 -0.03
C LEU D 187 59.79 -55.35 0.98
N SER D 188 60.24 -54.73 2.06
CA SER D 188 59.33 -54.25 3.09
C SER D 188 58.58 -53.00 2.66
N VAL D 189 59.28 -52.06 2.03
CA VAL D 189 58.66 -50.84 1.53
C VAL D 189 57.61 -51.19 0.49
N HIS D 190 57.86 -52.25 -0.27
CA HIS D 190 56.91 -52.73 -1.27
C HIS D 190 55.60 -53.15 -0.61
N GLN D 191 55.67 -53.49 0.68
CA GLN D 191 54.50 -53.89 1.45
C GLN D 191 53.85 -52.70 2.15
N LEU D 192 54.70 -51.81 2.68
CA LEU D 192 54.23 -50.68 3.47
C LEU D 192 53.45 -49.68 2.63
N VAL D 193 53.86 -49.52 1.37
CA VAL D 193 53.24 -48.54 0.50
C VAL D 193 51.81 -48.92 0.13
N GLU D 194 51.48 -50.20 0.30
CA GLU D 194 50.17 -50.71 -0.08
C GLU D 194 49.21 -50.93 1.09
N ASN D 195 49.76 -51.16 2.28
CA ASN D 195 48.96 -51.68 3.39
C ASN D 195 49.03 -50.89 4.70
N THR D 196 49.77 -49.79 4.71
CA THR D 196 49.81 -48.92 5.89
C THR D 196 49.28 -47.53 5.55
N ASP D 197 48.66 -46.88 6.53
CA ASP D 197 48.06 -45.57 6.33
C ASP D 197 49.04 -44.45 6.65
N GLU D 198 50.02 -44.73 7.50
CA GLU D 198 51.00 -43.72 7.87
C GLU D 198 52.24 -44.36 8.49
N THR D 199 53.41 -43.96 8.00
CA THR D 199 54.68 -44.54 8.42
C THR D 199 55.71 -43.50 8.82
N TYR D 200 56.15 -43.55 10.07
CA TYR D 200 57.24 -42.71 10.54
C TYR D 200 58.58 -43.33 10.16
N CYS D 201 59.30 -42.68 9.25
CA CYS D 201 60.56 -43.20 8.76
C CYS D 201 61.72 -42.88 9.71
N ILE D 202 62.01 -43.82 10.60
CA ILE D 202 63.16 -43.70 11.49
C ILE D 202 64.39 -44.20 10.74
N ASP D 203 65.34 -43.31 10.47
CA ASP D 203 66.53 -43.67 9.70
C ASP D 203 67.75 -43.82 10.60
N ASN D 204 68.31 -45.04 10.63
CA ASN D 204 69.53 -45.32 11.39
C ASN D 204 70.68 -44.45 10.86
N GLU D 205 70.70 -44.20 9.55
CA GLU D 205 71.68 -43.31 8.95
C GLU D 205 71.62 -41.95 9.64
N ALA D 206 70.41 -41.45 9.81
CA ALA D 206 70.21 -40.16 10.45
C ALA D 206 70.54 -40.24 11.94
N LEU D 207 70.08 -41.31 12.58
CA LEU D 207 70.32 -41.50 14.01
C LEU D 207 71.81 -41.54 14.33
N TYR D 208 72.58 -42.21 13.48
CA TYR D 208 74.02 -42.31 13.68
C TYR D 208 74.68 -40.94 13.51
N ASP D 209 74.33 -40.25 12.44
CA ASP D 209 74.93 -38.95 12.13
C ASP D 209 74.63 -37.94 13.24
N ILE D 210 73.42 -38.00 13.80
CA ILE D 210 73.08 -37.13 14.91
C ILE D 210 73.98 -37.43 16.10
N CYS D 211 74.05 -38.71 16.47
CA CYS D 211 74.84 -39.13 17.62
C CYS D 211 76.32 -38.78 17.45
N PHE D 212 76.85 -39.00 16.24
CA PHE D 212 78.28 -38.82 16.00
C PHE D 212 78.66 -37.35 15.82
N ARG D 213 77.87 -36.61 15.05
CA ARG D 213 78.20 -35.22 14.73
C ARG D 213 77.68 -34.24 15.76
N THR D 214 76.40 -34.34 16.09
CA THR D 214 75.77 -33.39 17.02
C THR D 214 76.11 -33.73 18.47
N LEU D 215 75.72 -34.92 18.91
CA LEU D 215 75.94 -35.34 20.29
C LEU D 215 77.40 -35.67 20.56
N LYS D 216 78.18 -35.82 19.50
CA LYS D 216 79.61 -36.09 19.60
C LYS D 216 79.90 -37.35 20.40
N LEU D 217 79.27 -38.46 19.99
CA LEU D 217 79.56 -39.78 20.54
C LEU D 217 80.44 -40.53 19.55
N THR D 218 81.68 -40.80 19.94
CA THR D 218 82.66 -41.42 19.05
C THR D 218 82.20 -42.79 18.57
N THR D 219 81.66 -43.59 19.50
CA THR D 219 81.15 -44.92 19.19
C THR D 219 79.72 -45.06 19.67
N PRO D 220 78.74 -44.69 18.83
CA PRO D 220 77.33 -44.77 19.22
C PRO D 220 76.84 -46.20 19.41
N THR D 221 76.27 -46.49 20.58
CA THR D 221 75.67 -47.80 20.84
C THR D 221 74.24 -47.81 20.34
N TYR D 222 73.63 -48.98 20.28
CA TYR D 222 72.21 -49.09 19.93
C TYR D 222 71.35 -48.37 20.96
N GLY D 223 71.87 -48.21 22.17
CA GLY D 223 71.17 -47.51 23.22
C GLY D 223 71.16 -46.01 23.02
N ASP D 224 72.18 -45.51 22.30
CA ASP D 224 72.27 -44.08 22.00
C ASP D 224 71.29 -43.70 20.90
N LEU D 225 71.13 -44.58 19.92
CA LEU D 225 70.18 -44.36 18.83
C LEU D 225 68.75 -44.38 19.35
N ASN D 226 68.42 -45.42 20.10
CA ASN D 226 67.07 -45.62 20.62
C ASN D 226 66.64 -44.48 21.55
N HIS D 227 67.62 -43.80 22.13
CA HIS D 227 67.32 -42.66 23.00
C HIS D 227 66.67 -41.54 22.18
N LEU D 228 67.10 -41.42 20.93
CA LEU D 228 66.50 -40.46 20.02
C LEU D 228 65.13 -40.95 19.57
N VAL D 229 65.05 -42.24 19.24
CA VAL D 229 63.81 -42.84 18.77
C VAL D 229 62.70 -42.68 19.80
N SER D 230 63.01 -43.01 21.05
CA SER D 230 62.03 -42.93 22.14
C SER D 230 61.55 -41.49 22.35
N ALA D 231 62.47 -40.54 22.22
CA ALA D 231 62.12 -39.13 22.36
C ALA D 231 61.23 -38.69 21.21
N THR D 232 61.49 -39.24 20.03
CA THR D 232 60.67 -38.97 18.85
C THR D 232 59.30 -39.60 19.01
N MET D 233 59.28 -40.89 19.32
CA MET D 233 58.03 -41.62 19.45
C MET D 233 57.15 -41.01 20.52
N SER D 234 57.76 -40.51 21.58
CA SER D 234 57.02 -39.83 22.63
C SER D 234 56.44 -38.52 22.12
N GLY D 235 57.11 -37.92 21.14
CA GLY D 235 56.70 -36.63 20.60
C GLY D 235 55.54 -36.73 19.63
N VAL D 236 55.62 -37.68 18.70
CA VAL D 236 54.62 -37.81 17.66
C VAL D 236 53.33 -38.45 18.17
N THR D 237 53.38 -38.98 19.40
CA THR D 237 52.22 -39.59 20.02
C THR D 237 51.64 -38.71 21.12
N THR D 238 52.25 -37.54 21.33
CA THR D 238 51.80 -36.61 22.36
C THR D 238 50.34 -36.19 22.17
N CYS D 239 49.95 -35.95 20.92
CA CYS D 239 48.60 -35.51 20.62
C CYS D 239 47.59 -36.64 20.85
N LEU D 240 48.07 -37.87 20.82
CA LEU D 240 47.21 -39.04 21.02
C LEU D 240 46.98 -39.34 22.49
N ARG D 241 47.93 -38.96 23.33
CA ARG D 241 47.95 -39.41 24.73
C ARG D 241 47.48 -38.35 25.72
N PHE D 242 47.46 -37.08 25.30
CA PHE D 242 47.02 -36.00 26.15
C PHE D 242 45.85 -35.24 25.51
N PRO D 243 44.98 -34.63 26.33
CA PRO D 243 43.85 -33.88 25.80
C PRO D 243 44.30 -32.73 24.89
N GLY D 244 43.80 -32.72 23.66
CA GLY D 244 44.17 -31.70 22.70
C GLY D 244 43.15 -31.57 21.59
N GLN D 245 43.39 -30.62 20.69
CA GLN D 245 42.48 -30.34 19.59
C GLN D 245 42.98 -30.92 18.28
N LEU D 246 44.27 -30.75 18.02
CA LEU D 246 44.85 -31.12 16.74
C LEU D 246 45.38 -32.55 16.75
N ASN D 247 45.01 -33.32 15.71
CA ASN D 247 45.49 -34.68 15.52
C ASN D 247 45.37 -35.54 16.77
N ALA D 248 44.19 -35.53 17.37
CA ALA D 248 43.97 -36.21 18.64
C ALA D 248 43.80 -37.72 18.47
N ASP D 249 43.62 -38.17 17.23
CA ASP D 249 43.52 -39.60 16.95
C ASP D 249 44.23 -39.93 15.64
N LEU D 250 44.39 -41.22 15.37
CA LEU D 250 45.17 -41.67 14.23
C LEU D 250 44.55 -41.25 12.90
N ARG D 251 43.22 -41.30 12.80
CA ARG D 251 42.54 -41.00 11.55
C ARG D 251 42.62 -39.51 11.22
N LYS D 252 42.37 -38.67 12.21
CA LYS D 252 42.45 -37.22 12.01
C LYS D 252 43.88 -36.81 11.65
N LEU D 253 44.85 -37.58 12.13
CA LEU D 253 46.24 -37.33 11.78
C LEU D 253 46.50 -37.70 10.33
N ALA D 254 45.95 -38.84 9.92
CA ALA D 254 46.14 -39.31 8.55
C ALA D 254 45.48 -38.38 7.54
N VAL D 255 44.28 -37.90 7.86
CA VAL D 255 43.54 -37.02 6.98
C VAL D 255 44.28 -35.69 6.76
N ASN D 256 44.97 -35.22 7.78
CA ASN D 256 45.72 -33.97 7.68
C ASN D 256 47.10 -34.13 7.05
N MET D 257 47.63 -35.35 7.07
CA MET D 257 49.02 -35.58 6.70
C MET D 257 49.18 -36.28 5.35
N VAL D 258 48.16 -37.04 4.94
CA VAL D 258 48.29 -37.89 3.75
C VAL D 258 47.38 -37.40 2.62
N PRO D 259 47.89 -36.54 1.73
CA PRO D 259 47.06 -36.04 0.64
C PRO D 259 46.84 -37.09 -0.45
N PHE D 260 47.74 -38.06 -0.54
CA PHE D 260 47.59 -39.17 -1.46
C PHE D 260 47.98 -40.46 -0.76
N PRO D 261 47.22 -41.54 -0.98
CA PRO D 261 47.34 -42.77 -0.18
C PRO D 261 48.74 -43.37 -0.15
N ARG D 262 49.48 -43.27 -1.25
CA ARG D 262 50.80 -43.88 -1.33
C ARG D 262 51.87 -43.04 -0.64
N LEU D 263 51.67 -41.73 -0.59
CA LEU D 263 52.66 -40.82 0.00
C LEU D 263 52.39 -40.59 1.47
N HIS D 264 52.57 -41.64 2.27
CA HIS D 264 52.31 -41.59 3.71
C HIS D 264 53.56 -41.85 4.54
N PHE D 265 54.72 -41.58 3.95
CA PHE D 265 56.00 -41.79 4.62
C PHE D 265 56.52 -40.48 5.20
N PHE D 266 56.51 -40.39 6.52
CA PHE D 266 56.80 -39.14 7.21
C PHE D 266 58.26 -39.00 7.62
N MET D 267 58.67 -37.75 7.80
CA MET D 267 60.03 -37.41 8.20
C MET D 267 59.98 -36.74 9.56
N PRO D 268 60.18 -37.51 10.64
CA PRO D 268 60.03 -36.91 11.97
C PRO D 268 61.22 -36.04 12.35
N GLY D 269 61.03 -35.19 13.35
CA GLY D 269 62.08 -34.30 13.83
C GLY D 269 61.87 -33.97 15.29
N PHE D 270 62.95 -33.60 15.97
CA PHE D 270 62.90 -33.31 17.39
C PHE D 270 63.88 -32.21 17.76
N ALA D 271 63.51 -31.39 18.74
CA ALA D 271 64.40 -30.37 19.27
C ALA D 271 64.00 -30.03 20.70
N PRO D 272 64.99 -29.75 21.57
CA PRO D 272 66.43 -29.73 21.31
C PRO D 272 67.08 -31.11 21.33
N LEU D 273 68.04 -31.33 20.43
CA LEU D 273 68.87 -32.52 20.47
C LEU D 273 70.12 -32.24 21.28
N THR D 274 70.23 -32.87 22.45
CA THR D 274 71.33 -32.56 23.36
C THR D 274 71.80 -33.73 24.21
N SER D 275 73.12 -33.84 24.34
CA SER D 275 73.76 -34.70 25.33
C SER D 275 75.03 -34.00 25.80
N ARG D 276 75.35 -34.17 27.07
CA ARG D 276 76.49 -33.51 27.71
C ARG D 276 77.71 -33.41 26.82
N LEU D 284 66.05 -23.08 26.12
CA LEU D 284 65.79 -22.62 24.75
C LEU D 284 64.64 -21.63 24.69
N THR D 285 64.64 -20.80 23.64
CA THR D 285 63.54 -19.89 23.37
C THR D 285 62.66 -20.44 22.25
N VAL D 286 61.43 -19.96 22.15
CA VAL D 286 60.49 -20.46 21.16
C VAL D 286 60.99 -20.24 19.72
N PRO D 287 61.64 -19.10 19.45
CA PRO D 287 62.25 -18.95 18.13
C PRO D 287 63.33 -20.00 17.87
N GLU D 288 64.15 -20.28 18.87
CA GLU D 288 65.22 -21.26 18.74
C GLU D 288 64.67 -22.67 18.53
N LEU D 289 63.64 -23.03 19.31
CA LEU D 289 62.99 -24.32 19.16
C LEU D 289 62.49 -24.50 17.74
N THR D 290 61.94 -23.42 17.18
CA THR D 290 61.30 -23.47 15.88
C THR D 290 62.33 -23.57 14.76
N GLN D 291 63.45 -22.86 14.92
CA GLN D 291 64.54 -22.91 13.95
C GLN D 291 65.08 -24.34 13.84
N GLN D 292 65.36 -24.94 14.99
CA GLN D 292 66.01 -26.24 15.04
C GLN D 292 65.09 -27.35 14.52
N MET D 293 63.82 -27.32 14.89
CA MET D 293 62.91 -28.41 14.54
C MET D 293 62.70 -28.49 13.03
N PHE D 294 62.96 -27.39 12.33
CA PHE D 294 62.88 -27.35 10.88
C PHE D 294 64.26 -27.50 10.23
N ASP D 295 65.28 -27.66 11.07
CA ASP D 295 66.65 -27.81 10.58
C ASP D 295 66.88 -29.25 10.12
N SER D 296 67.68 -29.41 9.07
CA SER D 296 67.98 -30.73 8.52
C SER D 296 68.75 -31.58 9.53
N LYS D 297 69.52 -30.92 10.39
CA LYS D 297 70.32 -31.61 11.39
C LYS D 297 69.46 -32.28 12.45
N ASN D 298 68.20 -31.85 12.55
CA ASN D 298 67.29 -32.38 13.57
C ASN D 298 66.28 -33.38 13.01
N MET D 299 66.51 -33.83 11.77
CA MET D 299 65.61 -34.76 11.11
C MET D 299 66.01 -36.20 11.41
N MET D 300 65.03 -37.02 11.78
CA MET D 300 65.26 -38.42 12.08
C MET D 300 65.30 -39.26 10.82
N ALA D 301 65.26 -38.59 9.66
CA ALA D 301 65.47 -39.26 8.39
C ALA D 301 66.55 -38.50 7.62
N ALA D 302 67.50 -39.25 7.06
CA ALA D 302 68.64 -38.65 6.38
C ALA D 302 68.22 -37.98 5.08
N CYS D 303 67.47 -36.88 5.19
CA CYS D 303 67.00 -36.15 4.03
C CYS D 303 67.01 -34.64 4.31
N ASP D 304 67.38 -33.87 3.29
CA ASP D 304 67.39 -32.41 3.40
C ASP D 304 66.06 -31.86 2.89
N PRO D 305 65.28 -31.17 3.76
CA PRO D 305 63.99 -30.68 3.32
C PRO D 305 64.08 -29.59 2.25
N ARG D 306 65.20 -28.88 2.22
CA ARG D 306 65.42 -27.84 1.22
C ARG D 306 65.69 -28.43 -0.16
N HIS D 307 65.76 -29.76 -0.23
CA HIS D 307 65.93 -30.45 -1.49
C HIS D 307 64.60 -30.96 -2.02
N GLY D 308 63.51 -30.52 -1.38
CA GLY D 308 62.17 -30.91 -1.79
C GLY D 308 61.15 -29.91 -1.29
N ARG D 309 59.89 -30.32 -1.28
CA ARG D 309 58.80 -29.47 -0.82
C ARG D 309 57.89 -30.21 0.15
N TYR D 310 57.47 -29.51 1.21
CA TYR D 310 56.55 -30.08 2.18
C TYR D 310 55.13 -30.14 1.63
N LEU D 311 54.53 -31.33 1.68
CA LEU D 311 53.12 -31.46 1.35
C LEU D 311 52.29 -31.07 2.56
N THR D 312 52.64 -31.64 3.71
CA THR D 312 51.96 -31.38 4.97
C THR D 312 52.95 -31.42 6.12
N VAL D 313 52.63 -30.71 7.20
CA VAL D 313 53.50 -30.69 8.37
C VAL D 313 52.68 -30.60 9.65
N ALA D 314 53.08 -31.37 10.66
CA ALA D 314 52.50 -31.28 11.99
C ALA D 314 53.62 -30.96 12.98
N ALA D 315 53.46 -29.85 13.69
CA ALA D 315 54.45 -29.40 14.67
C ALA D 315 53.85 -29.41 16.07
N ILE D 316 54.52 -30.08 17.00
CA ILE D 316 54.03 -30.21 18.36
C ILE D 316 55.00 -29.57 19.35
N PHE D 317 54.52 -28.56 20.07
CA PHE D 317 55.32 -27.87 21.08
C PHE D 317 54.90 -28.30 22.47
N ARG D 318 55.86 -28.80 23.24
CA ARG D 318 55.60 -29.25 24.61
C ARG D 318 56.27 -28.32 25.61
N GLY D 319 55.61 -28.11 26.75
CA GLY D 319 56.14 -27.29 27.82
C GLY D 319 55.38 -25.99 27.99
N ARG D 320 55.62 -25.32 29.11
CA ARG D 320 54.98 -24.04 29.39
C ARG D 320 55.63 -22.92 28.59
N MET D 321 54.87 -22.33 27.68
CA MET D 321 55.37 -21.26 26.84
C MET D 321 54.23 -20.38 26.31
N SER D 322 54.59 -19.29 25.63
CA SER D 322 53.60 -18.36 25.10
C SER D 322 53.08 -18.81 23.74
N MET D 323 51.81 -19.19 23.68
CA MET D 323 51.21 -19.66 22.45
C MET D 323 51.16 -18.55 21.40
N LYS D 324 51.08 -17.31 21.88
CA LYS D 324 51.16 -16.15 20.99
C LYS D 324 52.51 -16.14 20.27
N GLU D 325 53.55 -16.47 21.02
CA GLU D 325 54.90 -16.50 20.48
C GLU D 325 55.06 -17.64 19.49
N VAL D 326 54.47 -18.78 19.81
CA VAL D 326 54.53 -19.96 18.94
C VAL D 326 53.83 -19.68 17.62
N ASP D 327 52.65 -19.07 17.69
CA ASP D 327 51.89 -18.75 16.49
C ASP D 327 52.66 -17.79 15.59
N GLU D 328 53.35 -16.83 16.21
CA GLU D 328 54.14 -15.85 15.46
C GLU D 328 55.30 -16.50 14.73
N GLN D 329 56.02 -17.38 15.43
CA GLN D 329 57.21 -18.01 14.87
C GLN D 329 56.87 -19.00 13.77
N MET D 330 55.78 -19.74 13.94
CA MET D 330 55.35 -20.69 12.92
C MET D 330 54.94 -19.97 11.64
N LEU D 331 54.36 -18.78 11.81
CA LEU D 331 54.02 -17.95 10.65
C LEU D 331 55.28 -17.39 10.03
N ASN D 332 56.27 -17.09 10.87
CA ASN D 332 57.54 -16.54 10.41
C ASN D 332 58.29 -17.56 9.54
N VAL D 333 58.29 -18.81 9.97
CA VAL D 333 58.97 -19.88 9.23
C VAL D 333 58.34 -20.10 7.87
N GLN D 334 57.01 -20.12 7.84
CA GLN D 334 56.28 -20.36 6.61
C GLN D 334 56.48 -19.22 5.61
N ASN D 335 56.57 -18.00 6.12
CA ASN D 335 56.75 -16.82 5.27
C ASN D 335 58.17 -16.74 4.71
N LYS D 336 59.15 -17.03 5.56
CA LYS D 336 60.55 -16.95 5.16
C LYS D 336 60.97 -18.13 4.29
N ASN D 337 60.24 -19.25 4.42
CA ASN D 337 60.54 -20.46 3.66
C ASN D 337 59.33 -20.92 2.85
N SER D 338 58.67 -19.96 2.20
CA SER D 338 57.44 -20.24 1.48
C SER D 338 57.64 -21.15 0.28
N SER D 339 58.85 -21.13 -0.28
CA SER D 339 59.14 -21.92 -1.47
C SER D 339 59.10 -23.42 -1.18
N TYR D 340 59.36 -23.79 0.07
CA TYR D 340 59.47 -25.18 0.46
C TYR D 340 58.16 -25.78 0.96
N PHE D 341 57.07 -25.04 0.75
CA PHE D 341 55.72 -25.55 1.03
C PHE D 341 54.89 -25.45 -0.25
N VAL D 342 54.29 -26.56 -0.67
CA VAL D 342 53.49 -26.56 -1.89
C VAL D 342 52.35 -25.54 -1.74
N GLU D 343 52.12 -24.77 -2.80
CA GLU D 343 51.15 -23.69 -2.75
C GLU D 343 49.73 -24.19 -3.00
N TRP D 344 49.61 -25.38 -3.57
CA TRP D 344 48.30 -25.91 -3.95
C TRP D 344 47.62 -26.66 -2.81
N ILE D 345 48.25 -26.68 -1.65
CA ILE D 345 47.59 -27.13 -0.42
C ILE D 345 47.65 -25.99 0.61
N PRO D 346 46.57 -25.21 0.71
CA PRO D 346 46.59 -24.07 1.64
C PRO D 346 46.64 -24.50 3.09
N ASN D 347 47.36 -23.74 3.92
CA ASN D 347 47.39 -23.97 5.36
C ASN D 347 47.76 -25.40 5.73
N ASN D 348 48.80 -25.91 5.08
CA ASN D 348 49.18 -27.32 5.24
C ASN D 348 50.07 -27.57 6.45
N VAL D 349 50.32 -26.53 7.25
CA VAL D 349 51.11 -26.65 8.46
C VAL D 349 50.25 -26.38 9.69
N LYS D 350 50.07 -27.41 10.52
CA LYS D 350 49.29 -27.29 11.74
C LYS D 350 50.21 -27.30 12.96
N THR D 351 49.72 -26.77 14.08
CA THR D 351 50.53 -26.64 15.29
C THR D 351 49.73 -26.91 16.55
N ALA D 352 50.25 -27.78 17.41
CA ALA D 352 49.65 -28.10 18.69
C ALA D 352 50.56 -27.65 19.83
N VAL D 353 49.97 -27.41 20.99
CA VAL D 353 50.73 -27.05 22.18
C VAL D 353 50.23 -27.84 23.38
N CYS D 354 51.13 -28.63 23.96
CA CYS D 354 50.83 -29.40 25.15
C CYS D 354 51.58 -28.82 26.35
N ASP D 355 50.88 -28.63 27.46
CA ASP D 355 51.47 -28.04 28.65
C ASP D 355 52.45 -28.98 29.35
N ILE D 356 52.35 -30.27 29.04
CA ILE D 356 53.19 -31.27 29.70
C ILE D 356 54.49 -31.51 28.94
N PRO D 357 55.63 -31.08 29.52
CA PRO D 357 56.90 -31.33 28.85
C PRO D 357 57.43 -32.74 29.09
N PRO D 358 58.34 -33.23 28.23
CA PRO D 358 58.92 -34.55 28.43
C PRO D 358 59.89 -34.59 29.62
N ARG D 359 60.37 -35.77 29.97
CA ARG D 359 61.24 -35.93 31.13
C ARG D 359 62.59 -35.26 30.92
N GLY D 360 62.90 -34.29 31.77
CA GLY D 360 64.21 -33.67 31.78
C GLY D 360 64.34 -32.42 30.93
N LEU D 361 63.23 -31.95 30.37
CA LEU D 361 63.22 -30.75 29.55
C LEU D 361 62.16 -29.75 30.02
N LYS D 362 62.46 -28.47 29.86
CA LYS D 362 61.52 -27.41 30.21
C LYS D 362 60.53 -27.19 29.07
N MET D 363 61.01 -27.40 27.84
CA MET D 363 60.17 -27.29 26.66
C MET D 363 60.86 -27.89 25.44
N SER D 364 60.12 -28.65 24.66
CA SER D 364 60.65 -29.31 23.46
C SER D 364 59.74 -29.04 22.26
N ALA D 365 60.13 -29.57 21.11
CA ALA D 365 59.34 -29.44 19.89
C ALA D 365 59.50 -30.67 19.02
N THR D 366 58.38 -31.28 18.65
CA THR D 366 58.38 -32.44 17.76
C THR D 366 57.84 -32.06 16.39
N PHE D 367 58.53 -32.50 15.36
CA PHE D 367 58.20 -32.18 13.97
C PHE D 367 57.81 -33.44 13.21
N ILE D 368 56.69 -33.37 12.50
CA ILE D 368 56.26 -34.45 11.61
C ILE D 368 56.01 -33.86 10.23
N GLY D 369 56.81 -34.27 9.26
CA GLY D 369 56.74 -33.71 7.92
C GLY D 369 56.56 -34.75 6.83
N ASN D 370 55.62 -34.49 5.93
CA ASN D 370 55.46 -35.29 4.73
C ASN D 370 56.11 -34.55 3.56
N SER D 371 57.43 -34.67 3.45
CA SER D 371 58.19 -33.96 2.43
C SER D 371 58.50 -34.84 1.22
N THR D 372 58.62 -34.22 0.06
CA THR D 372 58.99 -34.92 -1.16
C THR D 372 60.50 -35.21 -1.16
N ALA D 373 61.21 -34.65 -0.19
CA ALA D 373 62.64 -34.90 -0.04
C ALA D 373 62.88 -36.28 0.57
N ILE D 374 61.82 -36.95 0.99
CA ILE D 374 61.93 -38.30 1.54
C ILE D 374 62.47 -39.24 0.48
N GLN D 375 62.31 -38.87 -0.80
CA GLN D 375 62.75 -39.70 -1.90
C GLN D 375 64.26 -39.96 -1.85
N GLU D 376 64.99 -39.07 -1.17
CA GLU D 376 66.42 -39.24 -0.98
C GLU D 376 66.70 -40.51 -0.17
N LEU D 377 65.81 -40.81 0.77
CA LEU D 377 65.91 -42.01 1.58
C LEU D 377 65.67 -43.24 0.74
N PHE D 378 64.62 -43.21 -0.07
CA PHE D 378 64.27 -44.36 -0.90
C PHE D 378 65.26 -44.53 -2.06
N LYS D 379 65.91 -43.45 -2.46
CA LYS D 379 66.91 -43.52 -3.53
C LYS D 379 68.19 -44.18 -3.03
N ARG D 380 68.53 -43.91 -1.78
CA ARG D 380 69.70 -44.51 -1.15
C ARG D 380 69.55 -46.03 -1.10
N ILE D 381 68.40 -46.49 -0.62
CA ILE D 381 68.11 -47.91 -0.55
C ILE D 381 68.10 -48.53 -1.94
N SER D 382 67.47 -47.83 -2.89
CA SER D 382 67.35 -48.34 -4.24
C SER D 382 68.71 -48.50 -4.90
N GLU D 383 69.65 -47.66 -4.50
CA GLU D 383 71.00 -47.72 -5.06
C GLU D 383 71.75 -48.92 -4.52
N GLN D 384 71.58 -49.17 -3.23
CA GLN D 384 72.21 -50.32 -2.57
C GLN D 384 71.56 -51.62 -3.04
N PHE D 385 70.24 -51.58 -3.18
CA PHE D 385 69.49 -52.75 -3.63
C PHE D 385 69.97 -53.20 -5.01
N THR D 386 69.99 -52.27 -5.96
CA THR D 386 70.28 -52.62 -7.35
C THR D 386 71.75 -53.04 -7.52
N ALA D 387 72.61 -52.60 -6.62
CA ALA D 387 74.03 -52.93 -6.69
C ALA D 387 74.24 -54.43 -6.54
N MET D 388 73.29 -55.10 -5.89
CA MET D 388 73.38 -56.53 -5.64
C MET D 388 72.47 -57.32 -6.57
N PHE D 389 71.30 -56.77 -6.87
CA PHE D 389 70.32 -57.50 -7.66
C PHE D 389 70.70 -57.58 -9.13
N ARG D 390 71.54 -56.64 -9.58
CA ARG D 390 72.01 -56.65 -10.96
C ARG D 390 72.89 -57.89 -11.20
N ARG D 391 73.57 -58.32 -10.15
CA ARG D 391 74.46 -59.48 -10.20
C ARG D 391 73.85 -60.68 -9.48
N LYS D 392 72.67 -60.49 -8.91
CA LYS D 392 71.89 -61.58 -8.30
C LYS D 392 72.57 -62.13 -7.05
N ALA D 393 73.27 -61.27 -6.33
CA ALA D 393 74.01 -61.68 -5.14
C ALA D 393 73.06 -62.27 -4.10
N PHE D 394 73.36 -63.48 -3.62
CA PHE D 394 72.66 -64.07 -2.48
C PHE D 394 71.19 -64.34 -2.73
N LEU D 395 70.80 -64.36 -4.00
CA LEU D 395 69.41 -64.61 -4.40
C LEU D 395 68.93 -65.99 -3.97
N HIS D 396 69.86 -66.94 -3.90
CA HIS D 396 69.56 -68.34 -3.58
C HIS D 396 68.94 -68.49 -2.20
N TRP D 397 69.18 -67.52 -1.32
CA TRP D 397 68.63 -67.54 0.03
C TRP D 397 67.13 -67.30 0.00
N TYR D 398 66.69 -66.45 -0.92
CA TYR D 398 65.28 -66.09 -1.01
C TYR D 398 64.53 -67.08 -1.91
N THR D 399 65.10 -67.39 -3.07
CA THR D 399 64.48 -68.36 -3.96
C THR D 399 64.43 -69.73 -3.31
N GLY D 400 65.36 -69.99 -2.40
CA GLY D 400 65.40 -71.24 -1.66
C GLY D 400 64.18 -71.40 -0.77
N GLU D 401 63.60 -70.28 -0.35
CA GLU D 401 62.41 -70.30 0.48
C GLU D 401 61.12 -70.32 -0.33
N GLY D 402 61.27 -70.29 -1.66
CA GLY D 402 60.13 -70.41 -2.57
C GLY D 402 59.86 -69.17 -3.39
N MET D 403 60.53 -68.06 -3.07
CA MET D 403 60.32 -66.80 -3.78
C MET D 403 60.76 -66.90 -5.25
N ASP D 404 60.23 -65.99 -6.06
CA ASP D 404 60.62 -65.88 -7.46
C ASP D 404 61.39 -64.58 -7.65
N GLU D 405 62.16 -64.51 -8.73
CA GLU D 405 62.93 -63.30 -9.03
C GLU D 405 62.02 -62.13 -9.33
N MET D 406 60.88 -62.42 -9.92
CA MET D 406 59.97 -61.38 -10.38
C MET D 406 59.46 -60.54 -9.22
N GLU D 407 59.41 -61.12 -8.03
CA GLU D 407 58.94 -60.41 -6.85
C GLU D 407 59.96 -59.38 -6.36
N PHE D 408 61.22 -59.61 -6.68
CA PHE D 408 62.27 -58.64 -6.40
C PHE D 408 62.19 -57.48 -7.39
N THR D 409 61.86 -57.81 -8.63
CA THR D 409 61.71 -56.81 -9.68
C THR D 409 60.54 -55.88 -9.35
N GLU D 410 59.41 -56.48 -9.02
CA GLU D 410 58.20 -55.73 -8.69
C GLU D 410 58.42 -54.80 -7.50
N ALA D 411 59.13 -55.30 -6.49
CA ALA D 411 59.41 -54.51 -5.29
C ALA D 411 60.29 -53.31 -5.64
N GLU D 412 61.27 -53.55 -6.50
CA GLU D 412 62.15 -52.47 -6.96
C GLU D 412 61.37 -51.45 -7.76
N SER D 413 60.51 -51.95 -8.65
CA SER D 413 59.74 -51.10 -9.53
C SER D 413 58.79 -50.20 -8.75
N ASN D 414 58.07 -50.78 -7.79
CA ASN D 414 57.10 -50.05 -7.01
C ASN D 414 57.76 -48.98 -6.14
N MET D 415 58.95 -49.29 -5.65
CA MET D 415 59.69 -48.33 -4.84
C MET D 415 60.23 -47.21 -5.70
N ASN D 416 60.52 -47.52 -6.96
CA ASN D 416 60.97 -46.51 -7.91
C ASN D 416 59.82 -45.61 -8.32
N ASP D 417 58.62 -46.19 -8.39
CA ASP D 417 57.41 -45.44 -8.72
C ASP D 417 57.07 -44.45 -7.61
N LEU D 418 57.27 -44.87 -6.37
CA LEU D 418 57.02 -44.02 -5.22
C LEU D 418 57.89 -42.78 -5.26
N VAL D 419 59.14 -42.95 -5.69
CA VAL D 419 60.07 -41.84 -5.83
C VAL D 419 59.59 -40.89 -6.92
N SER D 420 59.17 -41.47 -8.05
CA SER D 420 58.69 -40.67 -9.18
C SER D 420 57.48 -39.85 -8.78
N GLU D 421 56.63 -40.44 -7.94
CA GLU D 421 55.39 -39.79 -7.52
C GLU D 421 55.67 -38.66 -6.53
N TYR D 422 56.73 -38.80 -5.75
CA TYR D 422 57.16 -37.73 -4.86
C TYR D 422 57.73 -36.58 -5.67
N GLN D 423 58.38 -36.92 -6.79
CA GLN D 423 58.97 -35.92 -7.66
C GLN D 423 57.87 -35.18 -8.43
N GLN D 424 56.83 -35.91 -8.81
CA GLN D 424 55.72 -35.35 -9.58
C GLN D 424 55.03 -34.20 -8.84
N TYR D 425 54.81 -34.38 -7.54
CA TYR D 425 54.11 -33.39 -6.74
C TYR D 425 55.06 -32.33 -6.20
N GLN D 426 56.36 -32.60 -6.27
CA GLN D 426 57.36 -31.61 -5.93
C GLN D 426 57.48 -30.59 -7.06
N ASP D 427 57.27 -31.05 -8.30
CA ASP D 427 57.39 -30.21 -9.48
C ASP D 427 56.06 -29.57 -9.89
N ALA D 428 54.98 -29.96 -9.21
CA ALA D 428 53.65 -29.45 -9.54
C ALA D 428 53.50 -27.99 -9.11
N THR D 429 52.69 -27.26 -9.85
CA THR D 429 52.41 -25.85 -9.56
C THR D 429 50.92 -25.60 -9.54
N ALA D 430 50.52 -24.46 -8.97
CA ALA D 430 49.11 -24.08 -8.89
C ALA D 430 48.61 -23.58 -10.24
N ASP D 431 49.40 -22.73 -10.88
CA ASP D 431 49.06 -22.17 -12.18
C ASP D 431 49.53 -23.07 -13.31
N MET E 1 -62.21 48.04 -21.52
CA MET E 1 -62.19 47.55 -20.14
C MET E 1 -63.56 46.99 -19.76
N GLU E 2 -63.93 45.88 -20.39
CA GLU E 2 -65.26 45.30 -20.23
C GLU E 2 -65.29 44.25 -19.12
N VAL E 3 -66.14 44.47 -18.12
CA VAL E 3 -66.36 43.52 -17.04
C VAL E 3 -67.49 42.56 -17.40
N ILE E 4 -67.27 41.26 -17.18
CA ILE E 4 -68.27 40.25 -17.55
C ILE E 4 -68.40 39.17 -16.48
N GLU E 5 -69.55 38.48 -16.51
CA GLU E 5 -69.81 37.34 -15.63
C GLU E 5 -69.50 37.62 -14.16
N LEU E 6 -69.99 38.75 -13.67
CA LEU E 6 -69.82 39.11 -12.27
C LEU E 6 -70.72 38.27 -11.37
N ASN E 7 -70.10 37.45 -10.52
CA ASN E 7 -70.82 36.62 -9.56
C ASN E 7 -70.51 37.04 -8.13
N LYS E 8 -71.53 37.07 -7.29
CA LYS E 8 -71.39 37.54 -5.91
C LYS E 8 -71.97 36.55 -4.90
N CYS E 9 -71.38 36.52 -3.72
CA CYS E 9 -71.87 35.72 -2.61
C CYS E 9 -71.40 36.32 -1.30
N THR E 10 -71.77 35.70 -0.19
CA THR E 10 -71.40 36.20 1.12
C THR E 10 -69.91 36.06 1.36
N SER E 11 -69.30 35.05 0.74
CA SER E 11 -67.87 34.79 0.91
C SER E 11 -67.01 35.76 0.10
N GLY E 12 -67.51 36.15 -1.06
CA GLY E 12 -66.75 37.04 -1.93
C GLY E 12 -67.42 37.22 -3.28
N GLN E 13 -66.62 37.56 -4.29
CA GLN E 13 -67.13 37.72 -5.64
C GLN E 13 -66.01 37.55 -6.67
N SER E 14 -66.39 37.13 -7.87
CA SER E 14 -65.45 36.89 -8.95
C SER E 14 -65.97 37.49 -10.25
N PHE E 15 -65.07 37.71 -11.20
CA PHE E 15 -65.44 38.31 -12.48
C PHE E 15 -64.29 38.22 -13.45
N GLU E 16 -64.56 38.57 -14.71
CA GLU E 16 -63.54 38.59 -15.74
C GLU E 16 -63.51 39.98 -16.36
N VAL E 17 -62.32 40.45 -16.71
CA VAL E 17 -62.17 41.74 -17.38
C VAL E 17 -61.28 41.59 -18.61
N ILE E 18 -61.83 41.99 -19.76
CA ILE E 18 -61.13 41.87 -21.03
C ILE E 18 -60.67 43.25 -21.51
N LEU E 19 -59.38 43.37 -21.80
CA LEU E 19 -58.80 44.63 -22.28
C LEU E 19 -58.86 44.69 -23.80
N LYS E 20 -58.59 43.56 -24.45
CA LYS E 20 -58.59 43.46 -25.90
C LYS E 20 -58.96 42.06 -26.37
N PRO E 21 -59.71 41.96 -27.48
CA PRO E 21 -60.03 40.64 -28.01
C PRO E 21 -58.85 40.02 -28.76
N PRO E 22 -58.95 38.74 -29.14
CA PRO E 22 -57.89 38.10 -29.94
C PRO E 22 -57.68 38.79 -31.29
N SER E 23 -56.57 38.49 -31.94
CA SER E 23 -56.25 39.06 -33.24
C SER E 23 -55.50 38.07 -34.11
N ASP E 39 -52.03 7.17 -20.92
CA ASP E 39 -52.24 6.46 -22.18
C ASP E 39 -51.80 4.99 -22.08
N PRO E 40 -50.58 4.74 -21.56
CA PRO E 40 -50.11 3.34 -21.50
C PRO E 40 -50.98 2.45 -20.61
N SER E 41 -51.24 1.23 -21.07
CA SER E 41 -52.08 0.29 -20.34
C SER E 41 -51.39 -0.22 -19.08
N LEU E 42 -52.19 -0.80 -18.18
CA LEU E 42 -51.65 -1.41 -16.97
C LEU E 42 -50.67 -2.52 -17.34
N GLU E 43 -50.99 -3.23 -18.42
CA GLU E 43 -50.13 -4.31 -18.90
C GLU E 43 -48.75 -3.76 -19.29
N GLU E 44 -48.76 -2.64 -20.02
CA GLU E 44 -47.53 -2.02 -20.50
C GLU E 44 -46.66 -1.51 -19.35
N ILE E 45 -47.30 -1.06 -18.26
CA ILE E 45 -46.57 -0.60 -17.10
C ILE E 45 -45.90 -1.79 -16.40
N GLN E 46 -46.65 -2.87 -16.20
CA GLN E 46 -46.14 -4.05 -15.52
C GLN E 46 -44.95 -4.65 -16.26
N LYS E 47 -44.94 -4.55 -17.58
CA LYS E 47 -43.85 -5.07 -18.38
C LYS E 47 -42.57 -4.27 -18.17
N LYS E 48 -42.69 -2.95 -18.18
CA LYS E 48 -41.52 -2.08 -18.02
C LYS E 48 -40.86 -2.28 -16.67
N LEU E 49 -41.66 -2.37 -15.61
CA LEU E 49 -41.13 -2.58 -14.28
C LEU E 49 -40.43 -3.94 -14.19
N GLU E 50 -41.01 -4.93 -14.87
CA GLU E 50 -40.45 -6.29 -14.86
C GLU E 50 -39.24 -6.39 -15.77
N ALA E 51 -39.23 -5.64 -16.86
CA ALA E 51 -38.09 -5.61 -17.76
C ALA E 51 -36.88 -5.01 -17.06
N ALA E 52 -37.13 -4.04 -16.18
CA ALA E 52 -36.08 -3.41 -15.41
C ALA E 52 -35.59 -4.36 -14.31
N GLU E 53 -36.52 -5.13 -13.75
CA GLU E 53 -36.19 -6.08 -12.70
C GLU E 53 -35.30 -7.20 -13.22
N GLU E 54 -35.53 -7.61 -14.45
CA GLU E 54 -34.73 -8.68 -15.05
C GLU E 54 -33.33 -8.18 -15.35
N ARG E 55 -33.22 -6.93 -15.81
CA ARG E 55 -31.92 -6.35 -16.10
C ARG E 55 -31.10 -6.24 -14.83
N ARG E 56 -31.77 -6.02 -13.70
CA ARG E 56 -31.08 -6.01 -12.41
C ARG E 56 -30.61 -7.42 -12.06
N LYS E 57 -31.50 -8.38 -12.21
CA LYS E 57 -31.21 -9.78 -11.88
C LYS E 57 -30.09 -10.34 -12.76
N TYR E 58 -30.00 -9.85 -13.99
CA TYR E 58 -28.95 -10.30 -14.89
C TYR E 58 -27.60 -9.75 -14.45
N GLN E 59 -27.57 -8.47 -14.09
CA GLN E 59 -26.35 -7.81 -13.67
C GLN E 59 -25.82 -8.42 -12.38
N GLU E 60 -26.72 -8.76 -11.47
CA GLU E 60 -26.34 -9.39 -10.21
C GLU E 60 -25.85 -10.81 -10.46
N ALA E 61 -26.44 -11.47 -11.45
CA ALA E 61 -26.05 -12.83 -11.79
C ALA E 61 -24.64 -12.87 -12.34
N GLU E 62 -24.28 -11.88 -13.16
CA GLU E 62 -22.93 -11.77 -13.69
C GLU E 62 -21.93 -11.50 -12.58
N LEU E 63 -22.34 -10.71 -11.59
CA LEU E 63 -21.49 -10.41 -10.45
C LEU E 63 -21.19 -11.67 -9.66
N LEU E 64 -22.24 -12.40 -9.29
CA LEU E 64 -22.09 -13.62 -8.50
C LEU E 64 -21.40 -14.72 -9.31
N LYS E 65 -21.41 -14.57 -10.62
CA LYS E 65 -20.66 -15.47 -11.49
C LYS E 65 -19.18 -15.11 -11.46
N HIS E 66 -18.88 -13.81 -11.55
CA HIS E 66 -17.52 -13.33 -11.48
C HIS E 66 -16.90 -13.68 -10.13
N LEU E 67 -17.67 -13.50 -9.06
CA LEU E 67 -17.19 -13.81 -7.72
C LEU E 67 -17.00 -15.30 -7.55
N ALA E 68 -17.83 -16.09 -8.22
CA ALA E 68 -17.72 -17.54 -8.16
C ALA E 68 -16.42 -18.02 -8.80
N GLU E 69 -16.01 -17.35 -9.87
CA GLU E 69 -14.72 -17.65 -10.51
C GLU E 69 -13.57 -17.30 -9.58
N LYS E 70 -13.76 -16.26 -8.78
CA LYS E 70 -12.77 -15.84 -7.81
C LYS E 70 -12.55 -16.94 -6.77
N ARG E 71 -13.65 -17.58 -6.36
CA ARG E 71 -13.59 -18.65 -5.38
C ARG E 71 -12.83 -19.85 -5.91
N GLU E 72 -12.96 -20.10 -7.21
CA GLU E 72 -12.26 -21.22 -7.83
C GLU E 72 -10.77 -20.95 -7.91
N HIS E 73 -10.40 -19.70 -8.16
CA HIS E 73 -9.00 -19.31 -8.19
C HIS E 73 -8.39 -19.46 -6.80
N GLU E 74 -9.10 -18.99 -5.79
CA GLU E 74 -8.65 -19.09 -4.40
C GLU E 74 -8.38 -20.54 -4.01
N ARG E 75 -9.23 -21.46 -4.49
CA ARG E 75 -9.04 -22.87 -4.22
C ARG E 75 -7.83 -23.43 -4.96
N GLU E 76 -7.57 -22.91 -6.15
CA GLU E 76 -6.45 -23.36 -6.96
C GLU E 76 -5.11 -22.92 -6.38
N VAL E 77 -5.06 -21.72 -5.81
CA VAL E 77 -3.82 -21.20 -5.24
C VAL E 77 -3.37 -22.06 -4.05
N ILE E 78 -4.26 -22.28 -3.10
CA ILE E 78 -3.90 -23.01 -1.88
C ILE E 78 -3.61 -24.48 -2.20
N GLN E 79 -4.27 -25.01 -3.22
CA GLN E 79 -4.02 -26.37 -3.65
C GLN E 79 -2.70 -26.46 -4.41
N LYS E 80 -2.27 -25.34 -4.98
CA LYS E 80 -0.98 -25.27 -5.65
C LYS E 80 0.12 -25.17 -4.61
N ALA E 81 -0.15 -24.43 -3.53
CA ALA E 81 0.80 -24.30 -2.45
C ALA E 81 1.11 -25.66 -1.82
N ILE E 82 0.04 -26.40 -1.52
CA ILE E 82 0.18 -27.75 -0.98
C ILE E 82 0.96 -28.64 -1.95
N GLU E 83 0.60 -28.56 -3.23
CA GLU E 83 1.22 -29.39 -4.25
C GLU E 83 2.72 -29.15 -4.39
N GLU E 84 3.16 -27.91 -4.15
CA GLU E 84 4.56 -27.56 -4.28
C GLU E 84 5.34 -27.95 -3.03
N ASN E 85 4.72 -27.80 -1.86
CA ASN E 85 5.33 -28.23 -0.61
C ASN E 85 5.50 -29.74 -0.60
N ASN E 86 4.50 -30.44 -1.13
CA ASN E 86 4.51 -31.90 -1.17
C ASN E 86 5.51 -32.45 -2.18
N ASN E 87 5.71 -31.71 -3.27
CA ASN E 87 6.68 -32.12 -4.28
C ASN E 87 8.11 -31.87 -3.82
N PHE E 88 8.29 -30.80 -3.05
CA PHE E 88 9.60 -30.50 -2.47
C PHE E 88 10.01 -31.58 -1.48
N ILE E 89 9.10 -31.95 -0.59
CA ILE E 89 9.34 -33.04 0.35
C ILE E 89 9.62 -34.33 -0.41
N LYS E 90 8.88 -34.58 -1.49
CA LYS E 90 9.03 -35.78 -2.27
C LYS E 90 10.42 -35.89 -2.87
N MET E 91 10.80 -34.86 -3.64
CA MET E 91 12.07 -34.85 -4.34
C MET E 91 13.25 -34.88 -3.37
N ALA E 92 13.07 -34.27 -2.20
CA ALA E 92 14.11 -34.30 -1.18
C ALA E 92 14.29 -35.73 -0.68
N LYS E 93 13.18 -36.41 -0.45
CA LYS E 93 13.20 -37.76 0.08
C LYS E 93 13.79 -38.74 -0.93
N GLU E 94 13.55 -38.50 -2.21
CA GLU E 94 14.07 -39.36 -3.26
C GLU E 94 15.55 -39.09 -3.53
N LYS E 95 15.93 -37.81 -3.53
CA LYS E 95 17.32 -37.42 -3.73
C LYS E 95 18.21 -38.05 -2.66
N LEU E 96 17.71 -38.08 -1.43
CA LEU E 96 18.49 -38.58 -0.31
C LEU E 96 18.63 -40.09 -0.36
N ALA E 97 17.52 -40.79 -0.54
CA ALA E 97 17.54 -42.25 -0.65
C ALA E 97 18.42 -42.69 -1.80
N GLN E 98 18.46 -41.90 -2.85
CA GLN E 98 19.30 -42.19 -4.01
C GLN E 98 20.77 -41.99 -3.66
N LYS E 99 21.05 -40.96 -2.87
CA LYS E 99 22.42 -40.64 -2.47
C LYS E 99 22.97 -41.64 -1.47
N MET E 100 22.13 -42.07 -0.52
CA MET E 100 22.57 -42.98 0.52
C MET E 100 22.77 -44.40 -0.02
N GLU E 101 22.05 -44.74 -1.09
CA GLU E 101 22.19 -46.06 -1.70
C GLU E 101 23.42 -46.11 -2.59
N SER E 102 23.68 -45.01 -3.30
CA SER E 102 24.87 -44.91 -4.13
C SER E 102 26.14 -44.96 -3.29
N ASN E 103 26.13 -44.27 -2.16
CA ASN E 103 27.27 -44.24 -1.26
C ASN E 103 27.52 -45.60 -0.62
N LYS E 104 26.45 -46.31 -0.32
CA LYS E 104 26.54 -47.63 0.27
C LYS E 104 27.26 -48.60 -0.66
N GLU E 105 26.85 -48.61 -1.93
CA GLU E 105 27.43 -49.50 -2.92
C GLU E 105 28.89 -49.14 -3.22
N ASN E 106 29.20 -47.85 -3.18
CA ASN E 106 30.55 -47.39 -3.48
C ASN E 106 31.56 -47.77 -2.39
N ARG E 107 31.13 -47.67 -1.13
CA ARG E 107 32.02 -47.98 -0.02
C ARG E 107 32.24 -49.48 0.11
N GLU E 108 31.17 -50.24 -0.14
CA GLU E 108 31.26 -51.70 -0.07
C GLU E 108 32.16 -52.24 -1.17
N ALA E 109 32.10 -51.62 -2.34
CA ALA E 109 32.96 -52.00 -3.45
C ALA E 109 34.42 -51.66 -3.14
N HIS E 110 34.62 -50.54 -2.47
CA HIS E 110 35.96 -50.11 -2.09
C HIS E 110 36.57 -51.09 -1.09
N LEU E 111 35.76 -51.58 -0.17
CA LEU E 111 36.20 -52.56 0.82
C LEU E 111 36.38 -53.94 0.19
N ALA E 112 35.48 -54.29 -0.72
CA ALA E 112 35.53 -55.59 -1.38
C ALA E 112 36.81 -55.73 -2.18
N ALA E 113 37.22 -54.66 -2.85
CA ALA E 113 38.43 -54.68 -3.66
C ALA E 113 39.67 -54.82 -2.78
N MET E 114 39.64 -54.18 -1.61
CA MET E 114 40.76 -54.23 -0.68
C MET E 114 40.98 -55.65 -0.19
N LEU E 115 39.90 -56.32 0.17
CA LEU E 115 39.98 -57.70 0.63
C LEU E 115 40.37 -58.63 -0.52
N GLU E 116 39.92 -58.28 -1.73
CA GLU E 116 40.26 -59.07 -2.91
C GLU E 116 41.77 -59.05 -3.14
N ARG E 117 42.38 -57.89 -2.98
CA ARG E 117 43.82 -57.74 -3.16
C ARG E 117 44.58 -58.48 -2.07
N LEU E 118 44.02 -58.49 -0.87
CA LEU E 118 44.66 -59.16 0.26
C LEU E 118 44.54 -60.68 0.14
N GLN E 119 43.45 -61.14 -0.46
CA GLN E 119 43.22 -62.56 -0.64
C GLN E 119 44.08 -63.12 -1.76
N GLU E 120 44.49 -62.25 -2.67
CA GLU E 120 45.41 -62.65 -3.73
C GLU E 120 46.84 -62.72 -3.18
N LYS E 121 47.09 -62.01 -2.09
CA LYS E 121 48.38 -62.10 -1.42
C LYS E 121 48.50 -63.44 -0.69
N ASP E 122 47.40 -63.86 -0.06
CA ASP E 122 47.36 -65.14 0.62
C ASP E 122 47.57 -66.28 -0.36
N LYS E 123 46.94 -66.18 -1.52
CA LYS E 123 47.11 -67.19 -2.56
C LYS E 123 48.54 -67.20 -3.07
N HIS E 124 49.13 -66.02 -3.24
CA HIS E 124 50.51 -65.90 -3.67
C HIS E 124 51.44 -66.58 -2.67
N ALA E 125 51.14 -66.42 -1.39
CA ALA E 125 51.96 -67.00 -0.33
C ALA E 125 51.88 -68.52 -0.35
N GLU E 126 50.72 -69.05 -0.71
CA GLU E 126 50.54 -70.50 -0.81
C GLU E 126 51.42 -71.05 -1.93
N GLU E 127 51.53 -70.30 -3.02
CA GLU E 127 52.35 -70.71 -4.15
C GLU E 127 53.83 -70.71 -3.80
N VAL E 128 54.23 -69.74 -2.95
CA VAL E 128 55.61 -69.66 -2.50
C VAL E 128 55.96 -70.90 -1.69
N ARG E 129 55.10 -71.25 -0.73
CA ARG E 129 55.34 -72.41 0.11
C ARG E 129 55.22 -73.70 -0.70
N LYS E 130 54.41 -73.66 -1.75
CA LYS E 130 54.31 -74.80 -2.66
C LYS E 130 55.57 -74.94 -3.51
N ASN E 131 56.17 -73.80 -3.85
CA ASN E 131 57.36 -73.78 -4.69
C ASN E 131 58.59 -74.23 -3.90
N LYS E 132 58.60 -73.97 -2.60
CA LYS E 132 59.69 -74.41 -1.74
C LYS E 132 59.66 -75.91 -1.55
N GLU E 133 58.46 -76.44 -1.35
CA GLU E 133 58.26 -77.87 -1.12
C GLU E 133 58.59 -78.68 -2.37
N LEU E 134 58.47 -78.05 -3.53
CA LEU E 134 58.80 -78.68 -4.81
C LEU E 134 60.30 -78.62 -5.07
N LYS E 135 60.98 -77.64 -4.48
CA LYS E 135 62.42 -77.47 -4.64
C LYS E 135 63.21 -78.31 -3.64
N GLU E 136 62.54 -78.77 -2.59
CA GLU E 136 63.22 -79.38 -1.46
C GLU E 136 63.86 -80.73 -1.79
N GLU E 137 63.04 -81.70 -2.20
CA GLU E 137 63.52 -83.06 -2.42
C GLU E 137 64.50 -83.16 -3.59
N ALA E 138 64.40 -82.23 -4.53
CA ALA E 138 65.28 -82.22 -5.69
C ALA E 138 66.65 -81.65 -5.34
N MET F 1 -10.99 39.18 -5.76
CA MET F 1 -10.82 39.00 -7.22
C MET F 1 -12.16 38.85 -7.92
N TYR F 2 -12.40 39.68 -8.93
CA TYR F 2 -13.58 39.53 -9.77
C TYR F 2 -13.25 38.61 -10.93
N THR F 3 -14.28 38.00 -11.51
CA THR F 3 -14.10 37.05 -12.61
C THR F 3 -15.04 37.37 -13.76
N PHE F 4 -14.60 37.07 -14.99
CA PHE F 4 -15.43 37.30 -16.16
C PHE F 4 -15.17 36.27 -17.25
N VAL F 5 -16.06 36.23 -18.24
CA VAL F 5 -15.95 35.30 -19.36
C VAL F 5 -16.18 36.04 -20.67
N VAL F 6 -15.55 35.53 -21.74
CA VAL F 6 -15.67 36.12 -23.06
C VAL F 6 -16.29 35.12 -24.02
N ARG F 7 -17.42 35.51 -24.62
CA ARG F 7 -18.15 34.61 -25.52
C ARG F 7 -18.40 35.26 -26.89
N ASP F 8 -17.73 36.38 -27.14
CA ASP F 8 -17.77 37.03 -28.44
C ASP F 8 -16.36 37.47 -28.86
N GLU F 9 -15.67 36.60 -29.59
CA GLU F 9 -14.29 36.81 -29.95
C GLU F 9 -14.15 37.88 -31.04
N ASN F 10 -15.20 38.07 -31.83
CA ASN F 10 -15.18 39.01 -32.94
C ASN F 10 -15.51 40.44 -32.52
N SER F 11 -15.43 40.72 -31.23
CA SER F 11 -15.72 42.05 -30.69
C SER F 11 -14.45 42.86 -30.45
N SER F 12 -14.22 43.87 -31.28
CA SER F 12 -13.05 44.72 -31.14
C SER F 12 -13.14 45.59 -29.89
N VAL F 13 -14.36 46.01 -29.57
CA VAL F 13 -14.59 46.88 -28.41
C VAL F 13 -14.27 46.16 -27.10
N TYR F 14 -14.88 45.00 -26.90
CA TYR F 14 -14.78 44.29 -25.63
C TYR F 14 -13.53 43.42 -25.54
N ALA F 15 -12.82 43.27 -26.66
CA ALA F 15 -11.50 42.65 -26.64
C ALA F 15 -10.55 43.59 -25.91
N GLU F 16 -10.79 44.89 -26.08
CA GLU F 16 -10.01 45.92 -25.42
C GLU F 16 -10.42 46.03 -23.94
N VAL F 17 -11.71 45.88 -23.68
CA VAL F 17 -12.21 45.89 -22.30
C VAL F 17 -11.64 44.69 -21.54
N SER F 18 -11.65 43.54 -22.19
CA SER F 18 -11.09 42.33 -21.60
C SER F 18 -9.62 42.52 -21.23
N ARG F 19 -8.87 43.12 -22.15
CA ARG F 19 -7.46 43.38 -21.92
C ARG F 19 -7.28 44.36 -20.75
N LEU F 20 -8.07 45.42 -20.75
CA LEU F 20 -8.00 46.44 -19.71
C LEU F 20 -8.30 45.85 -18.33
N LEU F 21 -9.30 44.98 -18.26
CA LEU F 21 -9.67 44.34 -17.01
C LEU F 21 -8.52 43.53 -16.43
N LEU F 22 -7.93 42.68 -17.27
CA LEU F 22 -6.81 41.85 -16.86
C LEU F 22 -5.63 42.71 -16.40
N ALA F 23 -5.50 43.88 -17.00
CA ALA F 23 -4.40 44.79 -16.70
C ALA F 23 -4.55 45.43 -15.31
N THR F 24 -5.74 45.37 -14.74
CA THR F 24 -5.97 45.89 -13.40
C THR F 24 -5.41 44.91 -12.37
N GLY F 25 -5.30 43.65 -12.76
CA GLY F 25 -4.81 42.61 -11.87
C GLY F 25 -5.89 42.09 -10.93
N GLN F 26 -7.02 42.78 -10.91
CA GLN F 26 -8.13 42.43 -10.02
C GLN F 26 -9.24 41.69 -10.75
N TRP F 27 -8.99 41.33 -12.00
CA TRP F 27 -9.94 40.59 -12.81
C TRP F 27 -9.28 39.36 -13.44
N LYS F 28 -9.90 38.20 -13.26
CA LYS F 28 -9.40 36.95 -13.84
C LYS F 28 -10.38 36.40 -14.86
N ARG F 29 -9.87 36.06 -16.04
CA ARG F 29 -10.70 35.49 -17.09
C ARG F 29 -10.84 33.99 -16.92
N LEU F 30 -12.07 33.50 -16.94
CA LEU F 30 -12.37 32.08 -16.82
C LEU F 30 -12.62 31.47 -18.20
N ARG F 31 -12.76 30.15 -18.25
CA ARG F 31 -13.18 29.48 -19.48
C ARG F 31 -14.60 29.95 -19.81
N LYS F 32 -14.97 29.89 -21.08
CA LYS F 32 -16.23 30.51 -21.52
C LYS F 32 -17.46 29.88 -20.86
N ASP F 33 -17.40 28.59 -20.57
CA ASP F 33 -18.54 27.85 -20.05
C ASP F 33 -18.51 27.67 -18.53
N ASN F 34 -17.59 28.36 -17.87
CA ASN F 34 -17.56 28.38 -16.41
C ASN F 34 -18.64 29.32 -15.89
N PRO F 35 -19.64 28.77 -15.17
CA PRO F 35 -20.80 29.59 -14.79
C PRO F 35 -20.54 30.54 -13.62
N ARG F 36 -19.44 30.35 -12.90
CA ARG F 36 -19.16 31.14 -11.71
C ARG F 36 -18.41 32.43 -12.05
N PHE F 37 -19.05 33.26 -12.87
CA PHE F 37 -18.47 34.53 -13.32
C PHE F 37 -19.21 35.70 -12.70
N ASN F 38 -18.53 36.84 -12.59
CA ASN F 38 -19.17 38.09 -12.16
C ASN F 38 -19.65 38.90 -13.36
N LEU F 39 -18.94 38.77 -14.48
CA LEU F 39 -19.23 39.54 -15.69
C LEU F 39 -19.26 38.64 -16.91
N MET F 40 -20.19 38.90 -17.82
CA MET F 40 -20.25 38.17 -19.08
C MET F 40 -20.24 39.13 -20.26
N LEU F 41 -19.22 39.00 -21.10
CA LEU F 41 -19.17 39.71 -22.37
C LEU F 41 -19.77 38.79 -23.43
N GLY F 42 -21.09 38.72 -23.44
CA GLY F 42 -21.81 37.70 -24.16
C GLY F 42 -21.71 37.74 -25.68
N GLU F 43 -22.31 36.72 -26.30
CA GLU F 43 -22.34 36.60 -27.75
C GLU F 43 -23.40 37.52 -28.33
N ARG F 44 -23.38 37.71 -29.64
CA ARG F 44 -24.31 38.62 -30.31
C ARG F 44 -25.70 38.02 -30.48
N ASN F 45 -25.78 36.70 -30.58
CA ASN F 45 -27.03 36.02 -30.85
C ASN F 45 -27.31 34.85 -29.93
N ARG F 46 -28.58 34.71 -29.54
CA ARG F 46 -29.03 33.65 -28.65
C ARG F 46 -28.25 33.64 -27.35
N LEU F 47 -28.02 34.83 -26.79
CA LEU F 47 -27.36 34.96 -25.50
C LEU F 47 -28.27 34.33 -24.43
N PRO F 48 -27.72 33.42 -23.61
CA PRO F 48 -28.56 32.76 -22.60
C PRO F 48 -28.84 33.65 -21.39
N PHE F 49 -29.79 34.57 -21.53
CA PHE F 49 -30.19 35.44 -20.42
C PHE F 49 -30.87 34.62 -19.33
N GLY F 50 -31.47 33.49 -19.71
CA GLY F 50 -32.21 32.66 -18.78
C GLY F 50 -31.33 31.91 -17.79
N ARG F 51 -30.02 31.92 -18.02
CA ARG F 51 -29.08 31.25 -17.14
C ARG F 51 -28.26 32.24 -16.32
N LEU F 52 -28.65 33.51 -16.34
CA LEU F 52 -27.96 34.55 -15.58
C LEU F 52 -28.67 34.84 -14.27
N GLY F 53 -27.90 35.15 -13.24
CA GLY F 53 -28.45 35.54 -11.95
C GLY F 53 -28.96 34.39 -11.11
N HIS F 54 -28.53 33.17 -11.42
CA HIS F 54 -28.93 31.99 -10.66
C HIS F 54 -27.72 31.31 -10.04
N GLU F 55 -26.73 32.11 -9.67
CA GLU F 55 -25.52 31.61 -9.03
C GLU F 55 -25.36 32.23 -7.64
N PRO F 56 -25.69 31.46 -6.59
CA PRO F 56 -25.56 31.96 -5.21
C PRO F 56 -24.18 32.54 -4.90
N GLY F 57 -24.16 33.72 -4.29
CA GLY F 57 -22.92 34.35 -3.87
C GLY F 57 -22.22 35.11 -4.98
N LEU F 58 -22.89 35.30 -6.10
CA LEU F 58 -22.33 36.03 -7.23
C LEU F 58 -23.29 37.08 -7.77
N VAL F 59 -22.82 38.33 -7.80
CA VAL F 59 -23.50 39.39 -8.52
C VAL F 59 -23.07 39.30 -9.98
N GLN F 60 -24.02 39.00 -10.85
CA GLN F 60 -23.72 38.78 -12.27
C GLN F 60 -24.17 39.93 -13.16
N LEU F 61 -23.27 40.36 -14.03
CA LEU F 61 -23.49 41.47 -14.94
C LEU F 61 -23.22 41.01 -16.37
N VAL F 62 -24.01 41.51 -17.32
CA VAL F 62 -23.81 41.16 -18.73
C VAL F 62 -23.80 42.43 -19.57
N ASN F 63 -23.08 42.40 -20.69
CA ASN F 63 -22.88 43.58 -21.52
C ASN F 63 -23.94 43.74 -22.62
N TYR F 64 -25.14 43.24 -22.37
CA TYR F 64 -26.24 43.38 -23.31
C TYR F 64 -27.58 43.48 -22.57
N TYR F 65 -28.51 44.21 -23.19
CA TYR F 65 -29.88 44.34 -22.68
C TYR F 65 -30.80 43.42 -23.46
N ARG F 66 -31.42 42.48 -22.75
CA ARG F 66 -32.39 41.58 -23.34
C ARG F 66 -33.59 42.40 -23.80
N GLY F 67 -33.91 42.31 -25.08
CA GLY F 67 -35.02 43.06 -25.66
C GLY F 67 -34.59 44.34 -26.34
N ALA F 68 -33.30 44.64 -26.29
CA ALA F 68 -32.76 45.83 -26.93
C ALA F 68 -32.77 45.70 -28.44
N ASP F 69 -32.98 44.49 -28.93
CA ASP F 69 -33.00 44.23 -30.36
C ASP F 69 -34.15 44.96 -31.04
N LYS F 70 -35.19 45.30 -30.27
CA LYS F 70 -36.34 46.01 -30.81
C LYS F 70 -35.95 47.38 -31.32
N LEU F 71 -34.80 47.88 -30.87
CA LEU F 71 -34.31 49.18 -31.24
C LEU F 71 -33.22 49.07 -32.31
N CYS F 72 -32.57 47.90 -32.37
CA CYS F 72 -31.37 47.74 -33.18
C CYS F 72 -31.61 47.03 -34.52
N ARG F 73 -32.81 46.51 -34.73
CA ARG F 73 -33.17 45.89 -36.00
C ARG F 73 -33.98 46.87 -36.85
N LYS F 74 -33.72 46.86 -38.16
CA LYS F 74 -34.36 47.78 -39.09
C LYS F 74 -35.87 47.76 -38.96
N ALA F 75 -36.47 46.59 -39.21
CA ALA F 75 -37.93 46.46 -39.22
C ALA F 75 -38.52 46.72 -37.84
N SER F 76 -37.84 46.27 -36.81
CA SER F 76 -38.33 46.41 -35.44
C SER F 76 -38.35 47.87 -35.00
N LEU F 77 -37.36 48.63 -35.45
CA LEU F 77 -37.29 50.05 -35.11
C LEU F 77 -38.46 50.81 -35.71
N VAL F 78 -38.80 50.49 -36.95
CA VAL F 78 -39.94 51.11 -37.62
C VAL F 78 -41.21 50.83 -36.84
N LYS F 79 -41.48 49.55 -36.60
CA LYS F 79 -42.68 49.13 -35.90
C LYS F 79 -42.73 49.73 -34.50
N LEU F 80 -41.57 49.90 -33.87
CA LEU F 80 -41.50 50.46 -32.53
C LEU F 80 -41.96 51.92 -32.52
N ILE F 81 -41.44 52.70 -33.46
CA ILE F 81 -41.74 54.13 -33.50
C ILE F 81 -43.20 54.40 -33.86
N LYS F 82 -43.76 53.61 -34.78
CA LYS F 82 -45.14 53.82 -35.21
C LYS F 82 -46.14 53.48 -34.11
N THR F 83 -45.90 52.39 -33.39
CA THR F 83 -46.88 51.85 -32.45
C THR F 83 -46.68 52.33 -31.02
N SER F 84 -45.58 53.04 -30.76
CA SER F 84 -45.29 53.55 -29.43
C SER F 84 -45.81 54.97 -29.27
N PRO F 85 -46.78 55.19 -28.35
CA PRO F 85 -47.32 56.55 -28.20
C PRO F 85 -46.29 57.58 -27.74
N GLU F 86 -45.20 57.12 -27.13
CA GLU F 86 -44.13 58.01 -26.71
C GLU F 86 -43.39 58.58 -27.91
N LEU F 87 -43.49 57.88 -29.04
CA LEU F 87 -42.83 58.30 -30.28
C LEU F 87 -43.90 58.65 -31.32
N SER F 88 -44.86 57.74 -31.48
CA SER F 88 -46.07 58.00 -32.27
C SER F 88 -45.82 58.05 -33.77
N GLU F 89 -46.91 57.97 -34.53
CA GLU F 89 -46.86 58.13 -35.98
C GLU F 89 -46.32 59.52 -36.34
N SER F 90 -46.70 60.52 -35.53
CA SER F 90 -46.23 61.88 -35.69
C SER F 90 -44.88 62.08 -35.02
N CYS F 91 -43.84 61.52 -35.62
CA CYS F 91 -42.48 61.65 -35.13
C CYS F 91 -41.67 62.43 -36.17
N THR F 92 -41.02 63.49 -35.73
CA THR F 92 -40.42 64.45 -36.65
C THR F 92 -38.91 64.31 -36.85
N TRP F 93 -38.31 63.27 -36.28
CA TRP F 93 -36.86 63.05 -36.43
C TRP F 93 -36.54 61.66 -36.98
N PHE F 94 -37.58 60.95 -37.43
CA PHE F 94 -37.40 59.65 -38.08
C PHE F 94 -38.02 59.71 -39.47
N PRO F 95 -37.23 59.37 -40.52
CA PRO F 95 -37.79 59.41 -41.88
C PRO F 95 -39.00 58.52 -42.04
N GLU F 96 -39.89 58.87 -42.97
CA GLU F 96 -41.04 58.05 -43.29
C GLU F 96 -40.57 56.66 -43.69
N SER F 97 -41.11 55.64 -43.03
CA SER F 97 -40.65 54.26 -43.24
C SER F 97 -41.80 53.26 -43.29
N TYR F 98 -41.57 52.15 -43.98
CA TYR F 98 -42.56 51.08 -44.08
C TYR F 98 -41.86 49.71 -44.12
N VAL F 99 -42.51 48.72 -43.53
CA VAL F 99 -41.98 47.35 -43.51
C VAL F 99 -42.61 46.52 -44.63
N ILE F 100 -41.77 45.89 -45.44
CA ILE F 100 -42.23 45.10 -46.58
C ILE F 100 -41.67 43.69 -46.53
N TYR F 101 -42.48 42.71 -46.92
CA TYR F 101 -42.05 41.31 -46.98
C TYR F 101 -41.98 40.84 -48.43
N PRO F 102 -40.92 40.08 -48.80
CA PRO F 102 -40.85 39.56 -50.16
C PRO F 102 -41.81 38.41 -50.41
N THR F 103 -42.21 38.21 -51.67
CA THR F 103 -43.11 37.13 -52.06
C THR F 103 -44.45 37.26 -51.34
N ASP F 126 -47.10 43.31 -42.83
CA ASP F 126 -46.59 43.98 -44.01
C ASP F 126 -47.31 45.30 -44.24
N GLU F 127 -46.66 46.21 -44.97
CA GLU F 127 -47.20 47.54 -45.22
C GLU F 127 -47.04 47.96 -46.68
N ARG F 128 -47.14 46.99 -47.58
CA ARG F 128 -47.02 47.26 -49.01
C ARG F 128 -48.15 48.17 -49.48
N GLU F 129 -49.37 47.85 -49.05
CA GLU F 129 -50.56 48.61 -49.45
C GLU F 129 -50.47 50.05 -48.94
N VAL F 130 -49.87 50.21 -47.77
CA VAL F 130 -49.83 51.50 -47.10
C VAL F 130 -48.71 52.37 -47.68
N PHE F 131 -47.63 51.72 -48.12
CA PHE F 131 -46.51 52.43 -48.73
C PHE F 131 -46.91 52.99 -50.09
N LEU F 132 -47.62 52.19 -50.88
CA LEU F 132 -48.09 52.62 -52.19
C LEU F 132 -49.13 53.74 -52.03
N ALA F 133 -49.96 53.64 -51.01
CA ALA F 133 -51.00 54.62 -50.75
C ALA F 133 -50.41 56.01 -50.55
N ALA F 134 -49.27 56.07 -49.88
CA ALA F 134 -48.59 57.33 -49.64
C ALA F 134 -47.68 57.69 -50.82
N TYR F 135 -47.17 56.67 -51.51
CA TYR F 135 -46.28 56.89 -52.65
C TYR F 135 -47.01 57.59 -53.79
N ASN F 136 -48.23 57.14 -54.10
CA ASN F 136 -49.05 57.76 -55.12
C ASN F 136 -49.31 59.23 -54.79
N ARG F 137 -49.36 59.53 -53.49
CA ARG F 137 -49.51 60.90 -53.02
C ARG F 137 -48.29 61.74 -53.39
N ARG F 138 -47.11 61.13 -53.30
CA ARG F 138 -45.86 61.83 -53.55
C ARG F 138 -45.73 62.29 -55.01
N ARG F 139 -45.98 61.38 -55.94
CA ARG F 139 -45.83 61.67 -57.36
C ARG F 139 -46.74 62.80 -57.83
N GLU F 140 -47.88 62.93 -57.17
CA GLU F 140 -48.89 63.94 -57.52
C GLU F 140 -49.12 64.91 -56.36
N GLY F 141 -48.33 65.98 -56.23
CA GLY F 141 -47.25 66.32 -57.13
C GLY F 141 -45.99 66.70 -56.38
N GLY F 144 -40.49 65.59 -54.85
CA GLY F 144 -39.48 64.58 -54.59
C GLY F 144 -40.08 63.29 -54.10
N ASN F 145 -39.75 62.19 -54.79
CA ASN F 145 -40.31 60.88 -54.47
C ASN F 145 -39.24 59.79 -54.53
N VAL F 146 -38.08 60.08 -53.98
CA VAL F 146 -36.99 59.12 -53.92
C VAL F 146 -37.01 58.37 -52.60
N TRP F 147 -36.76 57.06 -52.65
CA TRP F 147 -36.78 56.21 -51.46
C TRP F 147 -35.54 55.31 -51.42
N ILE F 148 -35.48 54.48 -50.38
CA ILE F 148 -34.35 53.56 -50.20
C ILE F 148 -34.83 52.28 -49.53
N ALA F 149 -34.39 51.14 -50.06
CA ALA F 149 -34.76 49.83 -49.54
C ALA F 149 -33.59 49.17 -48.83
N LYS F 150 -33.76 48.90 -47.54
CA LYS F 150 -32.71 48.32 -46.71
C LYS F 150 -33.13 46.98 -46.13
N SER F 151 -32.18 46.03 -46.11
CA SER F 151 -32.44 44.68 -45.62
C SER F 151 -32.39 44.65 -44.09
N GLY F 159 -26.67 44.97 -49.09
CA GLY F 159 -27.18 45.31 -50.40
C GLY F 159 -28.35 46.27 -50.34
N ILE F 160 -28.17 47.46 -50.91
CA ILE F 160 -29.17 48.52 -50.87
C ILE F 160 -29.49 48.99 -52.29
N LEU F 161 -30.71 49.48 -52.51
CA LEU F 161 -31.11 50.01 -53.81
C LEU F 161 -31.90 51.31 -53.67
N ILE F 162 -31.34 52.39 -54.19
CA ILE F 162 -32.00 53.69 -54.19
C ILE F 162 -32.64 53.93 -55.56
N SER F 163 -33.92 54.30 -55.56
CA SER F 163 -34.65 54.49 -56.81
C SER F 163 -35.95 55.25 -56.59
N SER F 164 -36.38 55.96 -57.64
CA SER F 164 -37.65 56.68 -57.60
C SER F 164 -38.78 55.76 -58.05
N GLU F 165 -38.43 54.73 -58.82
CA GLU F 165 -39.40 53.75 -59.28
C GLU F 165 -39.79 52.79 -58.16
N ALA F 166 -41.04 52.89 -57.73
CA ALA F 166 -41.55 52.00 -56.69
C ALA F 166 -41.60 50.56 -57.19
N SER F 167 -41.96 50.40 -58.46
CA SER F 167 -42.09 49.07 -59.07
C SER F 167 -40.75 48.35 -59.11
N GLU F 168 -39.66 49.12 -59.16
CA GLU F 168 -38.32 48.55 -59.17
C GLU F 168 -37.90 48.10 -57.78
N LEU F 169 -38.17 48.93 -56.78
CA LEU F 169 -37.83 48.62 -55.40
C LEU F 169 -38.50 47.34 -54.93
N LEU F 170 -39.80 47.23 -55.20
CA LEU F 170 -40.57 46.05 -54.81
C LEU F 170 -40.03 44.78 -55.46
N ASP F 171 -39.49 44.92 -56.67
CA ASP F 171 -38.88 43.79 -57.37
C ASP F 171 -37.57 43.39 -56.68
N PHE F 172 -36.79 44.39 -56.29
CA PHE F 172 -35.50 44.16 -55.63
C PHE F 172 -35.68 43.39 -54.32
N ILE F 173 -36.75 43.69 -53.58
CA ILE F 173 -37.03 43.03 -52.32
C ILE F 173 -37.35 41.56 -52.53
N ASP F 174 -38.25 41.29 -53.48
CA ASP F 174 -38.72 39.92 -53.73
C ASP F 174 -37.59 38.98 -54.11
N GLU F 175 -36.64 39.48 -54.91
CA GLU F 175 -35.52 38.67 -55.39
C GLU F 175 -34.22 39.11 -54.73
N VAL F 179 -36.96 40.15 -45.79
CA VAL F 179 -37.73 41.26 -45.20
C VAL F 179 -36.92 42.54 -45.24
N HIS F 180 -37.51 43.58 -45.81
CA HIS F 180 -36.84 44.87 -45.98
C HIS F 180 -37.65 46.02 -45.40
N VAL F 181 -37.02 47.19 -45.31
CA VAL F 181 -37.72 48.42 -44.96
C VAL F 181 -37.55 49.43 -46.09
N ILE F 182 -38.65 50.05 -46.50
CA ILE F 182 -38.61 51.12 -47.48
C ILE F 182 -38.72 52.46 -46.75
N GLN F 183 -37.69 53.29 -46.91
CA GLN F 183 -37.59 54.55 -46.19
C GLN F 183 -37.42 55.72 -47.16
N LYS F 184 -37.92 56.88 -46.77
CA LYS F 184 -37.75 58.09 -47.57
C LYS F 184 -36.28 58.46 -47.64
N TYR F 185 -35.75 58.57 -48.85
CA TYR F 185 -34.36 58.95 -49.02
C TYR F 185 -34.22 60.46 -48.87
N LEU F 186 -33.27 60.86 -48.03
CA LEU F 186 -33.02 62.27 -47.77
C LEU F 186 -32.40 62.91 -49.01
N GLU F 187 -33.23 63.59 -49.80
CA GLU F 187 -32.80 64.14 -51.08
C GLU F 187 -31.91 65.36 -50.91
N LYS F 188 -32.09 66.08 -49.81
CA LYS F 188 -31.36 67.32 -49.57
C LYS F 188 -30.49 67.26 -48.32
N PRO F 189 -29.39 66.49 -48.38
CA PRO F 189 -28.48 66.36 -47.25
C PRO F 189 -27.57 67.57 -47.07
N LEU F 190 -27.04 67.75 -45.86
CA LEU F 190 -26.01 68.76 -45.63
C LEU F 190 -24.73 68.28 -46.30
N LEU F 191 -24.15 69.15 -47.12
CA LEU F 191 -22.96 68.77 -47.88
C LEU F 191 -21.73 69.53 -47.40
N LEU F 192 -20.65 68.78 -47.20
CA LEU F 192 -19.41 69.32 -46.66
C LEU F 192 -18.55 69.92 -47.77
N GLU F 193 -17.96 71.08 -47.50
CA GLU F 193 -17.11 71.76 -48.46
C GLU F 193 -15.72 71.98 -47.87
N PRO F 194 -14.65 71.79 -48.68
CA PRO F 194 -14.67 71.47 -50.12
C PRO F 194 -14.96 70.00 -50.38
N GLY F 195 -15.67 69.72 -51.47
CA GLY F 195 -15.98 68.36 -51.86
C GLY F 195 -17.41 68.19 -52.31
N HIS F 196 -18.32 68.95 -51.71
CA HIS F 196 -19.75 68.82 -51.99
C HIS F 196 -20.19 67.38 -51.70
N ARG F 197 -19.81 66.89 -50.53
CA ARG F 197 -19.98 65.48 -50.17
C ARG F 197 -20.84 65.30 -48.92
N LYS F 198 -21.58 64.20 -48.86
CA LYS F 198 -22.45 63.90 -47.73
C LYS F 198 -21.71 63.14 -46.63
N PHE F 199 -22.43 62.80 -45.57
CA PHE F 199 -21.85 62.14 -44.41
C PHE F 199 -22.93 61.69 -43.45
N ASP F 200 -22.59 60.80 -42.52
CA ASP F 200 -23.48 60.45 -41.41
C ASP F 200 -22.70 60.55 -40.10
N ILE F 201 -23.42 60.76 -39.01
CA ILE F 201 -22.81 60.89 -37.69
C ILE F 201 -23.07 59.66 -36.84
N ARG F 202 -22.00 59.05 -36.34
CA ARG F 202 -22.07 57.95 -35.40
C ARG F 202 -21.90 58.46 -33.97
N SER F 203 -22.83 58.13 -33.10
CA SER F 203 -22.74 58.49 -31.68
C SER F 203 -22.77 57.24 -30.83
N TRP F 204 -21.79 57.13 -29.92
CA TRP F 204 -21.70 55.99 -29.03
C TRP F 204 -22.36 56.29 -27.68
N VAL F 205 -23.34 55.46 -27.33
CA VAL F 205 -24.10 55.64 -26.11
C VAL F 205 -23.92 54.43 -25.18
N LEU F 206 -23.71 54.70 -23.90
CA LEU F 206 -23.57 53.65 -22.90
C LEU F 206 -24.69 53.72 -21.87
N VAL F 207 -25.45 52.63 -21.76
CA VAL F 207 -26.52 52.53 -20.77
C VAL F 207 -26.11 51.55 -19.68
N ASP F 208 -25.91 52.04 -18.46
CA ASP F 208 -25.44 51.19 -17.37
C ASP F 208 -26.59 50.39 -16.72
N HIS F 209 -26.32 49.81 -15.57
CA HIS F 209 -27.31 48.95 -14.90
C HIS F 209 -28.42 49.77 -14.24
N LEU F 210 -28.13 51.03 -13.93
CA LEU F 210 -29.13 51.92 -13.36
C LEU F 210 -29.91 52.67 -14.45
N TYR F 211 -29.64 52.31 -15.70
CA TYR F 211 -30.25 52.92 -16.86
C TYR F 211 -29.91 54.41 -16.98
N ASN F 212 -28.73 54.78 -16.48
CA ASN F 212 -28.17 56.09 -16.76
C ASN F 212 -27.72 56.14 -18.21
N ILE F 213 -28.24 57.10 -18.96
CA ILE F 213 -27.86 57.27 -20.35
C ILE F 213 -26.59 58.10 -20.47
N TYR F 214 -25.53 57.49 -20.99
CA TYR F 214 -24.24 58.18 -21.15
C TYR F 214 -23.87 58.34 -22.62
N LEU F 215 -23.77 59.58 -23.07
CA LEU F 215 -23.34 59.88 -24.43
C LEU F 215 -21.84 60.18 -24.45
N TYR F 216 -21.11 59.43 -25.27
CA TYR F 216 -19.67 59.62 -25.40
C TYR F 216 -19.36 61.01 -25.95
N ARG F 217 -18.37 61.67 -25.36
CA ARG F 217 -17.91 62.98 -25.83
C ARG F 217 -17.63 63.02 -27.33
N GLU F 218 -16.88 62.02 -27.80
CA GLU F 218 -16.42 61.99 -29.18
C GLU F 218 -17.36 61.21 -30.08
N GLY F 219 -17.76 61.85 -31.18
CA GLY F 219 -18.49 61.19 -32.24
C GLY F 219 -17.65 61.23 -33.50
N VAL F 220 -18.12 60.59 -34.56
CA VAL F 220 -17.39 60.56 -35.82
C VAL F 220 -18.32 60.78 -37.01
N LEU F 221 -17.79 61.44 -38.03
CA LEU F 221 -18.50 61.62 -39.29
C LEU F 221 -17.92 60.68 -40.33
N ARG F 222 -18.66 59.64 -40.69
CA ARG F 222 -18.28 58.79 -41.81
C ARG F 222 -18.64 59.54 -43.09
N THR F 223 -17.61 60.06 -43.76
CA THR F 223 -17.81 60.94 -44.91
C THR F 223 -17.67 60.20 -46.24
N SER F 224 -18.36 60.71 -47.25
CA SER F 224 -18.14 60.29 -48.62
C SER F 224 -17.03 61.15 -49.22
N SER F 225 -16.10 60.52 -49.94
CA SER F 225 -15.00 61.26 -50.56
C SER F 225 -15.35 61.68 -51.98
N GLU F 226 -16.60 61.45 -52.37
CA GLU F 226 -17.08 61.75 -53.71
C GLU F 226 -18.08 62.90 -53.69
N PRO F 227 -18.05 63.79 -54.69
CA PRO F 227 -19.08 64.83 -54.78
C PRO F 227 -20.48 64.24 -54.86
N TYR F 228 -21.39 64.75 -54.03
CA TYR F 228 -22.75 64.24 -54.01
C TYR F 228 -23.47 64.54 -55.30
N ASN F 229 -23.86 63.49 -56.01
CA ASN F 229 -24.47 63.58 -57.32
C ASN F 229 -25.97 63.38 -57.23
N SER F 230 -26.73 64.45 -57.50
CA SER F 230 -28.18 64.40 -57.41
C SER F 230 -28.79 63.46 -58.46
N ALA F 231 -28.00 63.11 -59.47
CA ALA F 231 -28.45 62.21 -60.52
C ALA F 231 -27.32 61.27 -60.93
N THR F 237 -21.76 54.80 -54.66
CA THR F 237 -20.55 55.02 -53.89
C THR F 237 -20.57 56.39 -53.21
N CYS F 238 -21.25 57.34 -53.83
CA CYS F 238 -21.32 58.71 -53.32
C CYS F 238 -22.53 58.91 -52.43
N HIS F 239 -23.49 57.99 -52.51
CA HIS F 239 -24.72 58.08 -51.73
C HIS F 239 -24.61 57.31 -50.41
N LEU F 240 -23.79 56.27 -50.41
CA LEU F 240 -23.59 55.45 -49.22
C LEU F 240 -22.29 55.82 -48.52
N THR F 241 -22.40 56.25 -47.27
CA THR F 241 -21.26 56.72 -46.50
C THR F 241 -20.54 55.58 -45.77
N ASN F 242 -20.92 54.34 -46.08
CA ASN F 242 -20.33 53.17 -45.45
C ASN F 242 -18.82 53.11 -45.67
N HIS F 243 -18.08 52.95 -44.58
CA HIS F 243 -16.62 52.96 -44.62
C HIS F 243 -16.07 51.86 -45.53
N CYS F 244 -16.75 50.71 -45.55
CA CYS F 244 -16.34 49.59 -46.38
C CYS F 244 -16.53 49.90 -47.86
N ILE F 245 -17.69 50.45 -48.19
CA ILE F 245 -18.01 50.79 -49.58
C ILE F 245 -17.09 51.90 -50.08
N GLN F 246 -16.76 52.84 -49.20
CA GLN F 246 -15.88 53.95 -49.56
C GLN F 246 -14.48 53.44 -49.92
N LYS F 247 -13.95 52.56 -49.09
CA LYS F 247 -12.60 52.03 -49.31
C LYS F 247 -12.50 51.23 -50.60
N GLU F 248 -13.61 50.63 -51.01
CA GLU F 248 -13.61 49.71 -52.15
C GLU F 248 -13.90 50.40 -53.48
N TYR F 249 -14.84 51.34 -53.50
CA TYR F 249 -15.34 51.91 -54.76
C TYR F 249 -15.00 53.39 -54.97
N SER F 250 -14.22 53.97 -54.07
CA SER F 250 -13.89 55.40 -54.17
C SER F 250 -12.42 55.63 -54.51
N LYS F 251 -12.18 56.38 -55.57
CA LYS F 251 -10.85 56.78 -55.97
C LYS F 251 -10.26 57.80 -54.99
N ASN F 252 -11.15 58.58 -54.38
CA ASN F 252 -10.75 59.74 -53.59
C ASN F 252 -10.67 59.47 -52.10
N TYR F 253 -10.63 58.19 -51.72
CA TYR F 253 -10.63 57.79 -50.33
C TYR F 253 -9.42 58.32 -49.55
N GLY F 254 -9.67 59.22 -48.60
CA GLY F 254 -8.66 59.61 -47.63
C GLY F 254 -7.90 60.89 -47.94
N ARG F 255 -8.41 61.70 -48.86
CA ARG F 255 -7.73 62.94 -49.24
C ARG F 255 -8.07 64.09 -48.28
N TYR F 256 -9.35 64.22 -47.94
CA TYR F 256 -9.81 65.31 -47.08
C TYR F 256 -9.47 65.04 -45.62
N GLU F 257 -9.69 63.81 -45.17
CA GLU F 257 -9.40 63.42 -43.80
C GLU F 257 -9.04 61.94 -43.69
N GLU F 258 -8.42 61.58 -42.58
CA GLU F 258 -7.97 60.20 -42.33
C GLU F 258 -9.10 59.18 -42.44
N GLY F 259 -9.03 58.32 -43.44
CA GLY F 259 -9.97 57.23 -43.61
C GLY F 259 -11.41 57.68 -43.73
N ASN F 260 -11.63 58.85 -44.31
CA ASN F 260 -12.97 59.41 -44.47
C ASN F 260 -13.70 59.52 -43.12
N GLU F 261 -12.96 59.87 -42.09
CA GLU F 261 -13.52 60.04 -40.75
C GLU F 261 -13.17 61.39 -40.16
N MET F 262 -14.14 62.31 -40.21
CA MET F 262 -13.99 63.62 -39.59
C MET F 262 -14.54 63.59 -38.17
N PHE F 263 -13.76 64.09 -37.22
CA PHE F 263 -14.14 64.07 -35.82
C PHE F 263 -14.79 65.39 -35.41
N PHE F 264 -15.22 65.49 -34.16
CA PHE F 264 -16.06 66.60 -33.73
C PHE F 264 -15.32 67.93 -33.63
N GLU F 265 -14.05 67.91 -33.26
CA GLU F 265 -13.30 69.16 -33.11
C GLU F 265 -13.22 69.88 -34.45
N GLU F 266 -12.92 69.14 -35.51
CA GLU F 266 -12.83 69.70 -36.85
C GLU F 266 -14.21 70.10 -37.37
N PHE F 267 -15.19 69.21 -37.20
CA PHE F 267 -16.53 69.44 -37.73
C PHE F 267 -17.19 70.63 -37.05
N ASN F 268 -16.90 70.82 -35.77
CA ASN F 268 -17.40 71.98 -35.05
C ASN F 268 -16.81 73.26 -35.63
N GLN F 269 -15.51 73.22 -35.89
CA GLN F 269 -14.81 74.36 -36.45
C GLN F 269 -15.38 74.74 -37.81
N TYR F 270 -15.62 73.74 -38.65
CA TYR F 270 -16.20 73.97 -39.96
C TYR F 270 -17.55 74.64 -39.84
N LEU F 271 -18.33 74.22 -38.85
CA LEU F 271 -19.67 74.74 -38.66
C LEU F 271 -19.64 76.20 -38.22
N MET F 272 -18.62 76.57 -37.46
CA MET F 272 -18.47 77.95 -37.00
C MET F 272 -18.06 78.86 -38.15
N ASP F 273 -17.19 78.37 -39.03
CA ASP F 273 -16.65 79.17 -40.11
C ASP F 273 -17.61 79.29 -41.28
N ALA F 274 -18.28 78.19 -41.62
CA ALA F 274 -19.12 78.15 -42.82
C ALA F 274 -20.54 78.62 -42.56
N LEU F 275 -21.11 78.23 -41.43
CA LEU F 275 -22.53 78.48 -41.15
C LEU F 275 -22.76 79.35 -39.91
N ASN F 276 -21.68 79.73 -39.23
CA ASN F 276 -21.76 80.62 -38.08
C ASN F 276 -22.62 80.03 -36.96
N THR F 277 -22.37 78.76 -36.63
CA THR F 277 -23.05 78.11 -35.53
C THR F 277 -22.11 77.08 -34.90
N THR F 278 -22.62 76.32 -33.93
CA THR F 278 -21.82 75.31 -33.24
C THR F 278 -22.45 73.94 -33.36
N LEU F 279 -21.63 72.91 -33.21
CA LEU F 279 -22.08 71.53 -33.25
C LEU F 279 -23.10 71.28 -32.15
N GLU F 280 -22.85 71.88 -30.98
CA GLU F 280 -23.73 71.73 -29.83
C GLU F 280 -25.15 72.20 -30.13
N ASN F 281 -25.28 73.42 -30.63
CA ASN F 281 -26.59 74.03 -30.84
C ASN F 281 -27.33 73.48 -32.05
N SER F 282 -26.66 73.41 -33.18
CA SER F 282 -27.30 73.04 -34.44
C SER F 282 -27.69 71.57 -34.52
N ILE F 283 -26.91 70.69 -33.90
CA ILE F 283 -27.05 69.25 -34.10
C ILE F 283 -27.20 68.45 -32.79
N LEU F 284 -26.27 68.61 -31.86
CA LEU F 284 -26.21 67.74 -30.68
C LEU F 284 -27.45 67.79 -29.79
N LEU F 285 -28.08 68.96 -29.69
CA LEU F 285 -29.31 69.08 -28.92
C LEU F 285 -30.35 68.11 -29.46
N GLN F 286 -30.42 68.02 -30.78
CA GLN F 286 -31.35 67.11 -31.42
C GLN F 286 -30.93 65.66 -31.23
N ILE F 287 -29.62 65.42 -31.26
CA ILE F 287 -29.09 64.08 -31.07
C ILE F 287 -29.41 63.60 -29.66
N LYS F 288 -29.06 64.42 -28.67
CA LYS F 288 -29.29 64.07 -27.28
C LYS F 288 -30.77 63.87 -26.99
N HIS F 289 -31.62 64.54 -27.76
CA HIS F 289 -33.06 64.39 -27.62
C HIS F 289 -33.52 63.04 -28.15
N ILE F 290 -33.03 62.68 -29.33
CA ILE F 290 -33.42 61.43 -29.98
C ILE F 290 -32.95 60.23 -29.16
N ILE F 291 -31.72 60.26 -28.67
CA ILE F 291 -31.16 59.16 -27.90
C ILE F 291 -31.99 58.91 -26.65
N ARG F 292 -32.37 59.98 -25.96
CA ARG F 292 -33.19 59.88 -24.76
C ARG F 292 -34.57 59.32 -25.08
N SER F 293 -35.23 59.90 -26.08
CA SER F 293 -36.58 59.51 -26.45
C SER F 293 -36.68 58.01 -26.75
N CYS F 294 -35.70 57.49 -27.48
CA CYS F 294 -35.72 56.09 -27.88
C CYS F 294 -35.49 55.16 -26.70
N LEU F 295 -34.51 55.49 -25.86
CA LEU F 295 -34.13 54.62 -24.76
C LEU F 295 -35.08 54.74 -23.57
N MET F 296 -35.70 55.90 -23.40
CA MET F 296 -36.69 56.07 -22.34
C MET F 296 -38.01 55.41 -22.73
N CYS F 297 -38.22 55.23 -24.03
CA CYS F 297 -39.42 54.57 -24.52
C CYS F 297 -39.37 53.08 -24.23
N ILE F 298 -38.20 52.48 -24.42
CA ILE F 298 -38.05 51.03 -24.32
C ILE F 298 -37.66 50.59 -22.90
N GLU F 299 -37.41 51.56 -22.02
CA GLU F 299 -36.90 51.27 -20.68
C GLU F 299 -37.75 50.28 -19.88
N PRO F 300 -39.08 50.45 -19.88
CA PRO F 300 -39.91 49.52 -19.09
C PRO F 300 -39.78 48.07 -19.53
N ALA F 301 -39.38 47.85 -20.78
CA ALA F 301 -39.35 46.52 -21.36
C ALA F 301 -38.03 45.79 -21.13
N ILE F 302 -36.96 46.54 -20.85
CA ILE F 302 -35.63 45.95 -20.80
C ILE F 302 -34.85 46.28 -19.53
N SER F 303 -35.37 47.19 -18.71
CA SER F 303 -34.69 47.61 -17.50
C SER F 303 -34.44 46.44 -16.56
N THR F 304 -33.22 46.38 -16.00
CA THR F 304 -32.84 45.32 -15.09
C THR F 304 -32.70 45.85 -13.67
N LYS F 305 -33.56 46.79 -13.31
CA LYS F 305 -33.48 47.44 -12.01
C LYS F 305 -33.75 46.45 -10.87
N HIS F 306 -34.84 45.69 -10.98
CA HIS F 306 -35.25 44.76 -9.94
C HIS F 306 -35.06 43.30 -10.37
N LEU F 307 -34.18 43.07 -11.35
CA LEU F 307 -33.95 41.72 -11.84
C LEU F 307 -32.88 41.00 -11.02
N HIS F 308 -32.76 39.69 -11.27
CA HIS F 308 -31.79 38.85 -10.57
C HIS F 308 -30.41 38.92 -11.23
N TYR F 309 -30.35 39.55 -12.39
CA TYR F 309 -29.08 39.89 -13.02
C TYR F 309 -29.15 41.31 -13.58
N GLN F 310 -28.00 41.91 -13.83
CA GLN F 310 -27.92 43.30 -14.29
C GLN F 310 -27.39 43.36 -15.71
N SER F 311 -27.78 44.40 -16.44
CA SER F 311 -27.34 44.58 -17.83
C SER F 311 -26.81 45.98 -18.06
N PHE F 312 -25.79 46.07 -18.90
CA PHE F 312 -25.41 47.34 -19.52
C PHE F 312 -25.23 47.08 -21.00
N GLN F 313 -25.09 48.11 -21.81
CA GLN F 313 -24.86 47.93 -23.23
C GLN F 313 -24.35 49.19 -23.91
N LEU F 314 -23.51 49.00 -24.92
CA LEU F 314 -22.99 50.08 -25.74
C LEU F 314 -23.77 50.13 -27.05
N PHE F 315 -24.37 51.29 -27.35
CA PHE F 315 -25.14 51.48 -28.56
C PHE F 315 -24.43 52.41 -29.53
N GLY F 316 -24.77 52.28 -30.81
CA GLY F 316 -24.22 53.14 -31.85
C GLY F 316 -25.33 53.77 -32.67
N PHE F 317 -25.68 55.02 -32.34
CA PHE F 317 -26.71 55.75 -33.07
C PHE F 317 -26.13 56.41 -34.32
N ASP F 318 -26.81 56.21 -35.44
CA ASP F 318 -26.38 56.81 -36.72
C ASP F 318 -27.39 57.87 -37.19
N PHE F 319 -26.88 59.08 -37.46
CA PHE F 319 -27.73 60.21 -37.85
C PHE F 319 -27.36 60.82 -39.19
N MET F 320 -28.38 61.27 -39.92
CA MET F 320 -28.19 62.13 -41.10
C MET F 320 -28.67 63.53 -40.75
N VAL F 321 -28.04 64.55 -41.34
CA VAL F 321 -28.48 65.93 -41.17
C VAL F 321 -28.67 66.55 -42.55
N ASP F 322 -29.73 67.34 -42.70
CA ASP F 322 -30.09 67.94 -43.98
C ASP F 322 -29.60 69.39 -44.08
N GLU F 323 -29.94 70.04 -45.18
CA GLU F 323 -29.53 71.42 -45.45
C GLU F 323 -29.92 72.37 -44.32
N GLU F 324 -31.07 72.12 -43.72
CA GLU F 324 -31.63 73.03 -42.71
C GLU F 324 -31.04 72.76 -41.32
N LEU F 325 -29.99 71.96 -41.26
CA LEU F 325 -29.40 71.54 -39.98
C LEU F 325 -30.45 70.89 -39.08
N LYS F 326 -31.26 70.02 -39.68
CA LYS F 326 -32.22 69.21 -38.96
C LYS F 326 -31.67 67.78 -38.87
N VAL F 327 -31.68 67.21 -37.68
CA VAL F 327 -31.12 65.88 -37.46
C VAL F 327 -32.18 64.78 -37.64
N TRP F 328 -31.78 63.71 -38.32
CA TRP F 328 -32.63 62.55 -38.51
C TRP F 328 -31.93 61.30 -37.97
N LEU F 329 -32.71 60.32 -37.52
CA LEU F 329 -32.17 59.05 -37.07
C LEU F 329 -32.27 58.02 -38.19
N ILE F 330 -31.15 57.37 -38.50
CA ILE F 330 -31.14 56.28 -39.49
C ILE F 330 -31.45 54.96 -38.80
N GLU F 331 -30.52 54.51 -37.97
CA GLU F 331 -30.63 53.22 -37.29
C GLU F 331 -29.87 53.22 -35.97
N VAL F 332 -30.08 52.16 -35.19
CA VAL F 332 -29.33 51.94 -33.96
C VAL F 332 -28.58 50.62 -34.09
N ASN F 333 -27.31 50.62 -33.67
CA ASN F 333 -26.50 49.41 -33.71
C ASN F 333 -26.30 48.85 -32.32
N GLY F 334 -26.66 47.58 -32.14
CA GLY F 334 -26.57 46.93 -30.85
C GLY F 334 -25.16 46.48 -30.52
N ALA F 335 -24.38 46.17 -31.55
CA ALA F 335 -22.99 45.73 -31.39
C ALA F 335 -22.06 46.55 -32.27
N PRO F 336 -21.84 47.82 -31.90
CA PRO F 336 -21.03 48.74 -32.71
C PRO F 336 -19.54 48.62 -32.46
N ALA F 337 -18.75 48.78 -33.51
CA ALA F 337 -17.31 48.94 -33.36
C ALA F 337 -17.05 50.41 -33.04
N CYS F 338 -15.78 50.77 -32.90
CA CYS F 338 -15.40 52.14 -32.58
C CYS F 338 -14.35 52.64 -33.57
N ALA F 339 -14.18 53.96 -33.61
CA ALA F 339 -13.12 54.55 -34.42
C ALA F 339 -11.78 54.25 -33.77
N GLN F 340 -10.76 54.03 -34.61
CA GLN F 340 -9.47 53.52 -34.13
C GLN F 340 -8.87 54.35 -33.00
N LYS F 341 -8.85 55.66 -33.15
CA LYS F 341 -8.19 56.52 -32.17
C LYS F 341 -9.05 56.74 -30.92
N LEU F 342 -10.27 56.20 -30.92
CA LEU F 342 -11.20 56.40 -29.81
C LEU F 342 -11.41 55.14 -28.97
N TYR F 343 -10.81 54.03 -29.39
CA TYR F 343 -10.95 52.76 -28.68
C TYR F 343 -10.44 52.87 -27.25
N ALA F 344 -9.24 53.41 -27.08
CA ALA F 344 -8.59 53.45 -25.78
C ALA F 344 -9.43 54.22 -24.75
N GLU F 345 -9.93 55.38 -25.15
CA GLU F 345 -10.65 56.25 -24.22
C GLU F 345 -12.05 55.71 -23.92
N LEU F 346 -12.75 55.27 -24.96
CA LEU F 346 -14.11 54.77 -24.82
C LEU F 346 -14.14 53.50 -23.97
N CYS F 347 -13.29 52.54 -24.31
CA CYS F 347 -13.28 51.26 -23.61
C CYS F 347 -12.93 51.44 -22.13
N GLN F 348 -12.05 52.38 -21.83
CA GLN F 348 -11.70 52.67 -20.44
C GLN F 348 -12.91 53.26 -19.72
N GLY F 349 -13.77 53.94 -20.46
CA GLY F 349 -14.98 54.52 -19.91
C GLY F 349 -16.01 53.45 -19.57
N ILE F 350 -16.08 52.43 -20.41
CA ILE F 350 -16.99 51.31 -20.16
C ILE F 350 -16.62 50.61 -18.86
N VAL F 351 -15.32 50.45 -18.63
CA VAL F 351 -14.83 49.80 -17.41
C VAL F 351 -15.14 50.66 -16.19
N ASP F 352 -14.91 51.96 -16.30
CA ASP F 352 -15.11 52.89 -15.19
C ASP F 352 -16.59 53.02 -14.83
N VAL F 353 -17.44 53.16 -15.85
CA VAL F 353 -18.83 53.52 -15.64
C VAL F 353 -19.75 52.30 -15.52
N ALA F 354 -19.60 51.34 -16.42
CA ALA F 354 -20.53 50.21 -16.51
C ALA F 354 -20.10 49.02 -15.64
N ILE F 355 -18.80 48.82 -15.51
CA ILE F 355 -18.28 47.62 -14.84
C ILE F 355 -17.79 47.92 -13.42
N SER F 356 -16.90 48.90 -13.29
CA SER F 356 -16.32 49.23 -12.00
C SER F 356 -17.36 49.81 -11.05
N SER F 357 -18.47 50.29 -11.61
CA SER F 357 -19.56 50.82 -10.79
C SER F 357 -20.23 49.68 -10.01
N VAL F 358 -20.28 48.50 -10.62
CA VAL F 358 -20.90 47.34 -9.99
C VAL F 358 -19.87 46.56 -9.19
N PHE F 359 -18.63 46.52 -9.71
CA PHE F 359 -17.54 45.78 -9.10
C PHE F 359 -16.37 46.72 -8.78
N PRO F 360 -16.43 47.42 -7.64
CA PRO F 360 -15.43 48.45 -7.31
C PRO F 360 -14.01 47.89 -7.20
N LEU F 361 -13.06 48.56 -7.83
CA LEU F 361 -11.66 48.19 -7.72
C LEU F 361 -11.09 48.70 -6.40
N ALA F 362 -9.91 48.19 -6.02
CA ALA F 362 -9.26 48.59 -4.79
C ALA F 362 -8.16 49.62 -5.05
N SER F 373 -15.03 63.51 -16.69
CA SER F 373 -15.66 62.35 -17.29
C SER F 373 -15.76 62.50 -18.80
N ILE F 374 -15.64 61.38 -19.52
CA ILE F 374 -15.71 61.38 -20.97
C ILE F 374 -17.14 61.32 -21.47
N PHE F 375 -18.08 61.14 -20.54
CA PHE F 375 -19.49 60.95 -20.89
C PHE F 375 -20.36 62.13 -20.47
N ILE F 376 -21.38 62.40 -21.28
CA ILE F 376 -22.40 63.38 -20.95
C ILE F 376 -23.65 62.63 -20.49
N LYS F 377 -24.03 62.85 -19.25
CA LYS F 377 -25.20 62.16 -18.68
C LYS F 377 -26.50 62.79 -19.17
N LEU F 378 -27.22 62.07 -20.02
CA LEU F 378 -28.49 62.56 -20.55
C LEU F 378 -29.59 62.38 -19.51
N HIS F 379 -29.81 63.42 -18.71
CA HIS F 379 -30.74 63.36 -17.60
C HIS F 379 -32.19 63.15 -18.07
N HIS F 380 -32.93 62.37 -17.31
CA HIS F 380 -34.31 62.02 -17.66
C HIS F 380 -35.27 63.15 -17.32
#